data_1ZHB
#
_entry.id   1ZHB
#
_cell.length_a   92.063
_cell.length_b   122.715
_cell.length_c   99.403
_cell.angle_alpha   90.00
_cell.angle_beta   103.00
_cell.angle_gamma   90.00
#
_symmetry.space_group_name_H-M   'P 1 21 1'
#
loop_
_entity.id
_entity.type
_entity.pdbx_description
1 polymer 'H-2 class I histocompatibility antigen, D-B alpha chain'
2 polymer Beta-2-microglobulin
3 polymer '9-mer peptide from Dopamine beta-monooxygenase'
4 water water
#
loop_
_entity_poly.entity_id
_entity_poly.type
_entity_poly.pdbx_seq_one_letter_code
_entity_poly.pdbx_strand_id
1 'polypeptide(L)'
;GPHSMRYFETAVSRPGLEEPRYISVGYVDNKEFVRFDSDAENPRYEPRAPWMEQEGPEYWERETQKAKGQEQWFRVSLRN
LLGYYNQSAGGSHTLQQMSGCDLGSDWRLLRGYLQFAYEGRDYIALNEDLKTWTAADMAAQITRRKWEQSGAAEHYKAYL
EGECVEWLHRYLKNGNATLLRTDSPKAHVTHHPRSKGEVTLRCWALGFYPADITLTWQLNGEELTQDMELVETRPAGDGT
FQKWASVVVPLGKEQNYTCRVYHEGLPEPLTLRWEP
;
A,D,G,J
2 'polypeptide(L)'
;IQKTPQIQVYSRHPPENGKPNILNCYVTQFHPPHIEIQMLKNGKKIPKVEMSDMSFSKDWSFYILAHTEFTPTETDTYAC
RVKHDSMAEPKTVYWDRDM
;
B,E,H,K
3 'polypeptide(L)' KALYNYAPI C,F,I,L
#
# COMPACT_ATOMS: atom_id res chain seq x y z
N PRO A 2 20.58 -38.58 47.50
CA PRO A 2 21.67 -37.57 47.37
C PRO A 2 21.09 -36.18 47.10
N HIS A 3 21.62 -35.16 47.78
CA HIS A 3 21.12 -33.80 47.66
C HIS A 3 22.17 -32.70 47.90
N SER A 4 21.85 -31.50 47.41
CA SER A 4 22.75 -30.35 47.56
C SER A 4 22.00 -29.02 47.61
N MET A 5 22.70 -28.00 48.12
CA MET A 5 22.31 -26.59 47.93
C MET A 5 23.54 -25.76 47.51
N ARG A 6 23.29 -24.73 46.68
CA ARG A 6 24.35 -23.82 46.26
C ARG A 6 23.80 -22.44 46.15
N TYR A 7 24.62 -21.47 46.53
CA TYR A 7 24.43 -20.09 46.14
C TYR A 7 25.66 -19.66 45.32
N PHE A 8 25.35 -19.24 44.10
CA PHE A 8 26.34 -18.80 43.12
C PHE A 8 26.28 -17.28 43.04
N GLU A 9 27.20 -16.60 43.71
CA GLU A 9 27.19 -15.12 43.76
C GLU A 9 28.19 -14.45 42.80
N THR A 10 27.79 -13.31 42.24
CA THR A 10 28.63 -12.59 41.26
C THR A 10 28.53 -11.07 41.46
N ALA A 11 29.64 -10.37 41.31
CA ALA A 11 29.58 -8.92 41.21
C ALA A 11 30.47 -8.43 40.08
N VAL A 12 29.99 -7.55 39.20
CA VAL A 12 30.85 -7.05 38.12
C VAL A 12 30.86 -5.54 38.08
N SER A 13 32.06 -5.00 37.93
CA SER A 13 32.26 -3.59 37.77
C SER A 13 32.52 -3.36 36.29
N ARG A 14 32.18 -2.16 35.83
CA ARG A 14 32.40 -1.77 34.43
C ARG A 14 32.86 -0.32 34.34
N PRO A 15 33.70 -0.04 33.31
CA PRO A 15 34.34 1.25 33.15
C PRO A 15 33.33 2.37 33.16
N GLY A 16 33.63 3.39 33.95
CA GLY A 16 32.84 4.60 33.96
C GLY A 16 31.69 4.53 34.94
N LEU A 17 30.99 3.39 34.95
CA LEU A 17 29.85 3.23 35.87
C LEU A 17 30.20 3.50 37.36
N GLU A 18 29.19 3.30 38.19
CA GLU A 18 29.15 3.88 39.51
C GLU A 18 29.34 2.67 40.46
N GLU A 19 28.33 1.83 40.58
CA GLU A 19 28.39 0.74 41.53
C GLU A 19 28.31 -0.57 40.77
N PRO A 20 29.03 -1.58 41.24
CA PRO A 20 29.00 -2.90 40.69
C PRO A 20 27.60 -3.45 40.69
N ARG A 21 27.35 -4.38 39.77
CA ARG A 21 26.14 -5.16 39.73
C ARG A 21 26.32 -6.47 40.48
N TYR A 22 25.42 -6.78 41.41
CA TYR A 22 25.50 -8.00 42.21
C TYR A 22 24.31 -8.94 41.91
N ILE A 23 24.60 -10.19 41.50
CA ILE A 23 23.57 -11.19 41.25
C ILE A 23 23.88 -12.39 42.14
N SER A 24 22.86 -12.89 42.83
CA SER A 24 22.98 -14.14 43.55
C SER A 24 21.93 -15.14 43.07
N VAL A 25 22.34 -16.39 42.95
CA VAL A 25 21.42 -17.44 42.53
C VAL A 25 21.57 -18.62 43.45
N GLY A 26 20.42 -19.09 43.91
CA GLY A 26 20.39 -20.26 44.77
C GLY A 26 19.89 -21.47 44.02
N TYR A 27 20.47 -22.62 44.31
CA TYR A 27 20.10 -23.86 43.67
C TYR A 27 19.85 -24.91 44.75
N VAL A 28 18.79 -25.69 44.55
CA VAL A 28 18.59 -26.92 45.33
C VAL A 28 18.60 -28.07 44.33
N ASP A 29 19.32 -29.15 44.69
CA ASP A 29 19.55 -30.25 43.76
C ASP A 29 19.78 -29.75 42.30
N ASN A 30 20.68 -28.78 42.13
CA ASN A 30 21.04 -28.20 40.83
C ASN A 30 19.98 -27.48 40.04
N LYS A 31 18.82 -27.21 40.63
CA LYS A 31 17.81 -26.44 39.96
C LYS A 31 17.63 -25.11 40.66
N GLU A 32 17.52 -24.06 39.88
CA GLU A 32 17.34 -22.73 40.40
C GLU A 32 16.06 -22.59 41.28
N PHE A 33 16.19 -21.96 42.44
CA PHE A 33 15.04 -21.74 43.33
C PHE A 33 14.91 -20.33 43.92
N VAL A 34 15.96 -19.52 43.91
CA VAL A 34 15.80 -18.10 44.27
C VAL A 34 16.77 -17.30 43.46
N ARG A 35 16.51 -15.99 43.35
CA ARG A 35 17.43 -15.08 42.67
C ARG A 35 17.35 -13.64 43.16
N PHE A 36 18.50 -13.00 43.29
CA PHE A 36 18.57 -11.59 43.61
C PHE A 36 19.43 -10.90 42.58
N ASP A 37 19.05 -9.69 42.19
CA ASP A 37 19.73 -8.97 41.14
C ASP A 37 19.60 -7.50 41.41
N SER A 38 20.74 -6.86 41.68
CA SER A 38 20.84 -5.40 41.98
C SER A 38 20.33 -4.48 40.87
N ASP A 39 20.33 -4.94 39.63
CA ASP A 39 19.78 -4.13 38.55
C ASP A 39 18.27 -3.95 38.62
N ALA A 40 17.55 -4.85 39.28
CA ALA A 40 16.09 -4.80 39.32
C ALA A 40 15.54 -3.48 39.93
N GLU A 41 14.27 -3.18 39.62
CA GLU A 41 13.68 -1.90 40.04
C GLU A 41 13.58 -1.83 41.56
N ASN A 42 13.09 -2.91 42.18
CA ASN A 42 13.00 -3.01 43.64
C ASN A 42 13.81 -4.24 44.02
N PRO A 43 15.16 -4.11 44.09
CA PRO A 43 16.01 -5.27 44.21
C PRO A 43 15.58 -6.18 45.37
N ARG A 44 15.30 -7.44 45.07
CA ARG A 44 14.83 -8.41 46.05
C ARG A 44 15.18 -9.79 45.67
N TYR A 45 15.17 -10.68 46.65
CA TYR A 45 15.20 -12.12 46.37
C TYR A 45 13.80 -12.55 45.93
N GLU A 46 13.70 -13.11 44.73
CA GLU A 46 12.44 -13.49 44.12
C GLU A 46 12.37 -15.01 44.13
N PRO A 47 11.18 -15.60 44.28
CA PRO A 47 11.02 -17.03 44.07
C PRO A 47 11.32 -17.38 42.64
N ARG A 48 11.85 -18.57 42.44
CA ARG A 48 12.24 -19.01 41.11
C ARG A 48 11.78 -20.43 40.78
N ALA A 49 11.01 -21.04 41.68
CA ALA A 49 10.24 -22.26 41.42
C ALA A 49 8.87 -22.09 42.07
N PRO A 50 7.88 -22.86 41.61
CA PRO A 50 6.57 -22.66 42.24
C PRO A 50 6.58 -23.03 43.74
N TRP A 51 7.31 -24.07 44.11
CA TRP A 51 7.31 -24.57 45.50
C TRP A 51 7.85 -23.59 46.56
N MET A 52 8.63 -22.60 46.14
CA MET A 52 9.15 -21.57 47.05
C MET A 52 8.13 -20.47 47.47
N GLU A 53 7.00 -20.37 46.76
CA GLU A 53 5.93 -19.41 47.10
C GLU A 53 5.22 -19.72 48.43
N GLN A 54 5.41 -20.92 48.94
CA GLN A 54 5.02 -21.23 50.32
C GLN A 54 5.61 -20.28 51.35
N GLU A 55 6.83 -19.81 51.08
CA GLU A 55 7.57 -19.01 52.04
C GLU A 55 6.93 -17.65 52.24
N GLY A 56 6.77 -17.26 53.51
CA GLY A 56 6.09 -16.01 53.84
C GLY A 56 6.95 -14.75 53.70
N PRO A 57 6.36 -13.59 53.96
CA PRO A 57 7.06 -12.29 53.83
C PRO A 57 8.32 -12.11 54.69
N GLU A 58 8.30 -12.64 55.91
CA GLU A 58 9.41 -12.54 56.86
C GLU A 58 10.65 -13.23 56.28
N TYR A 59 10.45 -14.28 55.50
CA TYR A 59 11.53 -14.98 54.82
C TYR A 59 12.23 -14.13 53.77
N TRP A 60 11.45 -13.50 52.89
CA TRP A 60 12.01 -12.71 51.80
C TRP A 60 12.73 -11.49 52.31
N GLU A 61 12.13 -10.85 53.31
CA GLU A 61 12.69 -9.65 53.91
C GLU A 61 14.10 -9.94 54.41
N ARG A 62 14.24 -11.01 55.18
CA ARG A 62 15.55 -11.35 55.75
C ARG A 62 16.57 -11.72 54.69
N GLU A 63 16.17 -12.60 53.78
CA GLU A 63 17.03 -12.98 52.69
C GLU A 63 17.46 -11.77 51.86
N THR A 64 16.51 -10.88 51.59
CA THR A 64 16.80 -9.66 50.88
C THR A 64 17.87 -8.80 51.59
N GLN A 65 17.80 -8.67 52.91
CA GLN A 65 18.84 -7.94 53.63
C GLN A 65 20.18 -8.65 53.61
N LYS A 66 20.18 -9.99 53.62
CA LYS A 66 21.42 -10.74 53.40
C LYS A 66 22.08 -10.38 52.04
N ALA A 67 21.25 -10.28 51.00
CA ALA A 67 21.74 -9.94 49.67
C ALA A 67 22.36 -8.53 49.67
N LYS A 68 21.63 -7.56 50.24
CA LYS A 68 22.13 -6.21 50.26
C LYS A 68 23.47 -6.17 50.99
N GLY A 69 23.57 -6.93 52.08
CA GLY A 69 24.83 -7.08 52.80
C GLY A 69 25.96 -7.65 51.94
N GLN A 70 25.68 -8.74 51.22
CA GLN A 70 26.65 -9.35 50.31
C GLN A 70 27.07 -8.38 49.19
N GLU A 71 26.10 -7.66 48.66
CA GLU A 71 26.38 -6.62 47.69
C GLU A 71 27.46 -5.69 48.24
N GLN A 72 27.26 -5.19 49.46
CA GLN A 72 28.26 -4.32 50.11
C GLN A 72 29.61 -5.02 50.34
N TRP A 73 29.55 -6.33 50.60
CA TRP A 73 30.75 -7.09 50.86
C TRP A 73 31.56 -7.18 49.54
N PHE A 74 30.84 -7.47 48.45
CA PHE A 74 31.48 -7.59 47.14
C PHE A 74 32.02 -6.25 46.67
N ARG A 75 31.25 -5.20 46.90
CA ARG A 75 31.70 -3.86 46.57
C ARG A 75 33.12 -3.57 47.08
N VAL A 76 33.30 -3.77 48.39
CA VAL A 76 34.54 -3.48 49.10
C VAL A 76 35.63 -4.43 48.63
N SER A 77 35.25 -5.69 48.45
CA SER A 77 36.18 -6.70 48.00
C SER A 77 36.75 -6.33 46.63
N LEU A 78 35.85 -6.08 45.68
CA LEU A 78 36.24 -5.58 44.36
C LEU A 78 37.26 -4.45 44.46
N ARG A 79 37.01 -3.53 45.36
CA ARG A 79 37.89 -2.40 45.56
C ARG A 79 39.25 -2.80 46.06
N ASN A 80 39.27 -3.63 47.08
CA ASN A 80 40.54 -4.11 47.60
C ASN A 80 41.34 -4.86 46.51
N LEU A 81 40.65 -5.64 45.67
CA LEU A 81 41.29 -6.48 44.66
C LEU A 81 42.02 -5.68 43.61
N LEU A 82 41.38 -4.62 43.13
CA LEU A 82 42.06 -3.61 42.33
C LEU A 82 43.43 -3.25 42.89
N GLY A 83 43.47 -3.03 44.19
CA GLY A 83 44.68 -2.67 44.89
C GLY A 83 45.67 -3.81 44.92
N TYR A 84 45.21 -5.00 45.26
CA TYR A 84 46.07 -6.15 45.38
C TYR A 84 46.76 -6.49 44.08
N TYR A 85 46.04 -6.36 42.99
CA TYR A 85 46.60 -6.68 41.68
C TYR A 85 47.13 -5.50 40.96
N ASN A 86 47.17 -4.35 41.61
CA ASN A 86 47.74 -3.15 40.99
C ASN A 86 47.11 -2.90 39.62
N GLN A 87 45.80 -3.04 39.58
CA GLN A 87 45.00 -2.74 38.41
C GLN A 87 44.62 -1.29 38.54
N SER A 88 44.67 -0.50 37.49
CA SER A 88 44.29 0.92 37.64
C SER A 88 42.77 1.05 37.47
N ALA A 89 42.30 2.25 37.17
CA ALA A 89 40.88 2.48 36.89
C ALA A 89 40.62 2.14 35.44
N GLY A 90 39.33 2.08 35.10
CA GLY A 90 38.90 2.06 33.72
C GLY A 90 38.82 0.69 33.08
N GLY A 91 38.86 -0.36 33.89
CA GLY A 91 38.68 -1.74 33.37
C GLY A 91 37.40 -2.38 33.89
N SER A 92 37.21 -3.67 33.55
CA SER A 92 36.06 -4.46 33.98
C SER A 92 36.53 -5.62 34.84
N HIS A 93 35.87 -5.86 35.96
CA HIS A 93 36.34 -6.89 36.86
C HIS A 93 35.17 -7.73 37.35
N THR A 94 35.47 -8.96 37.74
CA THR A 94 34.47 -9.90 38.16
C THR A 94 34.91 -10.61 39.42
N LEU A 95 34.00 -10.75 40.38
CA LEU A 95 34.24 -11.49 41.61
C LEU A 95 33.07 -12.44 41.78
N GLN A 96 33.39 -13.70 41.98
CA GLN A 96 32.38 -14.73 42.06
C GLN A 96 32.64 -15.57 43.30
N GLN A 97 31.55 -16.19 43.75
CA GLN A 97 31.58 -17.02 44.93
C GLN A 97 30.64 -18.18 44.66
N MET A 98 31.08 -19.34 45.12
CA MET A 98 30.24 -20.51 45.20
C MET A 98 30.33 -21.06 46.63
N SER A 99 29.16 -21.31 47.21
CA SER A 99 29.05 -21.93 48.49
C SER A 99 27.85 -22.78 48.57
N GLY A 100 27.91 -23.72 49.50
CA GLY A 100 26.79 -24.61 49.74
C GLY A 100 27.25 -25.91 50.36
N CYS A 101 26.37 -26.90 50.36
CA CYS A 101 26.65 -28.18 51.00
C CYS A 101 26.07 -29.34 50.22
N ASP A 102 26.69 -30.51 50.42
CA ASP A 102 26.29 -31.77 49.81
C ASP A 102 25.81 -32.74 50.89
N LEU A 103 24.65 -33.36 50.66
CA LEU A 103 24.13 -34.35 51.58
C LEU A 103 24.14 -35.68 50.88
N GLY A 104 24.48 -36.74 51.61
CA GLY A 104 24.23 -38.09 51.14
C GLY A 104 22.76 -38.43 51.28
N SER A 105 22.38 -39.62 50.82
CA SER A 105 20.96 -40.07 50.88
C SER A 105 20.49 -40.27 52.31
N ASP A 106 21.42 -40.45 53.24
CA ASP A 106 21.05 -40.40 54.66
C ASP A 106 20.75 -38.98 55.16
N TRP A 107 20.83 -38.00 54.25
CA TRP A 107 20.52 -36.59 54.56
C TRP A 107 21.54 -35.93 55.48
N ARG A 108 22.62 -36.65 55.75
CA ARG A 108 23.73 -36.14 56.56
C ARG A 108 24.74 -35.35 55.68
N LEU A 109 25.42 -34.38 56.28
CA LEU A 109 26.35 -33.50 55.53
C LEU A 109 27.51 -34.31 55.01
N LEU A 110 27.63 -34.34 53.69
CA LEU A 110 28.70 -35.09 53.02
C LEU A 110 29.93 -34.20 52.78
N ARG A 111 29.71 -33.02 52.21
CA ARG A 111 30.81 -32.08 51.98
C ARG A 111 30.32 -30.65 52.00
N GLY A 112 31.19 -29.77 52.52
CA GLY A 112 31.00 -28.32 52.43
C GLY A 112 31.86 -27.67 51.33
N TYR A 113 31.33 -26.60 50.72
CA TYR A 113 31.98 -25.84 49.66
C TYR A 113 31.93 -24.34 49.93
N LEU A 114 33.05 -23.68 49.69
CA LEU A 114 33.17 -22.24 49.86
C LEU A 114 34.43 -21.79 49.13
N GLN A 115 34.22 -21.28 47.93
CA GLN A 115 35.32 -20.85 47.11
C GLN A 115 34.97 -19.56 46.38
N PHE A 116 36.02 -18.84 45.96
CA PHE A 116 35.97 -17.52 45.34
C PHE A 116 36.85 -17.46 44.11
N ALA A 117 36.40 -16.69 43.12
CA ALA A 117 37.21 -16.39 41.93
C ALA A 117 37.20 -14.92 41.59
N TYR A 118 38.34 -14.43 41.12
CA TYR A 118 38.49 -13.09 40.58
C TYR A 118 38.88 -13.22 39.11
N GLU A 119 38.22 -12.45 38.26
CA GLU A 119 38.41 -12.51 36.82
C GLU A 119 38.25 -13.94 36.28
N GLY A 120 37.36 -14.72 36.93
CA GLY A 120 37.12 -16.10 36.56
C GLY A 120 38.26 -17.06 36.89
N ARG A 121 39.25 -16.59 37.64
CA ARG A 121 40.34 -17.48 38.08
C ARG A 121 40.20 -17.74 39.56
N ASP A 122 40.51 -18.97 40.00
CA ASP A 122 40.48 -19.30 41.44
C ASP A 122 41.30 -18.35 42.28
N TYR A 123 40.71 -17.77 43.33
CA TYR A 123 41.39 -16.80 44.20
C TYR A 123 41.69 -17.34 45.59
N ILE A 124 40.65 -17.79 46.29
CA ILE A 124 40.78 -18.47 47.56
C ILE A 124 39.59 -19.40 47.78
N ALA A 125 39.86 -20.50 48.49
CA ALA A 125 38.84 -21.49 48.79
C ALA A 125 39.07 -22.13 50.15
N LEU A 126 37.95 -22.51 50.76
CA LEU A 126 37.98 -23.20 52.00
C LEU A 126 38.21 -24.66 51.72
N ASN A 127 39.22 -25.24 52.34
CA ASN A 127 39.47 -26.67 52.18
C ASN A 127 38.34 -27.50 52.76
N GLU A 128 38.31 -28.78 52.35
CA GLU A 128 37.30 -29.76 52.76
C GLU A 128 37.18 -29.89 54.26
N ASP A 129 38.30 -29.82 54.95
CA ASP A 129 38.31 -29.80 56.39
C ASP A 129 37.54 -28.65 57.03
N LEU A 130 37.15 -27.65 56.26
CA LEU A 130 36.51 -26.45 56.78
C LEU A 130 37.30 -25.68 57.87
N LYS A 131 38.62 -25.84 57.81
CA LYS A 131 39.54 -25.24 58.77
C LYS A 131 40.73 -24.51 58.12
N THR A 132 41.06 -24.87 56.88
CA THR A 132 42.29 -24.37 56.26
C THR A 132 41.97 -23.87 54.88
N TRP A 133 42.80 -22.94 54.41
CA TRP A 133 42.51 -22.22 53.18
C TRP A 133 43.54 -22.49 52.13
N THR A 134 43.11 -22.41 50.88
CA THR A 134 43.94 -22.64 49.72
C THR A 134 43.86 -21.42 48.82
N ALA A 135 45.02 -20.84 48.56
CA ALA A 135 45.10 -19.67 47.73
C ALA A 135 46.43 -19.63 47.01
N ALA A 136 46.38 -19.71 45.70
CA ALA A 136 47.58 -19.84 44.89
C ALA A 136 48.33 -18.53 44.73
N ASP A 137 47.61 -17.48 44.31
CA ASP A 137 48.22 -16.24 43.88
C ASP A 137 48.93 -15.56 45.02
N MET A 138 50.05 -14.94 44.69
CA MET A 138 50.76 -14.12 45.66
C MET A 138 49.84 -13.05 46.18
N ALA A 139 49.07 -12.44 45.30
CA ALA A 139 48.11 -11.45 45.72
C ALA A 139 47.07 -12.01 46.70
N ALA A 140 46.72 -13.29 46.63
CA ALA A 140 45.72 -13.86 47.52
C ALA A 140 46.23 -14.11 48.97
N GLN A 141 47.53 -14.18 49.12
CA GLN A 141 48.13 -14.47 50.43
C GLN A 141 47.75 -13.45 51.50
N ILE A 142 47.53 -12.22 51.08
CA ILE A 142 47.17 -11.14 52.01
C ILE A 142 45.80 -11.45 52.58
N THR A 143 44.91 -11.92 51.74
CA THR A 143 43.61 -12.33 52.22
C THR A 143 43.72 -13.57 53.17
N ARG A 144 44.50 -14.56 52.74
CA ARG A 144 44.60 -15.83 53.46
C ARG A 144 45.22 -15.67 54.83
N ARG A 145 46.20 -14.78 54.95
CA ARG A 145 46.76 -14.50 56.25
C ARG A 145 45.74 -13.78 57.07
N LYS A 146 45.10 -12.78 56.48
CA LYS A 146 44.11 -12.00 57.20
C LYS A 146 43.04 -12.94 57.73
N TRP A 147 42.63 -13.90 56.89
CA TRP A 147 41.49 -14.79 57.21
C TRP A 147 41.89 -15.87 58.19
N GLU A 148 43.11 -16.38 58.03
CA GLU A 148 43.66 -17.35 58.99
C GLU A 148 43.69 -16.82 60.43
N GLN A 149 43.91 -15.53 60.58
CA GLN A 149 44.07 -14.92 61.88
C GLN A 149 42.81 -14.30 62.42
N SER A 150 41.69 -14.52 61.75
CA SER A 150 40.43 -13.96 62.20
C SER A 150 39.39 -15.05 62.55
N GLY A 151 39.68 -16.29 62.24
CA GLY A 151 38.65 -17.33 62.40
C GLY A 151 37.50 -17.17 61.40
N ALA A 152 37.87 -16.81 60.18
CA ALA A 152 36.91 -16.77 59.11
C ALA A 152 36.38 -18.18 58.84
N ALA A 153 37.29 -19.15 58.81
CA ALA A 153 36.92 -20.56 58.56
C ALA A 153 35.88 -21.13 59.55
N GLU A 154 36.01 -20.78 60.83
CA GLU A 154 35.01 -21.19 61.83
C GLU A 154 33.65 -20.59 61.50
N HIS A 155 33.58 -19.34 61.10
CA HIS A 155 32.30 -18.72 60.71
C HIS A 155 31.65 -19.50 59.58
N TYR A 156 32.41 -19.75 58.52
CA TYR A 156 31.87 -20.43 57.32
C TYR A 156 31.50 -21.88 57.64
N LYS A 157 32.35 -22.54 58.44
CA LYS A 157 32.12 -23.92 58.92
C LYS A 157 30.76 -24.01 59.61
N ALA A 158 30.50 -23.07 60.52
CA ALA A 158 29.21 -23.01 61.20
C ALA A 158 28.07 -22.97 60.19
N TYR A 159 28.17 -22.14 59.15
CA TYR A 159 27.06 -21.97 58.23
C TYR A 159 26.79 -23.26 57.50
N LEU A 160 27.87 -23.84 57.00
CA LEU A 160 27.81 -24.99 56.10
C LEU A 160 27.31 -26.23 56.78
N GLU A 161 27.67 -26.36 58.07
CA GLU A 161 27.28 -27.50 58.91
C GLU A 161 25.93 -27.30 59.58
N GLY A 162 25.51 -26.05 59.69
CA GLY A 162 24.26 -25.68 60.34
C GLY A 162 23.13 -25.30 59.40
N GLU A 163 23.03 -24.02 59.10
CA GLU A 163 21.91 -23.51 58.34
C GLU A 163 21.83 -24.16 56.98
N CYS A 164 22.97 -24.33 56.32
CA CYS A 164 22.95 -24.89 54.96
C CYS A 164 22.17 -26.21 54.98
N VAL A 165 22.60 -27.08 55.88
CA VAL A 165 22.02 -28.41 56.04
C VAL A 165 20.56 -28.32 56.47
N GLU A 166 20.36 -27.72 57.65
CA GLU A 166 19.04 -27.58 58.24
C GLU A 166 18.04 -26.95 57.27
N TRP A 167 18.43 -25.93 56.51
CA TRP A 167 17.49 -25.26 55.62
C TRP A 167 17.25 -26.02 54.33
N LEU A 168 18.27 -26.77 53.87
CA LEU A 168 18.12 -27.67 52.72
C LEU A 168 17.12 -28.75 53.06
N HIS A 169 17.28 -29.35 54.26
CA HIS A 169 16.30 -30.26 54.86
C HIS A 169 14.89 -29.68 54.69
N ARG A 170 14.72 -28.45 55.17
CA ARG A 170 13.40 -27.80 55.15
C ARG A 170 12.86 -27.65 53.76
N TYR A 171 13.72 -27.26 52.83
CA TYR A 171 13.33 -27.10 51.43
C TYR A 171 12.93 -28.40 50.76
N LEU A 172 13.66 -29.46 51.07
CA LEU A 172 13.41 -30.76 50.45
C LEU A 172 12.04 -31.35 50.83
N LYS A 173 11.66 -31.18 52.10
CA LYS A 173 10.34 -31.60 52.54
C LYS A 173 9.26 -30.83 51.77
N ASN A 174 9.45 -29.51 51.68
CA ASN A 174 8.49 -28.58 51.08
C ASN A 174 8.26 -28.71 49.56
N GLY A 175 9.13 -29.45 48.87
CA GLY A 175 9.01 -29.60 47.42
C GLY A 175 9.33 -31.02 47.00
N ASN A 176 8.55 -31.97 47.51
CA ASN A 176 8.74 -33.40 47.22
C ASN A 176 8.28 -33.80 45.81
N ALA A 177 7.08 -33.31 45.42
CA ALA A 177 6.47 -33.59 44.10
C ALA A 177 7.25 -32.99 42.89
N THR A 178 7.98 -31.89 43.11
CA THR A 178 8.69 -31.15 42.02
C THR A 178 10.16 -31.64 41.78
N LEU A 179 10.87 -31.91 42.88
CA LEU A 179 12.33 -32.17 42.88
C LEU A 179 12.74 -33.65 43.09
N LEU A 180 11.78 -34.59 42.99
CA LEU A 180 12.09 -36.03 43.10
C LEU A 180 12.10 -36.71 41.70
N ARG A 181 11.87 -35.93 40.65
CA ARG A 181 11.73 -36.46 39.28
C ARG A 181 13.08 -36.64 38.55
N THR A 182 13.13 -37.63 37.68
CA THR A 182 14.15 -37.73 36.63
C THR A 182 13.48 -38.25 35.35
N ASP A 183 13.55 -37.45 34.28
CA ASP A 183 13.02 -37.85 32.96
C ASP A 183 14.05 -38.68 32.22
N SER A 184 13.65 -39.87 31.80
CA SER A 184 14.53 -40.71 31.03
C SER A 184 14.67 -40.25 29.60
N PRO A 185 15.80 -40.54 28.97
CA PRO A 185 16.02 -40.14 27.61
C PRO A 185 15.26 -40.99 26.66
N LYS A 186 14.80 -40.38 25.58
CA LYS A 186 14.24 -41.11 24.48
C LYS A 186 15.24 -41.02 23.34
N ALA A 187 15.74 -42.16 22.91
CA ALA A 187 16.87 -42.20 21.97
C ALA A 187 16.47 -42.66 20.57
N HIS A 188 17.28 -42.30 19.59
CA HIS A 188 17.11 -42.84 18.23
C HIS A 188 18.31 -42.56 17.36
N VAL A 189 18.50 -43.38 16.33
CA VAL A 189 19.67 -43.26 15.45
C VAL A 189 19.23 -42.79 14.08
N THR A 190 19.88 -41.74 13.56
CA THR A 190 19.57 -41.20 12.22
C THR A 190 20.70 -41.45 11.25
N HIS A 191 20.33 -41.53 9.97
CA HIS A 191 21.24 -41.92 8.86
C HIS A 191 21.53 -40.75 7.94
N HIS A 192 22.82 -40.45 7.78
CA HIS A 192 23.31 -39.36 6.93
C HIS A 192 24.33 -39.88 5.92
N PRO A 193 23.88 -40.11 4.67
CA PRO A 193 24.80 -40.61 3.66
C PRO A 193 25.96 -39.66 3.42
N ARG A 194 27.02 -40.16 2.83
CA ARG A 194 28.25 -39.44 2.80
C ARG A 194 29.23 -39.87 1.73
N SER A 195 30.32 -39.13 1.69
CA SER A 195 31.37 -39.29 0.72
C SER A 195 32.18 -40.56 0.94
N LYS A 196 32.50 -41.22 -0.18
CA LYS A 196 33.45 -42.35 -0.25
C LYS A 196 32.85 -43.67 0.23
N GLY A 197 31.59 -43.91 -0.10
CA GLY A 197 30.87 -45.11 0.36
C GLY A 197 30.77 -45.19 1.89
N GLU A 198 30.69 -44.02 2.52
CA GLU A 198 30.58 -43.89 3.98
C GLU A 198 29.29 -43.19 4.36
N VAL A 199 28.89 -43.37 5.61
CA VAL A 199 27.71 -42.73 6.15
C VAL A 199 28.04 -42.25 7.57
N THR A 200 27.24 -41.30 8.07
CA THR A 200 27.35 -40.85 9.46
C THR A 200 26.15 -41.38 10.26
N LEU A 201 26.46 -42.09 11.34
CA LEU A 201 25.44 -42.59 12.24
C LEU A 201 25.42 -41.69 13.46
N ARG A 202 24.29 -41.00 13.64
CA ARG A 202 24.11 -39.98 14.69
C ARG A 202 23.12 -40.51 15.71
N CYS A 203 23.58 -40.68 16.94
CA CYS A 203 22.78 -41.25 18.01
C CYS A 203 22.22 -40.14 18.87
N TRP A 204 20.90 -39.96 18.86
CA TRP A 204 20.24 -38.87 19.59
C TRP A 204 19.65 -39.32 20.91
N ALA A 205 19.68 -38.43 21.88
CA ALA A 205 19.00 -38.66 23.14
C ALA A 205 18.26 -37.39 23.48
N LEU A 206 16.96 -37.51 23.74
CA LEU A 206 16.10 -36.34 23.91
C LEU A 206 15.20 -36.41 25.13
N GLY A 207 14.78 -35.23 25.58
CA GLY A 207 13.82 -35.06 26.68
C GLY A 207 14.21 -35.62 28.04
N PHE A 208 15.51 -35.63 28.37
CA PHE A 208 16.01 -36.23 29.61
C PHE A 208 16.43 -35.19 30.66
N TYR A 209 16.30 -35.60 31.92
CA TYR A 209 16.70 -34.80 33.07
C TYR A 209 17.09 -35.72 34.22
N PRO A 210 18.20 -35.42 34.92
CA PRO A 210 19.12 -34.31 34.75
C PRO A 210 20.08 -34.53 33.60
N ALA A 211 20.93 -33.53 33.40
CA ALA A 211 21.70 -33.36 32.20
C ALA A 211 22.80 -34.36 31.97
N ASP A 212 23.37 -34.91 33.04
CA ASP A 212 24.46 -35.88 32.85
C ASP A 212 23.95 -37.09 32.08
N ILE A 213 24.73 -37.49 31.11
CA ILE A 213 24.41 -38.60 30.27
C ILE A 213 25.66 -39.01 29.50
N THR A 214 25.77 -40.30 29.19
CA THR A 214 26.87 -40.78 28.36
C THR A 214 26.34 -41.56 27.14
N LEU A 215 26.92 -41.28 25.98
CA LEU A 215 26.60 -41.95 24.74
C LEU A 215 27.88 -42.59 24.25
N THR A 216 27.83 -43.87 23.93
CA THR A 216 28.99 -44.57 23.42
C THR A 216 28.60 -45.39 22.22
N TRP A 217 29.50 -45.44 21.24
CA TRP A 217 29.33 -46.29 20.07
C TRP A 217 30.20 -47.55 20.23
N GLN A 218 29.71 -48.66 19.71
CA GLN A 218 30.44 -49.91 19.80
C GLN A 218 30.48 -50.54 18.42
N LEU A 219 31.66 -50.98 18.04
CA LEU A 219 31.83 -51.78 16.86
C LEU A 219 31.73 -53.23 17.29
N ASN A 220 30.49 -53.70 17.37
CA ASN A 220 30.18 -55.08 17.75
C ASN A 220 31.03 -55.50 18.97
N GLY A 221 30.93 -54.76 20.07
CA GLY A 221 31.68 -55.07 21.26
C GLY A 221 32.42 -53.90 21.89
N GLU A 222 33.62 -53.62 21.40
CA GLU A 222 34.49 -52.64 22.06
C GLU A 222 34.14 -51.23 21.61
N GLU A 223 34.38 -50.27 22.49
CA GLU A 223 33.95 -48.91 22.25
C GLU A 223 34.79 -48.25 21.16
N LEU A 224 34.40 -47.04 20.76
CA LEU A 224 35.15 -46.27 19.76
C LEU A 224 35.39 -44.83 20.25
N THR A 225 36.49 -44.62 20.95
CA THR A 225 36.79 -43.33 21.60
C THR A 225 37.31 -42.27 20.62
N GLN A 226 38.23 -42.69 19.76
CA GLN A 226 38.95 -41.76 18.88
C GLN A 226 38.09 -41.26 17.71
N ASP A 227 37.42 -42.18 17.03
CA ASP A 227 36.71 -41.85 15.78
C ASP A 227 35.36 -41.10 16.00
N MET A 228 34.95 -40.97 17.26
CA MET A 228 33.63 -40.47 17.59
C MET A 228 33.55 -38.95 17.49
N GLU A 229 32.34 -38.46 17.27
CA GLU A 229 32.02 -37.02 17.29
C GLU A 229 30.81 -36.83 18.20
N LEU A 230 30.83 -35.80 19.04
CA LEU A 230 29.71 -35.51 19.93
C LEU A 230 29.50 -34.01 20.12
N VAL A 231 28.38 -33.64 20.73
CA VAL A 231 28.14 -32.27 21.14
C VAL A 231 28.00 -32.19 22.65
N GLU A 232 28.29 -31.01 23.16
CA GLU A 232 28.15 -30.70 24.56
C GLU A 232 26.65 -30.79 24.83
N THR A 233 26.28 -31.42 25.93
CA THR A 233 24.89 -31.45 26.36
C THR A 233 24.28 -30.06 26.45
N ARG A 234 23.01 -29.97 26.05
CA ARG A 234 22.38 -28.69 25.78
C ARG A 234 20.91 -28.69 26.26
N PRO A 235 20.46 -27.57 26.82
CA PRO A 235 19.07 -27.50 27.25
C PRO A 235 18.05 -27.37 26.09
N ALA A 236 16.92 -28.03 26.20
CA ALA A 236 15.88 -27.96 25.19
C ALA A 236 15.06 -26.67 25.34
N GLY A 237 15.15 -26.06 26.52
CA GLY A 237 14.35 -24.88 26.85
C GLY A 237 13.17 -25.20 27.75
N ASP A 238 12.75 -26.48 27.79
CA ASP A 238 11.57 -26.90 28.54
C ASP A 238 11.93 -27.53 29.87
N GLY A 239 13.19 -27.48 30.27
CA GLY A 239 13.63 -28.17 31.49
C GLY A 239 14.36 -29.49 31.29
N THR A 240 14.23 -30.06 30.09
CA THR A 240 14.93 -31.29 29.72
C THR A 240 16.14 -30.95 28.85
N PHE A 241 16.89 -31.97 28.48
CA PHE A 241 18.16 -31.84 27.76
C PHE A 241 18.26 -32.74 26.53
N GLN A 242 19.26 -32.44 25.71
CA GLN A 242 19.50 -33.08 24.42
C GLN A 242 20.99 -33.31 24.24
N LYS A 243 21.36 -34.42 23.59
CA LYS A 243 22.75 -34.71 23.24
C LYS A 243 22.78 -35.72 22.15
N TRP A 244 23.73 -35.59 21.23
CA TRP A 244 24.02 -36.65 20.26
C TRP A 244 25.50 -37.02 20.23
N ALA A 245 25.77 -38.14 19.58
CA ALA A 245 27.12 -38.59 19.33
C ALA A 245 27.09 -39.37 18.03
N SER A 246 28.13 -39.22 17.21
CA SER A 246 28.18 -39.87 15.90
C SER A 246 29.51 -40.53 15.57
N VAL A 247 29.44 -41.47 14.63
CA VAL A 247 30.63 -42.14 14.07
C VAL A 247 30.41 -42.35 12.58
N VAL A 248 31.51 -42.44 11.84
CA VAL A 248 31.46 -42.68 10.39
C VAL A 248 31.61 -44.16 10.05
N VAL A 249 30.80 -44.65 9.12
CA VAL A 249 30.62 -46.08 8.93
C VAL A 249 30.51 -46.47 7.44
N PRO A 250 31.06 -47.65 7.07
CA PRO A 250 30.84 -48.15 5.71
C PRO A 250 29.38 -48.39 5.37
N LEU A 251 28.96 -47.88 4.23
CA LEU A 251 27.61 -48.11 3.73
C LEU A 251 27.38 -49.61 3.65
N GLY A 252 26.19 -50.06 4.06
CA GLY A 252 25.85 -51.48 4.02
C GLY A 252 26.30 -52.22 5.27
N LYS A 253 27.56 -52.01 5.67
CA LYS A 253 28.12 -52.61 6.88
C LYS A 253 27.83 -51.76 8.11
N GLU A 254 26.55 -51.45 8.33
CA GLU A 254 26.17 -50.52 9.41
C GLU A 254 25.52 -51.18 10.63
N GLN A 255 24.87 -52.33 10.45
CA GLN A 255 24.18 -53.02 11.54
C GLN A 255 25.08 -53.56 12.66
N ASN A 256 26.38 -53.69 12.41
CA ASN A 256 27.34 -54.08 13.45
C ASN A 256 27.94 -52.87 14.19
N TYR A 257 27.15 -51.81 14.27
CA TYR A 257 27.42 -50.68 15.15
C TYR A 257 26.21 -50.50 16.08
N THR A 258 26.50 -50.35 17.37
CA THR A 258 25.43 -50.17 18.36
C THR A 258 25.77 -48.95 19.20
N CYS A 259 24.72 -48.25 19.58
CA CYS A 259 24.82 -47.06 20.37
C CYS A 259 24.26 -47.34 21.73
N ARG A 260 24.97 -46.90 22.78
CA ARG A 260 24.58 -47.13 24.16
C ARG A 260 24.32 -45.82 24.85
N VAL A 261 23.18 -45.75 25.54
CA VAL A 261 22.83 -44.55 26.32
C VAL A 261 22.73 -44.82 27.84
N TYR A 262 23.60 -44.15 28.59
CA TYR A 262 23.68 -44.29 30.01
C TYR A 262 23.15 -43.02 30.61
N HIS A 263 21.98 -43.13 31.21
CA HIS A 263 21.42 -42.03 31.97
C HIS A 263 21.00 -42.57 33.31
N GLU A 264 21.09 -41.70 34.30
CA GLU A 264 20.42 -41.87 35.58
C GLU A 264 18.94 -42.12 35.25
N GLY A 265 18.10 -42.45 36.19
CA GLY A 265 16.67 -42.55 35.84
C GLY A 265 16.30 -43.62 34.82
N LEU A 266 17.28 -44.37 34.32
CA LEU A 266 17.03 -45.49 33.39
C LEU A 266 17.05 -46.81 34.16
N PRO A 267 16.22 -47.80 33.76
CA PRO A 267 16.28 -49.08 34.47
C PRO A 267 17.62 -49.76 34.20
N GLU A 268 18.02 -49.71 32.93
CA GLU A 268 19.30 -50.16 32.50
C GLU A 268 19.68 -49.40 31.24
N PRO A 269 20.97 -49.36 30.91
CA PRO A 269 21.40 -48.63 29.71
C PRO A 269 20.60 -49.01 28.47
N LEU A 270 20.32 -48.01 27.63
CA LEU A 270 19.65 -48.23 26.35
C LEU A 270 20.63 -48.76 25.32
N THR A 271 20.14 -49.58 24.40
CA THR A 271 20.94 -50.11 23.32
C THR A 271 20.20 -49.95 22.00
N LEU A 272 20.79 -49.23 21.05
CA LEU A 272 20.17 -48.98 19.76
C LEU A 272 21.12 -49.09 18.59
N ARG A 273 20.57 -49.48 17.44
CA ARG A 273 21.27 -49.49 16.14
C ARG A 273 20.37 -48.75 15.17
N TRP A 274 20.76 -48.75 13.89
CA TRP A 274 20.02 -48.04 12.83
C TRP A 274 18.64 -48.66 12.50
N ILE B 1 43.07 -12.74 29.75
CA ILE B 1 42.14 -13.02 30.89
C ILE B 1 40.69 -13.40 30.49
N GLN B 2 40.48 -13.90 29.29
CA GLN B 2 39.13 -14.10 28.76
C GLN B 2 38.97 -15.46 28.16
N LYS B 3 37.78 -16.04 28.33
CA LYS B 3 37.46 -17.36 27.79
C LYS B 3 36.50 -17.12 26.65
N THR B 4 36.72 -17.86 25.57
CA THR B 4 36.02 -17.62 24.31
C THR B 4 34.79 -18.55 24.13
N PRO B 5 33.63 -17.96 23.82
CA PRO B 5 32.38 -18.70 23.85
C PRO B 5 32.16 -19.82 22.82
N GLN B 6 31.56 -20.90 23.29
CA GLN B 6 31.13 -22.04 22.49
C GLN B 6 29.64 -21.89 22.22
N ILE B 7 29.24 -22.17 20.99
CA ILE B 7 27.90 -21.92 20.52
C ILE B 7 27.26 -23.14 19.87
N GLN B 8 25.98 -23.33 20.13
CA GLN B 8 25.21 -24.38 19.47
C GLN B 8 23.91 -23.78 19.15
N VAL B 9 23.44 -24.05 17.93
CA VAL B 9 22.14 -23.61 17.45
C VAL B 9 21.35 -24.84 17.05
N TYR B 10 20.13 -24.95 17.56
CA TYR B 10 19.33 -26.19 17.46
C TYR B 10 17.91 -25.89 17.87
N SER B 11 16.97 -26.73 17.44
CA SER B 11 15.58 -26.50 17.78
C SER B 11 15.23 -27.30 19.04
N ARG B 12 14.11 -26.92 19.68
CA ARG B 12 13.67 -27.62 20.88
C ARG B 12 13.09 -29.00 20.56
N HIS B 13 12.23 -29.04 19.57
CA HIS B 13 11.63 -30.31 19.15
C HIS B 13 12.21 -30.72 17.82
N PRO B 14 11.97 -31.98 17.43
CA PRO B 14 12.44 -32.42 16.12
C PRO B 14 11.89 -31.53 15.05
N PRO B 15 12.74 -31.09 14.12
CA PRO B 15 12.31 -30.07 13.18
C PRO B 15 11.48 -30.68 12.08
N GLU B 16 10.53 -29.90 11.59
CA GLU B 16 9.51 -30.33 10.65
C GLU B 16 9.04 -29.11 9.85
N ASN B 17 9.37 -29.06 8.57
CA ASN B 17 9.03 -27.87 7.78
C ASN B 17 7.57 -27.53 7.94
N GLY B 18 7.28 -26.25 8.18
CA GLY B 18 5.91 -25.78 8.27
C GLY B 18 5.26 -25.86 9.63
N LYS B 19 5.82 -26.68 10.53
CA LYS B 19 5.27 -26.87 11.88
C LYS B 19 6.04 -25.95 12.87
N PRO B 20 5.34 -25.13 13.67
CA PRO B 20 6.01 -24.25 14.64
C PRO B 20 6.93 -24.98 15.63
N ASN B 21 7.99 -24.33 16.03
CA ASN B 21 8.99 -24.92 16.92
C ASN B 21 9.63 -23.76 17.71
N ILE B 22 10.71 -24.04 18.43
CA ILE B 22 11.55 -23.00 19.05
C ILE B 22 13.01 -23.24 18.68
N LEU B 23 13.73 -22.14 18.44
CA LEU B 23 15.14 -22.21 18.07
C LEU B 23 15.99 -21.70 19.21
N ASN B 24 16.94 -22.53 19.64
CA ASN B 24 17.82 -22.20 20.75
C ASN B 24 19.16 -21.78 20.24
N CYS B 25 19.70 -20.73 20.81
CA CYS B 25 21.12 -20.45 20.66
C CYS B 25 21.71 -20.53 22.04
N TYR B 26 22.50 -21.57 22.26
CA TYR B 26 23.04 -21.92 23.56
C TYR B 26 24.48 -21.56 23.58
N VAL B 27 24.79 -20.45 24.24
CA VAL B 27 26.16 -19.91 24.34
C VAL B 27 26.77 -20.23 25.69
N THR B 28 27.90 -20.92 25.71
CA THR B 28 28.55 -21.34 26.98
C THR B 28 30.04 -21.02 27.08
N GLN B 29 30.60 -21.28 28.26
CA GLN B 29 32.06 -21.25 28.47
C GLN B 29 32.77 -19.87 28.27
N PHE B 30 32.08 -18.77 28.51
CA PHE B 30 32.72 -17.46 28.27
C PHE B 30 32.99 -16.66 29.55
N HIS B 31 33.85 -15.68 29.35
CA HIS B 31 34.26 -14.71 30.36
C HIS B 31 34.99 -13.57 29.64
N PRO B 32 34.67 -12.30 29.95
CA PRO B 32 33.76 -11.79 31.00
C PRO B 32 32.30 -11.93 30.61
N PRO B 33 31.36 -11.72 31.56
CA PRO B 33 29.94 -12.07 31.37
C PRO B 33 29.14 -11.13 30.44
N HIS B 34 29.73 -9.99 30.08
CA HIS B 34 29.14 -9.14 29.06
C HIS B 34 29.27 -9.76 27.65
N ILE B 35 28.13 -9.84 26.96
CA ILE B 35 28.01 -10.49 25.66
C ILE B 35 26.83 -9.92 24.85
N GLU B 36 26.92 -10.04 23.52
CA GLU B 36 25.80 -9.73 22.62
C GLU B 36 25.47 -10.92 21.78
N ILE B 37 24.25 -11.38 21.94
CA ILE B 37 23.76 -12.49 21.20
C ILE B 37 22.63 -12.00 20.34
N GLN B 38 22.74 -12.25 19.04
CA GLN B 38 21.66 -12.05 18.07
C GLN B 38 21.26 -13.34 17.38
N MET B 39 20.01 -13.44 17.04
CA MET B 39 19.50 -14.55 16.25
C MET B 39 18.99 -13.97 14.93
N LEU B 40 19.33 -14.63 13.84
CA LEU B 40 19.06 -14.13 12.52
C LEU B 40 18.16 -15.05 11.71
N LYS B 41 17.22 -14.44 10.97
CA LYS B 41 16.50 -15.13 9.91
C LYS B 41 16.94 -14.52 8.62
N ASN B 42 17.39 -15.37 7.70
CA ASN B 42 17.92 -14.95 6.42
C ASN B 42 18.77 -13.68 6.49
N GLY B 43 19.67 -13.63 7.47
CA GLY B 43 20.57 -12.49 7.63
C GLY B 43 20.09 -11.37 8.53
N LYS B 44 18.78 -11.22 8.67
CA LYS B 44 18.20 -10.11 9.40
C LYS B 44 17.99 -10.49 10.85
N LYS B 45 18.18 -9.54 11.74
CA LYS B 45 17.95 -9.72 13.16
C LYS B 45 16.50 -10.10 13.48
N ILE B 46 16.31 -11.18 14.23
CA ILE B 46 14.97 -11.57 14.67
C ILE B 46 14.57 -10.69 15.86
N PRO B 47 13.38 -10.04 15.75
CA PRO B 47 13.04 -8.90 16.60
C PRO B 47 12.79 -9.24 18.06
N LYS B 48 12.06 -10.32 18.35
CA LYS B 48 11.68 -10.63 19.75
C LYS B 48 12.38 -11.89 20.30
N VAL B 49 13.62 -11.74 20.75
CA VAL B 49 14.38 -12.89 21.17
C VAL B 49 14.49 -12.95 22.68
N GLU B 50 14.22 -14.11 23.26
CA GLU B 50 14.23 -14.29 24.70
C GLU B 50 15.63 -14.67 25.21
N MET B 51 15.97 -14.18 26.40
CA MET B 51 17.31 -14.35 26.94
C MET B 51 17.25 -14.79 28.38
N SER B 52 17.73 -16.00 28.65
CA SER B 52 17.77 -16.47 30.03
C SER B 52 18.71 -15.59 30.84
N ASP B 53 18.64 -15.71 32.16
CA ASP B 53 19.47 -14.86 33.00
C ASP B 53 20.90 -15.37 33.18
N MET B 54 21.80 -14.39 33.36
CA MET B 54 23.22 -14.62 33.57
C MET B 54 23.39 -15.76 34.61
N SER B 55 24.02 -16.85 34.20
CA SER B 55 24.36 -17.90 35.13
C SER B 55 25.78 -18.30 34.91
N PHE B 56 26.43 -18.90 35.92
CA PHE B 56 27.80 -19.43 35.73
C PHE B 56 27.97 -20.87 36.18
N SER B 57 28.85 -21.60 35.50
CA SER B 57 29.12 -23.03 35.78
C SER B 57 30.13 -23.25 36.89
N LYS B 58 30.31 -24.49 37.34
CA LYS B 58 31.21 -24.71 38.49
C LYS B 58 32.67 -24.49 38.15
N ASP B 59 32.96 -24.29 36.87
CA ASP B 59 34.32 -23.96 36.41
C ASP B 59 34.49 -22.43 36.35
N TRP B 60 33.50 -21.71 36.88
CA TRP B 60 33.48 -20.24 36.90
C TRP B 60 32.98 -19.60 35.61
N SER B 61 32.78 -20.36 34.53
CA SER B 61 32.43 -19.72 33.27
C SER B 61 30.91 -19.47 33.13
N PHE B 62 30.55 -18.51 32.27
CA PHE B 62 29.17 -18.04 32.15
C PHE B 62 28.50 -18.70 30.97
N TYR B 63 27.19 -18.87 31.05
CA TYR B 63 26.42 -19.43 29.96
C TYR B 63 25.08 -18.71 29.90
N ILE B 64 24.48 -18.73 28.71
CA ILE B 64 23.20 -18.10 28.44
C ILE B 64 22.51 -18.94 27.38
N LEU B 65 21.20 -19.02 27.48
CA LEU B 65 20.37 -19.65 26.49
C LEU B 65 19.42 -18.60 25.95
N ALA B 66 19.47 -18.43 24.62
CA ALA B 66 18.66 -17.47 23.89
C ALA B 66 17.77 -18.30 23.01
N HIS B 67 16.49 -17.94 22.94
CA HIS B 67 15.56 -18.70 22.11
C HIS B 67 14.49 -17.81 21.52
N THR B 68 13.89 -18.30 20.44
CA THR B 68 12.84 -17.58 19.77
C THR B 68 11.84 -18.53 19.10
N GLU B 69 10.60 -18.10 18.92
CA GLU B 69 9.62 -18.90 18.15
C GLU B 69 10.02 -18.89 16.70
N PHE B 70 9.89 -20.02 16.02
CA PHE B 70 10.14 -20.05 14.58
C PHE B 70 9.50 -21.26 13.92
N THR B 71 9.19 -21.11 12.64
CA THR B 71 8.59 -22.16 11.87
C THR B 71 9.57 -22.49 10.77
N PRO B 72 10.33 -23.58 10.89
CA PRO B 72 11.30 -23.85 9.86
C PRO B 72 10.70 -24.22 8.51
N THR B 73 11.43 -23.88 7.48
CA THR B 73 11.08 -24.20 6.10
C THR B 73 12.29 -24.89 5.43
N GLU B 74 12.15 -25.28 4.18
CA GLU B 74 13.27 -26.02 3.52
C GLU B 74 14.38 -25.04 3.20
N THR B 75 13.96 -23.78 3.05
CA THR B 75 14.68 -22.75 2.33
C THR B 75 15.24 -21.59 3.19
N ASP B 76 14.62 -21.35 4.34
CA ASP B 76 15.06 -20.25 5.20
C ASP B 76 16.19 -20.67 6.08
N THR B 77 17.26 -19.92 6.06
CA THR B 77 18.38 -20.17 6.97
C THR B 77 18.19 -19.39 8.27
N TYR B 78 18.48 -20.07 9.37
CA TYR B 78 18.58 -19.43 10.66
C TYR B 78 20.00 -19.52 11.22
N ALA B 79 20.36 -18.52 12.01
CA ALA B 79 21.70 -18.40 12.52
C ALA B 79 21.75 -17.59 13.80
N CYS B 80 22.85 -17.74 14.51
CA CYS B 80 23.08 -17.03 15.77
C CYS B 80 24.43 -16.32 15.71
N ARG B 81 24.44 -15.03 15.98
CA ARG B 81 25.62 -14.23 15.85
C ARG B 81 26.02 -13.68 17.20
N VAL B 82 27.17 -14.12 17.70
CA VAL B 82 27.66 -13.73 19.03
C VAL B 82 28.79 -12.71 18.98
N LYS B 83 28.76 -11.72 19.87
CA LYS B 83 29.78 -10.67 19.90
C LYS B 83 30.36 -10.65 21.29
N HIS B 84 31.68 -10.75 21.42
CA HIS B 84 32.29 -10.88 22.74
C HIS B 84 33.76 -10.47 22.71
N ASP B 85 34.21 -9.85 23.80
CA ASP B 85 35.59 -9.31 23.90
C ASP B 85 36.70 -10.31 23.58
N SER B 86 36.48 -11.60 23.84
CA SER B 86 37.46 -12.63 23.49
C SER B 86 37.63 -12.80 21.99
N MET B 87 36.84 -12.08 21.18
CA MET B 87 36.86 -12.26 19.74
C MET B 87 36.98 -10.95 19.02
N ALA B 88 37.97 -10.89 18.14
CA ALA B 88 38.16 -9.70 17.33
C ALA B 88 36.93 -9.46 16.47
N GLU B 89 36.33 -10.54 15.97
CA GLU B 89 35.15 -10.47 15.12
C GLU B 89 34.00 -11.24 15.73
N PRO B 90 32.76 -10.88 15.37
CA PRO B 90 31.62 -11.68 15.83
C PRO B 90 31.61 -13.06 15.20
N LYS B 91 31.16 -14.08 15.92
CA LYS B 91 31.03 -15.42 15.36
C LYS B 91 29.53 -15.69 15.02
N THR B 92 29.32 -16.20 13.82
CA THR B 92 28.06 -16.65 13.30
C THR B 92 28.11 -18.15 13.27
N VAL B 93 27.06 -18.82 13.71
CA VAL B 93 26.94 -20.24 13.42
C VAL B 93 25.51 -20.50 12.93
N TYR B 94 25.41 -21.29 11.87
CA TYR B 94 24.19 -21.49 11.13
C TYR B 94 23.50 -22.70 11.71
N TRP B 95 22.18 -22.70 11.65
CA TRP B 95 21.42 -23.83 12.16
C TRP B 95 21.48 -24.98 11.16
N ASP B 96 22.03 -26.10 11.57
CA ASP B 96 21.90 -27.37 10.87
C ASP B 96 20.85 -28.27 11.57
N ARG B 97 19.78 -28.61 10.85
CA ARG B 97 18.69 -29.41 11.43
C ARG B 97 19.08 -30.86 11.75
N ASP B 98 20.14 -31.34 11.14
CA ASP B 98 20.64 -32.69 11.37
C ASP B 98 21.59 -32.70 12.55
N MET B 99 21.76 -31.55 13.16
CA MET B 99 22.59 -31.43 14.32
C MET B 99 21.86 -30.54 15.30
N LYS C 1 18.91 -20.95 52.39
CA LYS C 1 19.32 -19.87 53.32
C LYS C 1 20.63 -19.25 52.92
N ALA C 2 20.57 -17.97 52.59
CA ALA C 2 21.77 -17.32 52.11
C ALA C 2 22.84 -17.23 53.19
N LEU C 3 24.05 -17.60 52.79
CA LEU C 3 25.25 -17.32 53.55
C LEU C 3 25.41 -15.80 53.72
N TYR C 4 26.01 -15.38 54.82
CA TYR C 4 26.62 -14.04 54.91
C TYR C 4 28.13 -14.08 55.21
N ASN C 5 28.88 -13.29 54.45
CA ASN C 5 30.30 -13.42 54.57
C ASN C 5 30.85 -12.79 55.85
N TYR C 6 32.06 -13.24 56.20
CA TYR C 6 32.85 -12.73 57.32
C TYR C 6 33.59 -11.47 56.85
N ALA C 7 34.91 -11.46 56.87
CA ALA C 7 35.67 -10.26 56.54
C ALA C 7 35.81 -10.07 55.03
N PRO C 8 35.84 -8.84 54.58
CA PRO C 8 36.08 -8.65 53.15
C PRO C 8 37.40 -9.25 52.65
N ILE C 9 37.48 -9.46 51.35
CA ILE C 9 38.68 -9.98 50.74
C ILE C 9 39.94 -9.12 50.97
N PRO D 2 -21.08 -13.24 -21.55
CA PRO D 2 -20.02 -12.24 -21.85
C PRO D 2 -20.62 -10.91 -22.26
N HIS D 3 -20.25 -9.84 -21.55
CA HIS D 3 -20.87 -8.51 -21.71
C HIS D 3 -19.93 -7.39 -21.35
N SER D 4 -20.31 -6.19 -21.79
CA SER D 4 -19.50 -5.02 -21.57
C SER D 4 -20.37 -3.76 -21.62
N MET D 5 -19.86 -2.68 -21.03
CA MET D 5 -20.40 -1.34 -21.21
C MET D 5 -19.25 -0.38 -21.62
N ARG D 6 -19.57 0.65 -22.39
CA ARG D 6 -18.59 1.64 -22.79
C ARG D 6 -19.22 2.99 -22.92
N TYR D 7 -18.46 4.00 -22.51
CA TYR D 7 -18.78 5.37 -22.81
C TYR D 7 -17.61 5.91 -23.60
N PHE D 8 -17.92 6.30 -24.85
CA PHE D 8 -16.99 6.93 -25.77
C PHE D 8 -17.26 8.44 -25.81
N GLU D 9 -16.34 9.23 -25.27
CA GLU D 9 -16.55 10.67 -25.17
C GLU D 9 -15.62 11.44 -26.07
N THR D 10 -16.10 12.53 -26.67
CA THR D 10 -15.27 13.36 -27.59
C THR D 10 -15.47 14.85 -27.39
N ALA D 11 -14.42 15.63 -27.48
CA ALA D 11 -14.58 17.08 -27.50
C ALA D 11 -13.75 17.61 -28.62
N VAL D 12 -14.37 18.30 -29.55
CA VAL D 12 -13.65 18.83 -30.70
C VAL D 12 -13.66 20.35 -30.63
N SER D 13 -12.51 20.95 -30.85
CA SER D 13 -12.39 22.41 -31.00
C SER D 13 -12.08 22.72 -32.45
N ARG D 14 -12.61 23.84 -32.95
CA ARG D 14 -12.44 24.16 -34.37
C ARG D 14 -12.10 25.63 -34.47
N PRO D 15 -11.33 26.01 -35.51
CA PRO D 15 -10.93 27.40 -35.66
C PRO D 15 -12.18 28.23 -35.87
N GLY D 16 -12.27 29.33 -35.13
CA GLY D 16 -13.40 30.26 -35.26
C GLY D 16 -14.57 29.87 -34.36
N LEU D 17 -14.70 28.56 -34.12
CA LEU D 17 -15.74 27.99 -33.25
C LEU D 17 -15.32 28.30 -31.81
N GLU D 18 -16.06 29.20 -31.18
CA GLU D 18 -15.69 29.73 -29.89
C GLU D 18 -15.38 28.65 -28.83
N GLU D 19 -16.33 27.76 -28.58
CA GLU D 19 -16.18 26.67 -27.56
C GLU D 19 -16.23 25.29 -28.19
N PRO D 20 -15.63 24.28 -27.52
CA PRO D 20 -15.62 22.96 -28.10
C PRO D 20 -16.98 22.32 -28.03
N ARG D 21 -17.18 21.35 -28.92
CA ARG D 21 -18.36 20.53 -28.93
C ARG D 21 -18.04 19.24 -28.20
N TYR D 22 -18.92 18.85 -27.29
CA TYR D 22 -18.78 17.65 -26.48
C TYR D 22 -19.86 16.62 -26.82
N ILE D 23 -19.42 15.45 -27.26
CA ILE D 23 -20.32 14.32 -27.50
C ILE D 23 -19.94 13.13 -26.62
N SER D 24 -20.95 12.50 -26.07
CA SER D 24 -20.79 11.27 -25.31
C SER D 24 -21.84 10.26 -25.73
N VAL D 25 -21.35 9.05 -25.99
CA VAL D 25 -22.17 7.95 -26.41
C VAL D 25 -21.87 6.79 -25.50
N GLY D 26 -22.94 6.17 -25.02
CA GLY D 26 -22.78 4.98 -24.19
C GLY D 26 -23.19 3.74 -24.96
N TYR D 27 -22.52 2.62 -24.71
CA TYR D 27 -22.83 1.35 -25.34
C TYR D 27 -22.94 0.23 -24.30
N VAL D 28 -23.92 -0.66 -24.48
CA VAL D 28 -23.99 -1.92 -23.76
C VAL D 28 -23.88 -3.01 -24.80
N ASP D 29 -22.96 -3.96 -24.57
CA ASP D 29 -22.64 -5.01 -25.54
C ASP D 29 -22.45 -4.46 -26.95
N ASN D 30 -21.71 -3.36 -27.05
CA ASN D 30 -21.37 -2.73 -28.34
C ASN D 30 -22.54 -2.16 -29.08
N LYS D 31 -23.69 -2.04 -28.44
CA LYS D 31 -24.83 -1.38 -29.07
C LYS D 31 -25.15 -0.09 -28.33
N GLU D 32 -25.22 1.00 -29.09
CA GLU D 32 -25.54 2.34 -28.57
C GLU D 32 -26.78 2.29 -27.73
N PHE D 33 -26.78 2.98 -26.59
CA PHE D 33 -27.94 2.97 -25.70
C PHE D 33 -28.25 4.30 -25.08
N VAL D 34 -27.26 5.18 -24.92
CA VAL D 34 -27.54 6.61 -24.63
C VAL D 34 -26.61 7.52 -25.47
N ARG D 35 -26.91 8.81 -25.46
CA ARG D 35 -26.12 9.78 -26.18
C ARG D 35 -26.38 11.20 -25.70
N PHE D 36 -25.32 12.01 -25.59
CA PHE D 36 -25.42 13.42 -25.23
C PHE D 36 -24.66 14.25 -26.23
N ASP D 37 -25.22 15.38 -26.60
CA ASP D 37 -24.59 16.24 -27.60
C ASP D 37 -24.78 17.70 -27.27
N SER D 38 -23.68 18.39 -27.01
CA SER D 38 -23.73 19.81 -26.61
C SER D 38 -24.30 20.73 -27.68
N ASP D 39 -24.26 20.28 -28.93
CA ASP D 39 -24.84 21.03 -30.03
C ASP D 39 -26.35 21.02 -30.10
N ALA D 40 -26.99 19.97 -29.58
CA ALA D 40 -28.45 19.86 -29.61
C ALA D 40 -29.10 21.03 -28.89
N GLU D 41 -30.34 21.35 -29.29
CA GLU D 41 -30.99 22.57 -28.79
C GLU D 41 -31.12 22.55 -27.26
N ASN D 42 -31.53 21.41 -26.73
CA ASN D 42 -31.63 21.18 -25.29
C ASN D 42 -30.64 20.08 -24.91
N PRO D 43 -29.37 20.48 -24.69
CA PRO D 43 -28.29 19.52 -24.41
C PRO D 43 -28.66 18.56 -23.29
N ARG D 44 -28.93 17.32 -23.66
CA ARG D 44 -29.49 16.33 -22.77
C ARG D 44 -28.93 14.96 -23.13
N TYR D 45 -28.80 14.07 -22.16
CA TYR D 45 -28.62 12.66 -22.45
C TYR D 45 -29.96 12.11 -22.92
N GLU D 46 -30.02 11.54 -24.13
CA GLU D 46 -31.25 11.00 -24.69
C GLU D 46 -31.22 9.45 -24.73
N PRO D 47 -32.40 8.78 -24.60
CA PRO D 47 -32.41 7.34 -24.79
C PRO D 47 -32.14 7.02 -26.24
N ARG D 48 -31.44 5.92 -26.47
CA ARG D 48 -31.00 5.54 -27.83
C ARG D 48 -31.38 4.13 -28.26
N ALA D 49 -32.00 3.39 -27.36
CA ALA D 49 -32.66 2.13 -27.69
C ALA D 49 -34.05 2.15 -27.07
N PRO D 50 -34.94 1.30 -27.57
CA PRO D 50 -36.28 1.26 -26.97
C PRO D 50 -36.26 0.93 -25.47
N TRP D 51 -35.42 -0.03 -25.06
CA TRP D 51 -35.47 -0.57 -23.70
C TRP D 51 -35.05 0.42 -22.61
N MET D 52 -34.45 1.53 -23.03
CA MET D 52 -33.97 2.56 -22.11
C MET D 52 -35.01 3.57 -21.72
N GLU D 53 -36.16 3.58 -22.39
CA GLU D 53 -37.24 4.52 -22.04
C GLU D 53 -37.90 4.16 -20.70
N GLN D 54 -37.64 2.96 -20.23
CA GLN D 54 -37.94 2.53 -18.87
C GLN D 54 -37.46 3.52 -17.80
N GLU D 55 -36.28 4.08 -17.97
CA GLU D 55 -35.66 4.89 -16.94
C GLU D 55 -36.42 6.18 -16.66
N GLY D 56 -36.58 6.52 -15.39
CA GLY D 56 -37.37 7.69 -15.02
C GLY D 56 -36.62 8.98 -15.18
N PRO D 57 -37.30 10.13 -15.03
CA PRO D 57 -36.70 11.44 -15.24
C PRO D 57 -35.51 11.73 -14.35
N GLU D 58 -35.58 11.25 -13.12
CA GLU D 58 -34.53 11.45 -12.12
C GLU D 58 -33.18 10.87 -12.60
N TYR D 59 -33.25 9.76 -13.33
CA TYR D 59 -32.08 9.17 -13.97
C TYR D 59 -31.46 10.07 -15.05
N TRP D 60 -32.30 10.69 -15.88
CA TRP D 60 -31.81 11.51 -17.00
C TRP D 60 -31.19 12.80 -16.49
N GLU D 61 -31.89 13.47 -15.57
CA GLU D 61 -31.40 14.73 -15.00
C GLU D 61 -30.03 14.58 -14.36
N ARG D 62 -29.74 13.41 -13.81
CA ARG D 62 -28.44 13.14 -13.16
C ARG D 62 -27.33 12.91 -14.16
N GLU D 63 -27.57 12.01 -15.11
CA GLU D 63 -26.60 11.71 -16.16
C GLU D 63 -26.32 12.98 -16.96
N THR D 64 -27.39 13.70 -17.34
CA THR D 64 -27.25 15.01 -17.98
C THR D 64 -26.32 15.96 -17.22
N GLN D 65 -26.40 15.98 -15.90
CA GLN D 65 -25.51 16.83 -15.09
C GLN D 65 -24.07 16.35 -15.11
N LYS D 66 -23.86 15.03 -15.10
CA LYS D 66 -22.52 14.47 -15.28
C LYS D 66 -21.95 14.89 -16.62
N ALA D 67 -22.78 14.92 -17.66
CA ALA D 67 -22.34 15.37 -18.98
C ALA D 67 -21.82 16.83 -18.96
N LYS D 68 -22.60 17.73 -18.36
CA LYS D 68 -22.20 19.12 -18.30
C LYS D 68 -20.89 19.27 -17.52
N GLY D 69 -20.70 18.42 -16.51
CA GLY D 69 -19.42 18.35 -15.81
C GLY D 69 -18.27 17.90 -16.73
N GLN D 70 -18.49 16.82 -17.49
CA GLN D 70 -17.46 16.34 -18.37
C GLN D 70 -17.13 17.40 -19.41
N GLU D 71 -18.16 18.04 -19.94
CA GLU D 71 -17.98 19.09 -20.98
C GLU D 71 -16.96 20.09 -20.47
N GLN D 72 -17.12 20.49 -19.21
CA GLN D 72 -16.21 21.45 -18.58
C GLN D 72 -14.83 20.85 -18.36
N TRP D 73 -14.79 19.56 -18.07
CA TRP D 73 -13.50 18.84 -17.89
C TRP D 73 -12.68 18.75 -19.20
N PHE D 74 -13.40 18.50 -20.29
CA PHE D 74 -12.76 18.44 -21.57
C PHE D 74 -12.29 19.81 -22.04
N ARG D 75 -13.03 20.85 -21.68
CA ARG D 75 -12.69 22.20 -22.13
C ARG D 75 -11.37 22.63 -21.57
N VAL D 76 -11.24 22.49 -20.26
CA VAL D 76 -9.99 22.79 -19.58
C VAL D 76 -8.85 21.86 -20.01
N SER D 77 -9.16 20.58 -20.22
CA SER D 77 -8.14 19.63 -20.63
C SER D 77 -7.59 20.08 -21.96
N LEU D 78 -8.50 20.41 -22.88
CA LEU D 78 -8.14 20.90 -24.23
C LEU D 78 -7.20 22.08 -24.16
N ARG D 79 -7.56 23.06 -23.35
CA ARG D 79 -6.76 24.24 -23.15
C ARG D 79 -5.38 23.91 -22.62
N ASN D 80 -5.26 22.89 -21.78
CA ASN D 80 -3.97 22.56 -21.17
C ASN D 80 -3.08 21.93 -22.20
N LEU D 81 -3.69 21.12 -23.04
CA LEU D 81 -2.98 20.31 -24.03
C LEU D 81 -2.33 21.19 -25.09
N LEU D 82 -3.02 22.27 -25.46
CA LEU D 82 -2.43 23.33 -26.25
C LEU D 82 -1.07 23.76 -25.73
N GLY D 83 -1.00 23.96 -24.43
CA GLY D 83 0.23 24.39 -23.79
C GLY D 83 1.29 23.30 -23.73
N TYR D 84 0.88 22.10 -23.33
CA TYR D 84 1.77 20.98 -23.25
C TYR D 84 2.42 20.68 -24.58
N TYR D 85 1.71 20.88 -25.67
CA TYR D 85 2.20 20.54 -27.01
C TYR D 85 2.70 21.75 -27.81
N ASN D 86 2.59 22.95 -27.23
CA ASN D 86 3.12 24.18 -27.83
C ASN D 86 2.44 24.48 -29.15
N GLN D 87 1.15 24.23 -29.19
CA GLN D 87 0.34 24.54 -30.35
C GLN D 87 -0.16 25.97 -30.18
N SER D 88 -0.22 26.72 -31.25
CA SER D 88 -0.73 28.06 -31.12
C SER D 88 -2.22 28.00 -31.38
N ALA D 89 -2.83 29.18 -31.46
CA ALA D 89 -4.24 29.30 -31.79
C ALA D 89 -4.46 29.05 -33.30
N GLY D 90 -5.72 28.77 -33.64
CA GLY D 90 -6.11 28.68 -35.03
C GLY D 90 -6.06 27.30 -35.63
N GLY D 91 -6.14 26.28 -34.78
CA GLY D 91 -6.22 24.92 -35.26
C GLY D 91 -7.49 24.24 -34.79
N SER D 92 -7.71 23.02 -35.28
CA SER D 92 -8.72 22.12 -34.71
C SER D 92 -8.00 21.07 -33.87
N HIS D 93 -8.60 20.72 -32.73
CA HIS D 93 -8.05 19.66 -31.92
C HIS D 93 -9.14 18.73 -31.44
N THR D 94 -8.71 17.53 -31.05
CA THR D 94 -9.64 16.48 -30.63
C THR D 94 -9.16 15.82 -29.37
N LEU D 95 -10.01 15.71 -28.36
CA LEU D 95 -9.74 14.93 -27.16
C LEU D 95 -10.81 13.88 -27.02
N GLN D 96 -10.39 12.66 -26.76
CA GLN D 96 -11.26 11.51 -26.77
C GLN D 96 -10.95 10.64 -25.59
N GLN D 97 -12.01 10.02 -25.08
CA GLN D 97 -11.96 9.15 -23.93
C GLN D 97 -12.81 7.92 -24.20
N MET D 98 -12.24 6.77 -23.85
CA MET D 98 -12.97 5.52 -23.79
C MET D 98 -12.84 5.02 -22.35
N SER D 99 -13.97 4.62 -21.78
CA SER D 99 -13.99 4.08 -20.44
C SER D 99 -15.17 3.13 -20.26
N GLY D 100 -14.93 2.08 -19.49
CA GLY D 100 -15.96 1.10 -19.27
C GLY D 100 -15.39 -0.20 -18.75
N CYS D 101 -16.26 -1.23 -18.72
CA CYS D 101 -15.91 -2.49 -18.10
C CYS D 101 -16.44 -3.71 -18.86
N ASP D 102 -15.63 -4.78 -18.89
CA ASP D 102 -16.01 -6.07 -19.45
C ASP D 102 -16.39 -7.04 -18.34
N LEU D 103 -17.46 -7.79 -18.60
CA LEU D 103 -17.97 -8.80 -17.69
C LEU D 103 -17.91 -10.16 -18.34
N GLY D 104 -17.35 -11.15 -17.65
CA GLY D 104 -17.39 -12.54 -18.14
C GLY D 104 -18.75 -13.17 -17.91
N SER D 105 -18.97 -14.33 -18.51
CA SER D 105 -20.31 -14.99 -18.48
C SER D 105 -20.87 -15.31 -17.08
N ASP D 106 -20.01 -15.26 -16.06
CA ASP D 106 -20.43 -15.30 -14.66
C ASP D 106 -20.85 -13.92 -14.13
N TRP D 107 -20.82 -12.92 -15.02
CA TRP D 107 -21.22 -11.53 -14.71
C TRP D 107 -20.24 -10.75 -13.80
N ARG D 108 -19.10 -11.37 -13.51
CA ARG D 108 -18.04 -10.77 -12.69
C ARG D 108 -17.10 -9.90 -13.56
N LEU D 109 -16.60 -8.83 -12.97
CA LEU D 109 -15.70 -7.92 -13.66
C LEU D 109 -14.46 -8.64 -14.14
N LEU D 110 -14.25 -8.62 -15.44
CA LEU D 110 -13.11 -9.26 -16.08
C LEU D 110 -12.01 -8.22 -16.39
N ARG D 111 -12.42 -7.03 -16.80
CA ARG D 111 -11.49 -5.93 -17.03
C ARG D 111 -12.16 -4.56 -17.07
N GLY D 112 -11.43 -3.56 -16.59
CA GLY D 112 -11.86 -2.18 -16.65
C GLY D 112 -11.03 -1.38 -17.65
N TYR D 113 -11.65 -0.46 -18.38
CA TYR D 113 -10.98 0.35 -19.38
C TYR D 113 -11.08 1.83 -19.08
N LEU D 114 -9.99 2.53 -19.34
CA LEU D 114 -9.91 3.98 -19.13
C LEU D 114 -8.71 4.44 -19.93
N GLN D 115 -8.99 5.08 -21.05
CA GLN D 115 -7.91 5.57 -21.86
C GLN D 115 -8.31 6.85 -22.55
N PHE D 116 -7.29 7.64 -22.87
CA PHE D 116 -7.42 8.94 -23.43
C PHE D 116 -6.59 9.12 -24.68
N ALA D 117 -7.11 9.85 -25.67
CA ALA D 117 -6.33 10.21 -26.85
C ALA D 117 -6.56 11.65 -27.20
N TYR D 118 -5.48 12.26 -27.72
CA TYR D 118 -5.47 13.64 -28.20
C TYR D 118 -5.04 13.61 -29.66
N GLU D 119 -5.74 14.38 -30.50
CA GLU D 119 -5.49 14.36 -31.96
C GLU D 119 -5.56 12.91 -32.50
N GLY D 120 -6.41 12.08 -31.89
CA GLY D 120 -6.61 10.74 -32.36
C GLY D 120 -5.49 9.80 -32.01
N ARG D 121 -4.59 10.24 -31.16
CA ARG D 121 -3.44 9.47 -30.77
C ARG D 121 -3.41 9.23 -29.28
N ASP D 122 -2.90 8.06 -28.88
CA ASP D 122 -2.85 7.68 -27.46
C ASP D 122 -2.16 8.73 -26.62
N TYR D 123 -2.78 9.10 -25.50
CA TYR D 123 -2.24 10.14 -24.64
C TYR D 123 -1.87 9.50 -23.31
N ILE D 124 -2.87 9.03 -22.58
CA ILE D 124 -2.67 8.36 -21.29
C ILE D 124 -3.76 7.32 -21.06
N ALA D 125 -3.39 6.22 -20.40
CA ALA D 125 -4.31 5.11 -20.14
C ALA D 125 -4.04 4.48 -18.80
N LEU D 126 -5.11 4.15 -18.09
CA LEU D 126 -5.01 3.36 -16.89
C LEU D 126 -4.71 1.91 -17.25
N ASN D 127 -3.63 1.36 -16.70
CA ASN D 127 -3.27 -0.04 -16.93
C ASN D 127 -4.32 -1.00 -16.41
N GLU D 128 -4.18 -2.28 -16.75
CA GLU D 128 -5.19 -3.27 -16.36
C GLU D 128 -5.27 -3.43 -14.85
N ASP D 129 -4.18 -3.17 -14.15
CA ASP D 129 -4.13 -3.24 -12.70
C ASP D 129 -4.91 -2.15 -12.02
N LEU D 130 -5.39 -1.19 -12.78
CA LEU D 130 -6.22 -0.09 -12.24
C LEU D 130 -5.51 0.69 -11.11
N LYS D 131 -4.19 0.73 -11.20
CA LYS D 131 -3.34 1.38 -10.19
C LYS D 131 -2.25 2.20 -10.83
N THR D 132 -1.82 1.80 -12.03
CA THR D 132 -0.70 2.43 -12.72
C THR D 132 -1.08 2.97 -14.12
N TRP D 133 -0.30 3.95 -14.55
CA TRP D 133 -0.66 4.73 -15.72
C TRP D 133 0.42 4.48 -16.76
N THR D 134 -0.02 4.53 -18.01
CA THR D 134 0.82 4.49 -19.18
C THR D 134 0.61 5.77 -20.02
N ALA D 135 1.71 6.46 -20.29
CA ALA D 135 1.71 7.68 -21.09
C ALA D 135 2.98 7.82 -21.90
N ALA D 136 2.89 7.61 -23.20
CA ALA D 136 4.10 7.58 -24.06
C ALA D 136 4.79 8.95 -24.21
N ASP D 137 4.02 9.93 -24.68
CA ASP D 137 4.58 11.18 -25.13
C ASP D 137 5.24 11.90 -23.98
N MET D 138 6.33 12.60 -24.29
CA MET D 138 7.02 13.44 -23.33
C MET D 138 6.09 14.52 -22.80
N ALA D 139 5.26 15.07 -23.68
CA ALA D 139 4.26 16.09 -23.32
C ALA D 139 3.19 15.53 -22.37
N ALA D 140 3.00 14.22 -22.37
CA ALA D 140 1.98 13.65 -21.53
C ALA D 140 2.47 13.39 -20.09
N GLN D 141 3.75 13.61 -19.80
CA GLN D 141 4.30 13.17 -18.50
C GLN D 141 3.86 14.10 -17.38
N ILE D 142 3.65 15.35 -17.73
CA ILE D 142 3.09 16.31 -16.80
C ILE D 142 1.76 15.75 -16.26
N THR D 143 0.90 15.22 -17.13
CA THR D 143 -0.32 14.59 -16.67
C THR D 143 -0.08 13.31 -15.82
N ARG D 144 0.89 12.48 -16.22
CA ARG D 144 1.11 11.23 -15.51
C ARG D 144 1.56 11.46 -14.05
N ARG D 145 2.52 12.35 -13.87
CA ARG D 145 3.03 12.65 -12.55
C ARG D 145 1.92 13.21 -11.70
N LYS D 146 1.27 14.24 -12.21
CA LYS D 146 0.15 14.90 -11.53
C LYS D 146 -0.87 13.86 -11.00
N TRP D 147 -1.26 12.95 -11.86
CA TRP D 147 -2.31 11.97 -11.58
C TRP D 147 -1.84 10.88 -10.62
N GLU D 148 -0.58 10.50 -10.77
CA GLU D 148 0.03 9.53 -9.86
C GLU D 148 0.02 10.02 -8.40
N GLN D 149 0.35 11.30 -8.24
CA GLN D 149 0.42 11.96 -6.94
C GLN D 149 -0.92 12.38 -6.35
N SER D 150 -2.03 12.14 -7.04
CA SER D 150 -3.34 12.63 -6.56
C SER D 150 -4.37 11.49 -6.38
N GLY D 151 -3.92 10.25 -6.50
CA GLY D 151 -4.82 9.12 -6.39
C GLY D 151 -5.94 9.17 -7.42
N ALA D 152 -5.63 9.66 -8.62
CA ALA D 152 -6.58 9.63 -9.71
C ALA D 152 -7.04 8.19 -9.99
N ALA D 153 -6.08 7.27 -9.92
CA ALA D 153 -6.36 5.87 -10.22
C ALA D 153 -7.44 5.28 -9.29
N GLU D 154 -7.38 5.64 -8.01
CA GLU D 154 -8.35 5.08 -7.06
C GLU D 154 -9.76 5.51 -7.43
N HIS D 155 -9.90 6.75 -7.89
CA HIS D 155 -11.20 7.28 -8.29
C HIS D 155 -11.77 6.49 -9.47
N TYR D 156 -10.94 6.16 -10.44
CA TYR D 156 -11.47 5.43 -11.61
C TYR D 156 -11.66 3.94 -11.30
N LYS D 157 -10.79 3.39 -10.46
CA LYS D 157 -10.89 2.01 -10.02
C LYS D 157 -12.23 1.78 -9.33
N ALA D 158 -12.61 2.75 -8.50
CA ALA D 158 -13.92 2.72 -7.83
C ALA D 158 -15.05 2.58 -8.85
N TYR D 159 -15.04 3.41 -9.88
CA TYR D 159 -16.17 3.44 -10.81
C TYR D 159 -16.25 2.15 -11.60
N LEU D 160 -15.10 1.76 -12.14
CA LEU D 160 -15.00 0.56 -12.99
C LEU D 160 -15.44 -0.72 -12.26
N GLU D 161 -15.03 -0.80 -10.99
CA GLU D 161 -15.35 -1.95 -10.16
C GLU D 161 -16.75 -1.84 -9.54
N GLY D 162 -17.21 -0.62 -9.27
CA GLY D 162 -18.49 -0.40 -8.60
C GLY D 162 -19.58 -0.07 -9.58
N GLU D 163 -19.81 1.21 -9.78
CA GLU D 163 -20.95 1.64 -10.58
C GLU D 163 -21.05 0.95 -11.92
N CYS D 164 -19.94 0.94 -12.66
CA CYS D 164 -19.91 0.44 -14.02
C CYS D 164 -20.45 -0.97 -14.06
N VAL D 165 -20.02 -1.79 -13.11
CA VAL D 165 -20.48 -3.18 -13.02
C VAL D 165 -21.93 -3.22 -12.61
N GLU D 166 -22.20 -2.73 -11.38
CA GLU D 166 -23.54 -2.75 -10.80
C GLU D 166 -24.57 -2.23 -11.82
N TRP D 167 -24.27 -1.13 -12.51
CA TRP D 167 -25.27 -0.57 -13.44
C TRP D 167 -25.39 -1.38 -14.73
N LEU D 168 -24.30 -1.99 -15.17
CA LEU D 168 -24.38 -2.87 -16.31
C LEU D 168 -25.31 -4.03 -15.97
N HIS D 169 -25.15 -4.59 -14.78
CA HIS D 169 -26.05 -5.63 -14.29
C HIS D 169 -27.51 -5.19 -14.47
N ARG D 170 -27.81 -3.99 -13.98
CA ARG D 170 -29.17 -3.48 -13.91
C ARG D 170 -29.77 -3.31 -15.29
N TYR D 171 -28.96 -2.86 -16.24
CA TYR D 171 -29.40 -2.67 -17.63
C TYR D 171 -29.68 -4.03 -18.30
N LEU D 172 -28.79 -4.99 -18.06
CA LEU D 172 -28.87 -6.33 -18.65
C LEU D 172 -30.13 -7.09 -18.22
N LYS D 173 -30.56 -6.89 -16.99
CA LYS D 173 -31.85 -7.41 -16.54
C LYS D 173 -32.99 -6.71 -17.29
N ASN D 174 -32.87 -5.38 -17.39
CA ASN D 174 -33.90 -4.51 -17.98
C ASN D 174 -34.04 -4.63 -19.51
N GLY D 175 -32.99 -5.13 -20.16
CA GLY D 175 -33.00 -5.36 -21.61
C GLY D 175 -32.59 -6.77 -21.97
N ASN D 176 -33.41 -7.75 -21.57
CA ASN D 176 -33.15 -9.17 -21.90
C ASN D 176 -33.65 -9.55 -23.29
N ALA D 177 -34.86 -9.07 -23.63
CA ALA D 177 -35.53 -9.38 -24.92
C ALA D 177 -35.09 -8.50 -26.11
N THR D 178 -33.98 -7.75 -25.97
CA THR D 178 -33.39 -6.97 -27.10
C THR D 178 -31.86 -7.17 -27.28
N LEU D 179 -31.15 -7.52 -26.19
CA LEU D 179 -29.67 -7.74 -26.18
C LEU D 179 -29.22 -9.22 -26.06
N LEU D 180 -30.17 -10.15 -25.99
CA LEU D 180 -29.89 -11.61 -25.93
C LEU D 180 -29.89 -12.29 -27.35
N ARG D 181 -29.87 -11.47 -28.40
CA ARG D 181 -29.98 -11.94 -29.80
C ARG D 181 -28.60 -12.00 -30.50
N THR D 182 -28.45 -12.96 -31.42
CA THR D 182 -27.38 -12.92 -32.43
C THR D 182 -27.94 -13.47 -33.70
N ASP D 183 -27.89 -12.69 -34.77
CA ASP D 183 -28.36 -13.12 -36.08
C ASP D 183 -27.25 -13.90 -36.76
N SER D 184 -27.56 -15.11 -37.19
CA SER D 184 -26.61 -15.91 -37.94
C SER D 184 -26.41 -15.33 -39.33
N PRO D 185 -25.25 -15.59 -39.94
CA PRO D 185 -25.07 -15.23 -41.34
C PRO D 185 -25.85 -16.17 -42.24
N LYS D 186 -26.38 -15.63 -43.33
CA LYS D 186 -26.91 -16.42 -44.44
C LYS D 186 -25.90 -16.21 -45.55
N ALA D 187 -25.25 -17.29 -45.99
CA ALA D 187 -24.11 -17.15 -46.90
C ALA D 187 -24.38 -17.78 -48.23
N HIS D 188 -23.77 -17.22 -49.26
CA HIS D 188 -23.88 -17.77 -50.59
C HIS D 188 -22.69 -17.31 -51.43
N VAL D 189 -22.29 -18.14 -52.38
CA VAL D 189 -21.20 -17.84 -53.29
C VAL D 189 -21.77 -17.40 -54.64
N THR D 190 -21.23 -16.34 -55.22
CA THR D 190 -21.66 -15.91 -56.57
C THR D 190 -20.57 -16.16 -57.59
N HIS D 191 -21.01 -16.42 -58.83
CA HIS D 191 -20.13 -16.63 -59.98
C HIS D 191 -20.05 -15.34 -60.80
N HIS D 192 -18.82 -14.81 -60.98
CA HIS D 192 -18.56 -13.67 -61.87
C HIS D 192 -17.61 -14.10 -62.96
N PRO D 193 -18.16 -14.43 -64.16
CA PRO D 193 -17.39 -15.20 -65.13
C PRO D 193 -16.08 -14.58 -65.65
N ARG D 194 -15.57 -15.29 -66.65
CA ARG D 194 -14.18 -15.30 -67.11
C ARG D 194 -13.39 -13.98 -67.12
N SER D 195 -12.09 -14.15 -66.89
CA SER D 195 -11.06 -13.26 -67.37
C SER D 195 -10.28 -14.07 -68.47
N LYS D 196 -11.03 -14.44 -69.54
CA LYS D 196 -10.64 -15.37 -70.66
C LYS D 196 -10.06 -16.72 -70.25
N GLY D 197 -10.60 -17.28 -69.17
CA GLY D 197 -10.10 -18.53 -68.58
C GLY D 197 -10.27 -18.65 -67.07
N GLU D 198 -10.35 -17.51 -66.37
CA GLU D 198 -10.34 -17.43 -64.88
C GLU D 198 -11.53 -16.67 -64.26
N VAL D 199 -12.47 -17.39 -63.66
CA VAL D 199 -13.65 -16.77 -63.04
C VAL D 199 -13.34 -16.17 -61.67
N THR D 200 -14.33 -15.49 -61.08
CA THR D 200 -14.22 -14.98 -59.71
C THR D 200 -15.37 -15.55 -58.88
N LEU D 201 -15.01 -16.13 -57.73
CA LEU D 201 -15.97 -16.70 -56.79
C LEU D 201 -15.97 -15.78 -55.57
N ARG D 202 -17.11 -15.13 -55.38
CA ARG D 202 -17.28 -14.18 -54.29
C ARG D 202 -18.15 -14.85 -53.25
N CYS D 203 -17.71 -14.78 -52.00
CA CYS D 203 -18.39 -15.42 -50.90
C CYS D 203 -19.01 -14.37 -49.96
N TRP D 204 -20.34 -14.35 -49.92
CA TRP D 204 -21.05 -13.31 -49.22
C TRP D 204 -21.61 -13.83 -47.94
N ALA D 205 -21.53 -13.03 -46.89
CA ALA D 205 -22.23 -13.31 -45.66
C ALA D 205 -23.11 -12.12 -45.37
N LEU D 206 -24.43 -12.33 -45.30
CA LEU D 206 -25.38 -11.22 -45.13
C LEU D 206 -26.24 -11.39 -43.88
N GLY D 207 -26.70 -10.25 -43.36
CA GLY D 207 -27.70 -10.20 -42.27
C GLY D 207 -27.25 -10.73 -40.91
N PHE D 208 -25.93 -10.72 -40.67
CA PHE D 208 -25.34 -11.27 -39.42
C PHE D 208 -25.05 -10.21 -38.37
N TYR D 209 -25.08 -10.66 -37.12
CA TYR D 209 -24.87 -9.79 -35.97
C TYR D 209 -24.44 -10.69 -34.82
N PRO D 210 -23.39 -10.31 -34.07
CA PRO D 210 -22.58 -9.12 -34.16
C PRO D 210 -21.66 -9.06 -35.38
N ALA D 211 -20.90 -7.97 -35.46
CA ALA D 211 -20.10 -7.66 -36.64
C ALA D 211 -18.89 -8.57 -36.88
N ASP D 212 -18.39 -9.21 -35.83
CA ASP D 212 -17.23 -10.12 -35.97
C ASP D 212 -17.58 -11.38 -36.70
N ILE D 213 -16.77 -11.67 -37.71
CA ILE D 213 -16.98 -12.80 -38.58
C ILE D 213 -15.62 -13.19 -39.18
N THR D 214 -15.52 -14.35 -39.81
CA THR D 214 -14.31 -14.71 -40.52
C THR D 214 -14.66 -15.53 -41.76
N LEU D 215 -14.09 -15.14 -42.90
CA LEU D 215 -14.33 -15.80 -44.17
C LEU D 215 -12.99 -16.34 -44.67
N THR D 216 -12.98 -17.61 -45.06
CA THR D 216 -11.79 -18.23 -45.63
C THR D 216 -12.15 -19.10 -46.83
N TRP D 217 -11.29 -19.05 -47.84
CA TRP D 217 -11.40 -19.94 -48.98
C TRP D 217 -10.42 -21.09 -48.79
N GLN D 218 -10.81 -22.26 -49.27
CA GLN D 218 -9.96 -23.43 -49.19
C GLN D 218 -9.87 -24.13 -50.53
N LEU D 219 -8.65 -24.54 -50.89
CA LEU D 219 -8.40 -25.35 -52.09
C LEU D 219 -8.37 -26.82 -51.67
N ASN D 220 -9.55 -27.45 -51.70
CA ASN D 220 -9.74 -28.87 -51.32
C ASN D 220 -8.78 -29.28 -50.18
N GLY D 221 -8.90 -28.56 -49.06
CA GLY D 221 -8.11 -28.81 -47.86
C GLY D 221 -7.60 -27.56 -47.15
N GLU D 222 -6.40 -27.12 -47.53
CA GLU D 222 -5.75 -25.97 -46.88
C GLU D 222 -6.25 -24.61 -47.40
N GLU D 223 -6.07 -23.59 -46.57
CA GLU D 223 -6.59 -22.24 -46.83
C GLU D 223 -5.70 -21.49 -47.79
N LEU D 224 -6.18 -20.34 -48.26
CA LEU D 224 -5.45 -19.55 -49.24
C LEU D 224 -5.28 -18.12 -48.76
N THR D 225 -4.27 -17.87 -47.95
CA THR D 225 -4.10 -16.53 -47.33
C THR D 225 -3.85 -15.41 -48.35
N GLN D 226 -2.91 -15.63 -49.27
CA GLN D 226 -2.36 -14.55 -50.12
C GLN D 226 -3.17 -14.18 -51.36
N ASP D 227 -3.78 -15.18 -52.00
CA ASP D 227 -4.52 -15.00 -53.26
C ASP D 227 -5.90 -14.32 -53.07
N MET D 228 -6.31 -14.14 -51.82
CA MET D 228 -7.69 -13.78 -51.47
C MET D 228 -7.95 -12.27 -51.42
N GLU D 229 -9.18 -11.91 -51.80
CA GLU D 229 -9.64 -10.52 -51.73
C GLU D 229 -10.87 -10.38 -50.82
N LEU D 230 -10.84 -9.39 -49.94
CA LEU D 230 -11.90 -9.17 -48.96
C LEU D 230 -12.23 -7.68 -48.75
N VAL D 231 -13.32 -7.44 -48.05
CA VAL D 231 -13.74 -6.09 -47.72
C VAL D 231 -13.95 -5.99 -46.24
N GLU D 232 -13.77 -4.78 -45.74
CA GLU D 232 -14.01 -4.46 -44.35
C GLU D 232 -15.50 -4.75 -44.10
N THR D 233 -15.78 -5.36 -42.96
CA THR D 233 -17.14 -5.61 -42.55
C THR D 233 -17.94 -4.32 -42.49
N ARG D 234 -19.21 -4.39 -42.92
CA ARG D 234 -20.04 -3.19 -43.14
C ARG D 234 -21.50 -3.31 -42.67
N PRO D 235 -22.07 -2.22 -42.14
CA PRO D 235 -23.46 -2.23 -41.70
C PRO D 235 -24.42 -2.18 -42.87
N ALA D 236 -25.47 -2.99 -42.78
CA ALA D 236 -26.58 -2.96 -43.76
C ALA D 236 -27.38 -1.70 -43.60
N GLY D 237 -27.50 -1.25 -42.35
CA GLY D 237 -28.36 -0.11 -42.01
C GLY D 237 -29.51 -0.52 -41.10
N ASP D 238 -29.85 -1.80 -41.15
CA ASP D 238 -30.99 -2.39 -40.42
C ASP D 238 -30.56 -3.12 -39.15
N GLY D 239 -29.40 -2.78 -38.62
CA GLY D 239 -28.87 -3.46 -37.43
C GLY D 239 -27.95 -4.65 -37.71
N THR D 240 -28.08 -5.30 -38.87
CA THR D 240 -27.17 -6.40 -39.26
C THR D 240 -25.95 -5.92 -40.08
N PHE D 241 -25.06 -6.86 -40.38
CA PHE D 241 -23.81 -6.56 -41.09
C PHE D 241 -23.59 -7.41 -42.35
N GLN D 242 -22.64 -6.99 -43.16
CA GLN D 242 -22.31 -7.68 -44.40
C GLN D 242 -20.80 -7.80 -44.55
N LYS D 243 -20.35 -8.83 -45.24
CA LYS D 243 -18.94 -8.96 -45.61
C LYS D 243 -18.82 -9.99 -46.72
N TRP D 244 -17.78 -9.84 -47.53
CA TRP D 244 -17.48 -10.81 -48.56
C TRP D 244 -16.00 -11.04 -48.73
N ALA D 245 -15.69 -12.20 -49.28
CA ALA D 245 -14.34 -12.61 -49.63
C ALA D 245 -14.40 -13.48 -50.86
N SER D 246 -13.34 -13.40 -51.67
CA SER D 246 -13.30 -13.97 -53.04
C SER D 246 -11.90 -14.42 -53.43
N VAL D 247 -11.87 -15.25 -54.44
CA VAL D 247 -10.62 -15.76 -55.00
C VAL D 247 -10.78 -15.87 -56.51
N VAL D 248 -9.64 -16.05 -57.19
CA VAL D 248 -9.60 -16.27 -58.67
C VAL D 248 -9.32 -17.75 -59.00
N VAL D 249 -10.10 -18.31 -59.92
CA VAL D 249 -10.21 -19.79 -60.12
C VAL D 249 -10.42 -20.21 -61.58
N PRO D 250 -9.71 -21.29 -62.02
CA PRO D 250 -9.90 -21.81 -63.39
C PRO D 250 -11.35 -22.18 -63.69
N LEU D 251 -11.85 -21.68 -64.83
CA LEU D 251 -13.21 -21.94 -65.30
C LEU D 251 -13.42 -23.45 -65.48
N GLY D 252 -14.40 -24.01 -64.77
CA GLY D 252 -14.71 -25.45 -64.85
C GLY D 252 -14.23 -26.24 -63.65
N LYS D 253 -12.98 -25.98 -63.25
CA LYS D 253 -12.39 -26.53 -62.02
C LYS D 253 -12.71 -25.61 -60.84
N GLU D 254 -13.96 -25.63 -60.37
CA GLU D 254 -14.39 -24.70 -59.32
C GLU D 254 -15.10 -25.28 -58.10
N GLN D 255 -15.66 -26.49 -58.21
CA GLN D 255 -16.41 -27.09 -57.10
C GLN D 255 -15.50 -27.65 -56.00
N ASN D 256 -14.22 -27.80 -56.32
CA ASN D 256 -13.17 -28.17 -55.34
C ASN D 256 -12.74 -27.01 -54.43
N TYR D 257 -13.24 -25.81 -54.71
CA TYR D 257 -13.04 -24.63 -53.85
C TYR D 257 -14.23 -24.47 -52.88
N THR D 258 -13.89 -24.36 -51.59
CA THR D 258 -14.91 -24.29 -50.55
C THR D 258 -14.71 -23.07 -49.66
N CYS D 259 -15.84 -22.47 -49.30
CA CYS D 259 -15.84 -21.26 -48.53
C CYS D 259 -16.29 -21.55 -47.12
N ARG D 260 -15.52 -21.08 -46.14
CA ARG D 260 -15.86 -21.29 -44.74
C ARG D 260 -16.22 -19.98 -44.06
N VAL D 261 -17.30 -20.01 -43.27
CA VAL D 261 -17.80 -18.86 -42.51
C VAL D 261 -17.85 -19.16 -41.00
N TYR D 262 -17.05 -18.42 -40.24
CA TYR D 262 -17.00 -18.54 -38.78
C TYR D 262 -17.68 -17.34 -38.13
N HIS D 263 -18.67 -17.61 -37.30
CA HIS D 263 -19.39 -16.56 -36.57
C HIS D 263 -19.94 -17.22 -35.30
N GLU D 264 -20.20 -16.41 -34.29
CA GLU D 264 -20.92 -16.86 -33.09
C GLU D 264 -22.32 -17.32 -33.54
N GLY D 265 -23.22 -17.59 -32.61
CA GLY D 265 -24.61 -17.92 -32.97
C GLY D 265 -24.72 -19.09 -33.94
N LEU D 266 -23.95 -19.03 -35.01
CA LEU D 266 -23.71 -20.16 -35.89
C LEU D 266 -23.34 -21.46 -35.12
N PRO D 267 -24.23 -22.48 -35.19
CA PRO D 267 -23.99 -23.77 -34.52
C PRO D 267 -22.57 -24.28 -34.72
N GLU D 268 -22.13 -24.26 -35.98
CA GLU D 268 -20.77 -24.65 -36.34
C GLU D 268 -20.43 -23.91 -37.64
N PRO D 269 -19.12 -23.73 -37.93
CA PRO D 269 -18.71 -23.02 -39.14
C PRO D 269 -19.45 -23.50 -40.38
N LEU D 270 -19.87 -22.56 -41.21
CA LEU D 270 -20.50 -22.89 -42.49
C LEU D 270 -19.44 -23.28 -43.48
N THR D 271 -19.76 -24.28 -44.29
CA THR D 271 -18.98 -24.61 -45.49
C THR D 271 -19.89 -24.43 -46.71
N LEU D 272 -19.39 -23.73 -47.73
CA LEU D 272 -20.16 -23.50 -48.97
C LEU D 272 -19.30 -23.54 -50.23
N ARG D 273 -19.94 -23.94 -51.33
CA ARG D 273 -19.37 -23.89 -52.68
C ARG D 273 -20.41 -23.26 -53.64
N TRP D 274 -20.04 -23.12 -54.92
CA TRP D 274 -20.90 -22.50 -55.94
C TRP D 274 -22.36 -23.03 -55.93
N ILE E 1 -1.16 14.91 -39.29
CA ILE E 1 -2.02 14.44 -38.12
C ILE E 1 -3.41 13.88 -38.53
N GLN E 2 -3.52 13.39 -39.75
CA GLN E 2 -4.80 13.01 -40.31
C GLN E 2 -4.81 11.59 -40.82
N LYS E 3 -5.92 10.88 -40.60
CA LYS E 3 -6.14 9.58 -41.21
C LYS E 3 -7.17 9.76 -42.32
N THR E 4 -6.95 9.06 -43.45
CA THR E 4 -7.70 9.28 -44.69
C THR E 4 -8.84 8.24 -44.83
N PRO E 5 -10.04 8.70 -45.18
CA PRO E 5 -11.23 7.89 -45.08
C PRO E 5 -11.28 6.77 -46.06
N GLN E 6 -11.68 5.60 -45.57
CA GLN E 6 -11.98 4.44 -46.41
C GLN E 6 -13.47 4.46 -46.71
N ILE E 7 -13.82 4.11 -47.94
CA ILE E 7 -15.15 4.28 -48.44
C ILE E 7 -15.72 3.01 -49.08
N GLN E 8 -16.92 2.62 -48.69
CA GLN E 8 -17.61 1.56 -49.38
C GLN E 8 -19.01 1.99 -49.82
N VAL E 9 -19.34 1.67 -51.08
CA VAL E 9 -20.66 1.98 -51.60
C VAL E 9 -21.39 0.68 -51.93
N TYR E 10 -22.46 0.39 -51.22
CA TYR E 10 -23.16 -0.85 -51.41
C TYR E 10 -24.66 -0.70 -51.09
N SER E 11 -25.46 -1.64 -51.55
CA SER E 11 -26.89 -1.64 -51.24
C SER E 11 -27.13 -2.53 -50.04
N ARG E 12 -28.31 -2.37 -49.43
CA ARG E 12 -28.65 -3.06 -48.19
C ARG E 12 -29.07 -4.49 -48.50
N HIS E 13 -29.92 -4.62 -49.51
CA HIS E 13 -30.38 -5.91 -49.97
C HIS E 13 -29.66 -6.27 -51.24
N PRO E 14 -29.72 -7.55 -51.64
CA PRO E 14 -29.11 -7.91 -52.91
C PRO E 14 -29.77 -7.11 -54.04
N PRO E 15 -28.99 -6.36 -54.84
CA PRO E 15 -29.59 -5.40 -55.77
C PRO E 15 -30.49 -6.07 -56.82
N GLU E 16 -31.51 -5.35 -57.28
CA GLU E 16 -32.48 -5.89 -58.23
C GLU E 16 -33.11 -4.73 -59.02
N ASN E 17 -32.87 -4.73 -60.31
CA ASN E 17 -33.30 -3.61 -61.12
C ASN E 17 -34.80 -3.44 -61.01
N GLY E 18 -35.22 -2.23 -60.68
CA GLY E 18 -36.62 -1.88 -60.58
C GLY E 18 -37.21 -2.09 -59.20
N LYS E 19 -36.49 -2.77 -58.31
CA LYS E 19 -36.99 -3.08 -56.98
C LYS E 19 -36.42 -2.07 -55.97
N PRO E 20 -37.29 -1.44 -55.15
CA PRO E 20 -36.86 -0.49 -54.13
C PRO E 20 -35.82 -1.04 -53.16
N ASN E 21 -34.78 -0.25 -52.92
CA ASN E 21 -33.66 -0.70 -52.12
C ASN E 21 -33.11 0.48 -51.33
N ILE E 22 -32.02 0.26 -50.60
CA ILE E 22 -31.33 1.34 -49.91
C ILE E 22 -29.87 1.30 -50.20
N LEU E 23 -29.34 2.44 -50.64
CA LEU E 23 -27.92 2.56 -50.96
C LEU E 23 -27.16 3.21 -49.83
N ASN E 24 -26.18 2.46 -49.33
CA ASN E 24 -25.28 2.88 -48.26
C ASN E 24 -23.97 3.43 -48.77
N CYS E 25 -23.49 4.49 -48.13
CA CYS E 25 -22.11 4.94 -48.30
C CYS E 25 -21.49 4.91 -46.92
N TYR E 26 -20.51 4.03 -46.74
CA TYR E 26 -19.95 3.77 -45.43
C TYR E 26 -18.54 4.31 -45.43
N VAL E 27 -18.31 5.37 -44.64
CA VAL E 27 -17.03 6.07 -44.60
C VAL E 27 -16.41 5.85 -43.25
N THR E 28 -15.22 5.29 -43.22
CA THR E 28 -14.59 4.90 -41.95
C THR E 28 -13.12 5.31 -41.88
N GLN E 29 -12.55 5.17 -40.69
CA GLN E 29 -11.10 5.23 -40.50
C GLN E 29 -10.49 6.61 -40.72
N PHE E 30 -11.20 7.67 -40.39
CA PHE E 30 -10.72 9.03 -40.67
C PHE E 30 -10.58 9.88 -39.43
N HIS E 31 -9.75 10.89 -39.58
CA HIS E 31 -9.51 11.88 -38.56
C HIS E 31 -8.95 13.16 -39.22
N PRO E 32 -9.44 14.35 -38.81
CA PRO E 32 -10.39 14.70 -37.75
C PRO E 32 -11.83 14.41 -38.14
N PRO E 33 -12.77 14.54 -37.20
CA PRO E 33 -14.13 14.07 -37.44
C PRO E 33 -14.96 14.92 -38.42
N HIS E 34 -14.48 16.13 -38.76
CA HIS E 34 -15.16 16.96 -39.74
C HIS E 34 -14.99 16.33 -41.11
N ILE E 35 -16.12 16.09 -41.76
CA ILE E 35 -16.18 15.42 -43.07
C ILE E 35 -17.44 15.86 -43.82
N GLU E 36 -17.34 15.97 -45.14
CA GLU E 36 -18.48 16.21 -45.98
C GLU E 36 -18.71 15.02 -46.90
N ILE E 37 -19.91 14.47 -46.84
CA ILE E 37 -20.26 13.28 -47.59
C ILE E 37 -21.45 13.57 -48.48
N GLN E 38 -21.30 13.32 -49.78
CA GLN E 38 -22.37 13.45 -50.76
C GLN E 38 -22.71 12.13 -51.43
N MET E 39 -23.97 11.96 -51.82
CA MET E 39 -24.36 10.80 -52.65
C MET E 39 -24.98 11.32 -53.95
N LEU E 40 -24.56 10.76 -55.08
CA LEU E 40 -24.91 11.30 -56.39
C LEU E 40 -25.61 10.25 -57.25
N LYS E 41 -26.56 10.71 -58.05
CA LYS E 41 -27.21 9.88 -59.05
C LYS E 41 -26.98 10.55 -60.41
N ASN E 42 -26.38 9.80 -61.33
CA ASN E 42 -26.02 10.35 -62.63
C ASN E 42 -25.34 11.72 -62.51
N GLY E 43 -24.51 11.87 -61.49
CA GLY E 43 -23.70 13.08 -61.29
C GLY E 43 -24.42 14.21 -60.56
N LYS E 44 -25.64 13.92 -60.15
CA LYS E 44 -26.49 14.92 -59.50
C LYS E 44 -26.69 14.56 -58.01
N LYS E 45 -26.55 15.56 -57.16
CA LYS E 45 -26.62 15.39 -55.71
C LYS E 45 -28.01 14.96 -55.29
N ILE E 46 -28.08 13.77 -54.71
CA ILE E 46 -29.32 13.21 -54.23
C ILE E 46 -29.78 14.02 -53.04
N PRO E 47 -31.03 14.56 -53.08
CA PRO E 47 -31.51 15.55 -52.09
C PRO E 47 -31.61 15.07 -50.61
N LYS E 48 -32.36 14.01 -50.37
CA LYS E 48 -32.60 13.59 -49.00
C LYS E 48 -31.73 12.37 -48.67
N VAL E 49 -30.58 12.65 -48.08
CA VAL E 49 -29.63 11.61 -47.72
C VAL E 49 -29.53 11.59 -46.21
N GLU E 50 -29.69 10.40 -45.64
CA GLU E 50 -29.60 10.16 -44.18
C GLU E 50 -28.16 9.94 -43.71
N MET E 51 -27.81 10.55 -42.59
CA MET E 51 -26.46 10.55 -42.02
C MET E 51 -26.46 10.07 -40.56
N SER E 52 -25.69 9.05 -40.26
CA SER E 52 -25.62 8.58 -38.86
C SER E 52 -24.76 9.56 -38.06
N ASP E 53 -24.97 9.61 -36.75
CA ASP E 53 -24.29 10.56 -35.91
C ASP E 53 -22.84 10.16 -35.72
N MET E 54 -22.01 11.14 -35.37
CA MET E 54 -20.56 10.95 -35.24
C MET E 54 -20.27 9.79 -34.30
N SER E 55 -19.35 8.93 -34.67
CA SER E 55 -18.95 7.81 -33.81
C SER E 55 -17.48 7.54 -34.01
N PHE E 56 -16.85 6.89 -33.05
CA PHE E 56 -15.46 6.38 -33.25
C PHE E 56 -15.20 4.98 -32.76
N SER E 57 -14.28 4.30 -33.44
CA SER E 57 -13.90 2.93 -33.12
C SER E 57 -12.89 2.86 -32.02
N LYS E 58 -12.58 1.65 -31.56
CA LYS E 58 -11.65 1.48 -30.47
C LYS E 58 -10.23 1.84 -30.86
N ASP E 59 -9.98 2.10 -32.13
CA ASP E 59 -8.70 2.65 -32.53
C ASP E 59 -8.69 4.18 -32.65
N TRP E 60 -9.71 4.86 -32.13
CA TRP E 60 -9.81 6.33 -32.11
C TRP E 60 -10.30 6.94 -33.44
N SER E 61 -10.40 6.14 -34.50
CA SER E 61 -10.81 6.67 -35.79
C SER E 61 -12.32 6.83 -35.84
N PHE E 62 -12.77 7.85 -36.58
CA PHE E 62 -14.20 8.10 -36.73
C PHE E 62 -14.85 7.39 -37.94
N TYR E 63 -16.17 7.22 -37.89
CA TYR E 63 -16.92 6.62 -38.99
C TYR E 63 -18.37 7.14 -39.11
N ILE E 64 -18.84 7.14 -40.35
CA ILE E 64 -20.16 7.61 -40.63
C ILE E 64 -20.79 6.64 -41.64
N LEU E 65 -22.08 6.34 -41.45
CA LEU E 65 -22.86 5.66 -42.45
C LEU E 65 -23.86 6.64 -43.03
N ALA E 66 -23.81 6.81 -44.35
CA ALA E 66 -24.75 7.64 -45.08
C ALA E 66 -25.56 6.70 -45.93
N HIS E 67 -26.85 6.99 -46.06
CA HIS E 67 -27.73 6.11 -46.82
C HIS E 67 -28.92 6.86 -47.39
N THR E 68 -29.50 6.29 -48.43
CA THR E 68 -30.66 6.89 -49.07
C THR E 68 -31.51 5.82 -49.74
N GLU E 69 -32.78 6.15 -49.90
CA GLU E 69 -33.67 5.29 -50.68
C GLU E 69 -33.28 5.38 -52.13
N PHE E 70 -33.38 4.26 -52.82
CA PHE E 70 -33.10 4.24 -54.24
C PHE E 70 -33.68 3.00 -54.88
N THR E 71 -33.86 3.09 -56.19
CA THR E 71 -34.34 1.96 -56.99
C THR E 71 -33.37 1.78 -58.15
N PRO E 72 -32.48 0.76 -58.07
CA PRO E 72 -31.51 0.62 -59.14
C PRO E 72 -32.14 0.30 -60.48
N THR E 73 -31.52 0.85 -61.52
CA THR E 73 -31.79 0.48 -62.90
C THR E 73 -30.47 -0.05 -63.44
N GLU E 74 -30.49 -0.61 -64.64
CA GLU E 74 -29.27 -1.12 -65.26
C GLU E 74 -28.39 0.06 -65.59
N THR E 75 -29.04 1.19 -65.85
CA THR E 75 -28.39 2.30 -66.51
C THR E 75 -27.92 3.42 -65.60
N ASP E 76 -28.64 3.64 -64.48
CA ASP E 76 -28.33 4.77 -63.59
C ASP E 76 -27.13 4.42 -62.76
N THR E 77 -26.12 5.31 -62.80
CA THR E 77 -24.95 5.17 -61.93
C THR E 77 -25.08 6.02 -60.68
N TYR E 78 -24.64 5.42 -59.57
CA TYR E 78 -24.71 5.99 -58.24
C TYR E 78 -23.32 6.04 -57.66
N ALA E 79 -23.03 7.12 -56.96
CA ALA E 79 -21.68 7.37 -56.44
C ALA E 79 -21.74 8.11 -55.12
N CYS E 80 -20.71 7.96 -54.33
CA CYS E 80 -20.55 8.67 -53.08
C CYS E 80 -19.30 9.51 -53.20
N ARG E 81 -19.38 10.75 -52.72
CA ARG E 81 -18.32 11.72 -52.91
C ARG E 81 -17.97 12.36 -51.61
N VAL E 82 -16.74 12.15 -51.17
CA VAL E 82 -16.32 12.50 -49.83
C VAL E 82 -15.24 13.56 -49.83
N LYS E 83 -15.40 14.57 -48.97
CA LYS E 83 -14.45 15.65 -48.85
C LYS E 83 -13.90 15.62 -47.44
N HIS E 84 -12.59 15.77 -47.33
CA HIS E 84 -11.95 15.64 -46.04
C HIS E 84 -10.63 16.33 -46.09
N ASP E 85 -10.18 16.81 -44.91
CA ASP E 85 -8.90 17.54 -44.80
C ASP E 85 -7.68 16.69 -45.18
N SER E 86 -7.78 15.39 -45.03
CA SER E 86 -6.71 14.49 -45.43
C SER E 86 -6.49 14.41 -46.97
N MET E 87 -7.48 14.83 -47.75
CA MET E 87 -7.38 14.65 -49.20
C MET E 87 -7.41 15.98 -49.88
N ALA E 88 -6.37 16.26 -50.65
CA ALA E 88 -6.29 17.49 -51.40
C ALA E 88 -7.57 17.75 -52.19
N GLU E 89 -8.09 16.71 -52.86
CA GLU E 89 -9.35 16.79 -53.63
C GLU E 89 -10.34 15.76 -53.14
N PRO E 90 -11.62 16.03 -53.37
CA PRO E 90 -12.64 15.08 -52.89
C PRO E 90 -12.45 13.76 -53.57
N LYS E 91 -12.90 12.69 -52.92
CA LYS E 91 -12.85 11.36 -53.52
C LYS E 91 -14.27 10.89 -53.81
N THR E 92 -14.47 10.42 -55.04
CA THR E 92 -15.72 9.84 -55.53
C THR E 92 -15.51 8.35 -55.63
N VAL E 93 -16.50 7.56 -55.25
CA VAL E 93 -16.44 6.13 -55.54
C VAL E 93 -17.80 5.64 -56.02
N TYR E 94 -17.75 4.86 -57.10
CA TYR E 94 -18.94 4.44 -57.80
C TYR E 94 -19.46 3.15 -57.23
N TRP E 95 -20.77 3.01 -57.22
CA TRP E 95 -21.40 1.79 -56.79
C TRP E 95 -21.12 0.70 -57.82
N ASP E 96 -20.77 -0.47 -57.32
CA ASP E 96 -20.61 -1.65 -58.14
C ASP E 96 -21.52 -2.73 -57.51
N ARG E 97 -22.56 -3.12 -58.24
CA ARG E 97 -23.56 -4.05 -57.70
C ARG E 97 -22.94 -5.40 -57.35
N ASP E 98 -21.93 -5.81 -58.11
CA ASP E 98 -21.23 -7.06 -57.84
C ASP E 98 -20.35 -7.01 -56.59
N MET E 99 -20.24 -5.83 -56.00
CA MET E 99 -19.54 -5.65 -54.74
C MET E 99 -20.39 -4.83 -53.80
N LYS F 1 -24.40 3.73 -16.51
CA LYS F 1 -24.09 5.01 -15.85
C LYS F 1 -22.73 5.57 -16.27
N ALA F 2 -22.76 6.86 -16.61
CA ALA F 2 -21.56 7.59 -17.02
C ALA F 2 -20.53 7.73 -15.89
N LEU F 3 -19.28 7.68 -16.29
CA LEU F 3 -18.16 8.03 -15.48
C LEU F 3 -18.16 9.54 -15.33
N TYR F 4 -17.65 10.03 -14.21
CA TYR F 4 -17.19 11.40 -14.14
C TYR F 4 -15.72 11.47 -13.77
N ASN F 5 -14.99 12.33 -14.48
CA ASN F 5 -13.54 12.36 -14.41
C ASN F 5 -13.02 13.04 -13.15
N TYR F 6 -11.74 12.80 -12.88
CA TYR F 6 -11.07 13.28 -11.71
C TYR F 6 -10.40 14.61 -12.10
N ALA F 7 -9.09 14.74 -11.99
CA ALA F 7 -8.40 16.00 -12.26
C ALA F 7 -8.28 16.17 -13.74
N PRO F 8 -8.30 17.40 -14.23
CA PRO F 8 -8.12 17.62 -15.66
C PRO F 8 -6.77 17.09 -16.19
N ILE F 9 -6.60 17.06 -17.49
CA ILE F 9 -5.39 16.54 -18.09
C ILE F 9 -4.20 17.49 -17.88
N PRO G 2 -11.16 62.66 -2.15
CA PRO G 2 -9.74 62.50 -1.76
C PRO G 2 -9.44 61.03 -1.43
N HIS G 3 -8.34 60.49 -1.95
CA HIS G 3 -8.05 59.04 -1.82
C HIS G 3 -6.55 58.79 -1.78
N SER G 4 -6.18 57.63 -1.24
CA SER G 4 -4.77 57.29 -1.13
C SER G 4 -4.57 55.80 -1.29
N MET G 5 -3.35 55.41 -1.61
CA MET G 5 -2.91 54.04 -1.45
C MET G 5 -1.54 54.03 -0.77
N ARG G 6 -1.31 53.01 0.07
CA ARG G 6 -0.01 52.80 0.70
C ARG G 6 0.39 51.33 0.75
N TYR G 7 1.70 51.09 0.69
CA TYR G 7 2.28 49.81 1.01
C TYR G 7 3.31 50.05 2.14
N PHE G 8 3.08 49.35 3.26
CA PHE G 8 3.93 49.43 4.41
C PHE G 8 4.69 48.12 4.47
N GLU G 9 6.02 48.21 4.34
CA GLU G 9 6.85 47.03 4.26
C GLU G 9 7.84 46.99 5.40
N THR G 10 8.13 45.81 5.89
CA THR G 10 8.98 45.67 7.07
C THR G 10 9.82 44.44 6.95
N ALA G 11 11.10 44.56 7.29
CA ALA G 11 11.96 43.39 7.47
C ALA G 11 12.60 43.47 8.82
N VAL G 12 12.51 42.37 9.56
CA VAL G 12 12.98 42.31 10.94
C VAL G 12 13.93 41.14 11.13
N SER G 13 15.08 41.45 11.73
CA SER G 13 16.04 40.43 12.10
C SER G 13 16.09 40.34 13.60
N ARG G 14 16.37 39.13 14.09
CA ARG G 14 16.42 38.86 15.52
C ARG G 14 17.54 37.89 15.82
N PRO G 15 18.09 37.98 17.05
CA PRO G 15 19.20 37.07 17.39
C PRO G 15 18.76 35.60 17.46
N GLY G 16 19.60 34.72 16.96
CA GLY G 16 19.27 33.30 16.85
C GLY G 16 18.40 32.95 15.65
N LEU G 17 17.63 33.91 15.16
CA LEU G 17 16.83 33.70 13.97
C LEU G 17 17.76 33.84 12.77
N GLU G 18 17.72 32.88 11.86
CA GLU G 18 18.67 32.85 10.76
C GLU G 18 18.43 34.02 9.81
N GLU G 19 17.29 34.00 9.13
CA GLU G 19 16.95 35.02 8.13
C GLU G 19 15.87 35.97 8.62
N PRO G 20 15.84 37.19 8.09
CA PRO G 20 14.84 38.13 8.55
C PRO G 20 13.45 37.76 8.08
N ARG G 21 12.46 38.35 8.74
CA ARG G 21 11.06 38.09 8.45
C ARG G 21 10.60 39.29 7.67
N TYR G 22 9.89 39.07 6.57
CA TYR G 22 9.47 40.16 5.69
C TYR G 22 7.95 40.20 5.62
N ILE G 23 7.42 41.39 5.88
CA ILE G 23 5.98 41.61 5.93
C ILE G 23 5.65 42.83 5.14
N SER G 24 4.62 42.71 4.30
CA SER G 24 4.19 43.82 3.47
C SER G 24 2.68 43.96 3.58
N VAL G 25 2.22 45.19 3.74
CA VAL G 25 0.78 45.46 3.91
C VAL G 25 0.37 46.57 2.99
N GLY G 26 -0.73 46.33 2.29
CA GLY G 26 -1.30 47.34 1.42
C GLY G 26 -2.52 47.96 2.06
N TYR G 27 -2.68 49.27 1.88
CA TYR G 27 -3.87 49.99 2.28
C TYR G 27 -4.37 50.83 1.13
N VAL G 28 -5.71 50.90 1.04
CA VAL G 28 -6.39 51.85 0.17
C VAL G 28 -7.32 52.65 1.05
N ASP G 29 -7.33 53.97 0.88
CA ASP G 29 -8.04 54.85 1.82
C ASP G 29 -7.86 54.34 3.25
N ASN G 30 -6.60 54.13 3.62
CA ASN G 30 -6.22 53.72 4.98
C ASN G 30 -6.81 52.43 5.54
N LYS G 31 -7.46 51.65 4.68
CA LYS G 31 -8.03 50.36 5.06
C LYS G 31 -7.18 49.28 4.46
N GLU G 32 -6.67 48.40 5.31
CA GLU G 32 -5.81 47.32 4.85
C GLU G 32 -6.55 46.46 3.83
N PHE G 33 -5.93 46.16 2.70
CA PHE G 33 -6.58 45.37 1.63
C PHE G 33 -5.77 44.19 1.10
N VAL G 34 -4.45 44.19 1.30
CA VAL G 34 -3.63 43.02 0.96
C VAL G 34 -2.53 42.81 1.98
N ARG G 35 -1.91 41.63 1.94
CA ARG G 35 -0.86 41.26 2.89
C ARG G 35 -0.01 40.12 2.41
N PHE G 36 1.28 40.23 2.68
CA PHE G 36 2.26 39.17 2.46
C PHE G 36 3.06 39.02 3.76
N ASP G 37 3.34 37.79 4.15
CA ASP G 37 4.12 37.52 5.35
C ASP G 37 5.01 36.28 5.21
N SER G 38 6.31 36.53 5.08
CA SER G 38 7.31 35.49 4.82
C SER G 38 7.24 34.34 5.81
N ASP G 39 6.83 34.63 7.04
CA ASP G 39 6.68 33.58 8.07
C ASP G 39 5.55 32.57 7.87
N ALA G 40 4.57 32.86 7.01
CA ALA G 40 3.48 31.92 6.73
C ALA G 40 3.99 30.69 6.03
N GLU G 41 3.20 29.62 6.07
CA GLU G 41 3.64 28.31 5.55
C GLU G 41 3.81 28.35 4.05
N ASN G 42 2.79 28.89 3.38
CA ASN G 42 2.84 29.14 1.94
C ASN G 42 2.85 30.66 1.72
N PRO G 43 4.04 31.27 1.76
CA PRO G 43 4.08 32.73 1.80
C PRO G 43 3.53 33.30 0.51
N ARG G 44 2.56 34.17 0.65
CA ARG G 44 1.78 34.61 -0.46
C ARG G 44 1.07 35.92 -0.13
N TYR G 45 0.80 36.73 -1.15
CA TYR G 45 -0.12 37.86 -0.98
C TYR G 45 -1.52 37.28 -0.86
N GLU G 46 -2.19 37.61 0.25
CA GLU G 46 -3.57 37.22 0.50
C GLU G 46 -4.45 38.47 0.47
N PRO G 47 -5.70 38.32 -0.04
CA PRO G 47 -6.69 39.37 0.02
C PRO G 47 -7.06 39.58 1.44
N ARG G 48 -7.30 40.84 1.79
CA ARG G 48 -7.56 41.20 3.16
C ARG G 48 -8.82 42.03 3.30
N ALA G 49 -9.58 42.09 2.23
CA ALA G 49 -10.91 42.69 2.22
C ALA G 49 -11.74 41.93 1.21
N PRO G 50 -13.06 41.85 1.43
CA PRO G 50 -13.90 41.08 0.49
C PRO G 50 -13.80 41.59 -0.96
N TRP G 51 -13.79 42.90 -1.14
CA TRP G 51 -13.80 43.46 -2.49
C TRP G 51 -12.62 43.01 -3.36
N MET G 52 -11.53 42.59 -2.73
CA MET G 52 -10.31 42.21 -3.47
C MET G 52 -10.32 40.82 -4.06
N GLU G 53 -11.22 39.96 -3.61
CA GLU G 53 -11.32 38.60 -4.20
C GLU G 53 -11.69 38.63 -5.66
N GLN G 54 -12.21 39.78 -6.10
CA GLN G 54 -12.45 40.07 -7.51
C GLN G 54 -11.24 39.76 -8.41
N GLU G 55 -10.04 39.95 -7.88
CA GLU G 55 -8.85 39.71 -8.69
C GLU G 55 -8.65 38.22 -8.97
N GLY G 56 -8.22 37.92 -10.19
CA GLY G 56 -7.91 36.56 -10.61
C GLY G 56 -6.54 36.08 -10.15
N PRO G 57 -6.25 34.79 -10.34
CA PRO G 57 -5.01 34.13 -9.95
C PRO G 57 -3.72 34.73 -10.51
N GLU G 58 -3.80 35.38 -11.68
CA GLU G 58 -2.61 36.00 -12.28
C GLU G 58 -2.14 37.23 -11.49
N TYR G 59 -3.07 37.91 -10.83
CA TYR G 59 -2.73 39.05 -10.00
C TYR G 59 -1.96 38.59 -8.74
N TRP G 60 -2.44 37.53 -8.11
CA TRP G 60 -1.88 37.07 -6.85
C TRP G 60 -0.52 36.42 -7.08
N GLU G 61 -0.38 35.69 -8.17
CA GLU G 61 0.89 35.08 -8.50
C GLU G 61 2.01 36.12 -8.74
N ARG G 62 1.70 37.14 -9.54
CA ARG G 62 2.70 38.16 -9.85
C ARG G 62 3.08 38.97 -8.66
N GLU G 63 2.10 39.36 -7.86
CA GLU G 63 2.39 40.16 -6.67
C GLU G 63 3.24 39.35 -5.69
N THR G 64 2.91 38.08 -5.56
CA THR G 64 3.70 37.17 -4.74
C THR G 64 5.16 37.20 -5.21
N GLN G 65 5.35 37.08 -6.53
CA GLN G 65 6.70 37.17 -7.10
C GLN G 65 7.33 38.54 -6.81
N LYS G 66 6.53 39.59 -6.90
CA LYS G 66 7.04 40.91 -6.55
C LYS G 66 7.57 40.88 -5.11
N ALA G 67 6.72 40.38 -4.20
CA ALA G 67 7.04 40.29 -2.77
C ALA G 67 8.32 39.52 -2.54
N LYS G 68 8.45 38.34 -3.16
CA LYS G 68 9.68 37.55 -2.96
C LYS G 68 10.95 38.29 -3.42
N GLY G 69 10.85 39.07 -4.50
CA GLY G 69 11.95 39.94 -4.89
C GLY G 69 12.22 41.03 -3.86
N GLN G 70 11.15 41.65 -3.35
CA GLN G 70 11.28 42.64 -2.30
C GLN G 70 11.92 42.06 -1.03
N GLU G 71 11.60 40.82 -0.69
CA GLU G 71 12.13 40.16 0.48
C GLU G 71 13.64 40.07 0.36
N GLN G 72 14.12 39.65 -0.79
CA GLN G 72 15.54 39.65 -1.06
C GLN G 72 16.11 41.05 -1.01
N TRP G 73 15.42 42.02 -1.61
CA TRP G 73 15.92 43.40 -1.56
C TRP G 73 16.18 43.83 -0.10
N PHE G 74 15.24 43.53 0.79
CA PHE G 74 15.38 43.94 2.18
C PHE G 74 16.52 43.15 2.86
N ARG G 75 16.59 41.86 2.56
CA ARG G 75 17.69 41.07 3.09
C ARG G 75 19.01 41.74 2.82
N VAL G 76 19.27 42.11 1.58
CA VAL G 76 20.57 42.65 1.23
C VAL G 76 20.78 44.01 1.86
N SER G 77 19.74 44.82 1.85
CA SER G 77 19.79 46.15 2.48
C SER G 77 20.08 46.06 3.99
N LEU G 78 19.46 45.07 4.63
CA LEU G 78 19.63 44.84 6.08
C LEU G 78 21.08 44.52 6.40
N ARG G 79 21.65 43.72 5.54
CA ARG G 79 23.04 43.28 5.63
C ARG G 79 23.96 44.49 5.44
N ASN G 80 23.65 45.36 4.49
CA ASN G 80 24.52 46.47 4.24
C ASN G 80 24.49 47.42 5.42
N LEU G 81 23.29 47.66 5.97
CA LEU G 81 23.08 48.61 7.07
C LEU G 81 23.89 48.31 8.34
N LEU G 82 24.05 47.01 8.63
CA LEU G 82 24.91 46.53 9.70
C LEU G 82 26.31 47.09 9.53
N GLY G 83 26.79 47.03 8.28
CA GLY G 83 28.12 47.52 7.94
C GLY G 83 28.19 49.03 8.10
N TYR G 84 27.22 49.70 7.48
CA TYR G 84 27.13 51.13 7.54
C TYR G 84 27.10 51.63 8.95
N TYR G 85 26.44 50.92 9.85
CA TYR G 85 26.38 51.34 11.25
C TYR G 85 27.38 50.66 12.19
N ASN G 86 28.29 49.83 11.67
CA ASN G 86 29.24 49.10 12.54
C ASN G 86 28.55 48.34 13.66
N GLN G 87 27.46 47.70 13.33
CA GLN G 87 26.68 46.94 14.31
C GLN G 87 27.16 45.50 14.27
N SER G 88 27.67 44.97 15.37
CA SER G 88 28.17 43.62 15.25
C SER G 88 26.99 42.64 15.15
N ALA G 89 27.31 41.35 15.08
CA ALA G 89 26.28 40.31 15.09
C ALA G 89 25.72 40.17 16.50
N GLY G 90 24.46 39.76 16.58
CA GLY G 90 23.79 39.48 17.88
C GLY G 90 22.89 40.60 18.41
N GLY G 91 21.97 41.07 17.54
CA GLY G 91 21.02 42.17 17.84
C GLY G 91 19.73 42.08 17.03
N SER G 92 18.81 42.99 17.31
CA SER G 92 17.54 43.09 16.54
C SER G 92 17.61 44.32 15.69
N HIS G 93 17.20 44.17 14.43
CA HIS G 93 17.25 45.22 13.45
C HIS G 93 16.01 45.26 12.61
N THR G 94 15.60 46.46 12.23
CA THR G 94 14.33 46.66 11.55
C THR G 94 14.52 47.65 10.43
N LEU G 95 14.08 47.28 9.24
CA LEU G 95 14.07 48.16 8.09
C LEU G 95 12.64 48.33 7.59
N GLN G 96 12.15 49.56 7.52
CA GLN G 96 10.78 49.84 7.14
C GLN G 96 10.77 50.77 5.99
N GLN G 97 9.72 50.60 5.18
CA GLN G 97 9.43 51.41 4.02
C GLN G 97 7.95 51.76 4.04
N MET G 98 7.64 53.01 3.70
CA MET G 98 6.29 53.40 3.27
C MET G 98 6.36 54.00 1.88
N SER G 99 5.39 53.62 1.04
CA SER G 99 5.33 54.09 -0.32
C SER G 99 3.92 54.04 -0.80
N GLY G 100 3.52 55.08 -1.54
CA GLY G 100 2.18 55.19 -2.08
C GLY G 100 1.86 56.56 -2.67
N CYS G 101 0.60 56.76 -3.06
CA CYS G 101 0.16 58.00 -3.70
C CYS G 101 -1.03 58.63 -3.02
N ASP G 102 -1.17 59.93 -3.18
CA ASP G 102 -2.33 60.67 -2.67
C ASP G 102 -3.04 61.27 -3.84
N LEU G 103 -4.32 60.94 -3.97
CA LEU G 103 -5.14 61.57 -5.00
C LEU G 103 -6.04 62.62 -4.38
N GLY G 104 -6.20 63.73 -5.08
CA GLY G 104 -7.23 64.70 -4.73
C GLY G 104 -8.61 64.15 -5.07
N SER G 105 -9.65 64.97 -4.88
CA SER G 105 -11.02 64.51 -5.18
C SER G 105 -11.30 64.43 -6.68
N ASP G 106 -10.49 65.12 -7.47
CA ASP G 106 -10.48 64.97 -8.93
C ASP G 106 -9.76 63.69 -9.42
N TRP G 107 -9.28 62.88 -8.48
CA TRP G 107 -8.62 61.58 -8.78
C TRP G 107 -7.24 61.75 -9.42
N ARG G 108 -6.76 62.97 -9.40
CA ARG G 108 -5.48 63.37 -9.98
C ARG G 108 -4.42 63.25 -8.89
N LEU G 109 -3.19 62.90 -9.28
CA LEU G 109 -2.12 62.71 -8.27
C LEU G 109 -1.87 64.02 -7.54
N LEU G 110 -1.80 63.94 -6.22
CA LEU G 110 -1.52 65.09 -5.39
C LEU G 110 -0.06 65.01 -4.91
N ARG G 111 0.29 63.89 -4.34
CA ARG G 111 1.62 63.73 -3.79
C ARG G 111 1.99 62.23 -3.83
N GLY G 112 3.27 61.99 -4.08
CA GLY G 112 3.87 60.66 -4.01
C GLY G 112 4.74 60.53 -2.74
N TYR G 113 4.85 59.32 -2.22
CA TYR G 113 5.54 59.07 -0.96
C TYR G 113 6.46 57.90 -1.14
N LEU G 114 7.66 58.05 -0.63
CA LEU G 114 8.64 56.97 -0.68
C LEU G 114 9.69 57.28 0.38
N GLN G 115 9.55 56.64 1.54
CA GLN G 115 10.49 56.82 2.64
C GLN G 115 10.83 55.50 3.33
N PHE G 116 12.02 55.51 3.92
CA PHE G 116 12.59 54.34 4.54
C PHE G 116 13.04 54.69 5.93
N ALA G 117 12.94 53.74 6.83
CA ALA G 117 13.45 53.91 8.19
C ALA G 117 14.25 52.70 8.59
N TYR G 118 15.30 52.97 9.36
CA TYR G 118 16.13 51.94 9.93
C TYR G 118 16.10 52.10 11.44
N GLU G 119 15.97 50.99 12.14
CA GLU G 119 15.79 50.96 13.59
C GLU G 119 14.67 51.90 14.05
N GLY G 120 13.67 52.13 13.20
CA GLY G 120 12.52 52.96 13.57
C GLY G 120 12.81 54.44 13.42
N ARG G 121 14.03 54.76 13.02
CA ARG G 121 14.47 56.10 12.74
C ARG G 121 14.51 56.36 11.23
N ASP G 122 14.27 57.61 10.88
CA ASP G 122 14.37 58.05 9.48
C ASP G 122 15.71 57.77 8.88
N TYR G 123 15.70 57.16 7.71
CA TYR G 123 16.94 56.85 7.05
C TYR G 123 17.04 57.67 5.79
N ILE G 124 16.19 57.38 4.82
CA ILE G 124 16.22 58.13 3.59
C ILE G 124 14.80 58.22 3.02
N ALA G 125 14.48 59.39 2.48
CA ALA G 125 13.18 59.65 1.87
C ALA G 125 13.36 60.41 0.58
N LEU G 126 12.51 60.07 -0.36
CA LEU G 126 12.37 60.81 -1.58
C LEU G 126 11.52 62.03 -1.27
N ASN G 127 12.00 63.19 -1.68
CA ASN G 127 11.30 64.45 -1.50
C ASN G 127 10.10 64.56 -2.39
N GLU G 128 9.27 65.55 -2.08
CA GLU G 128 7.99 65.75 -2.80
C GLU G 128 8.20 66.06 -4.30
N ASP G 129 9.35 66.62 -4.68
CA ASP G 129 9.66 66.83 -6.10
C ASP G 129 9.87 65.53 -6.87
N LEU G 130 10.03 64.42 -6.15
CA LEU G 130 10.20 63.09 -6.75
C LEU G 130 11.48 63.00 -7.57
N LYS G 131 12.35 64.00 -7.43
CA LYS G 131 13.63 64.06 -8.13
C LYS G 131 14.83 64.03 -7.19
N THR G 132 14.67 64.53 -5.96
CA THR G 132 15.76 64.57 -4.97
C THR G 132 15.48 63.77 -3.68
N TRP G 133 16.54 63.52 -2.91
CA TRP G 133 16.48 62.72 -1.68
C TRP G 133 16.80 63.53 -0.43
N THR G 134 16.33 63.04 0.70
CA THR G 134 16.69 63.57 2.02
C THR G 134 17.25 62.43 2.85
N ALA G 135 18.41 62.65 3.41
CA ALA G 135 19.12 61.61 4.13
C ALA G 135 19.93 62.31 5.19
N ALA G 136 19.51 62.18 6.43
CA ALA G 136 20.14 62.92 7.52
C ALA G 136 21.46 62.27 8.00
N ASP G 137 21.44 60.97 8.29
CA ASP G 137 22.56 60.32 8.98
C ASP G 137 23.75 60.34 8.06
N MET G 138 24.95 60.47 8.66
CA MET G 138 26.21 60.30 7.93
C MET G 138 26.27 58.94 7.24
N ALA G 139 25.76 57.91 7.90
CA ALA G 139 25.68 56.57 7.31
C ALA G 139 24.77 56.52 6.13
N ALA G 140 23.76 57.36 6.10
CA ALA G 140 22.76 57.33 5.03
C ALA G 140 23.24 58.02 3.76
N GLN G 141 24.40 58.69 3.83
CA GLN G 141 24.93 59.43 2.67
C GLN G 141 25.42 58.50 1.56
N ILE G 142 25.92 57.35 1.96
CA ILE G 142 26.36 56.30 1.04
C ILE G 142 25.20 55.88 0.15
N THR G 143 24.08 55.59 0.76
CA THR G 143 22.88 55.28 0.02
C THR G 143 22.49 56.42 -0.92
N ARG G 144 22.47 57.64 -0.42
CA ARG G 144 22.02 58.78 -1.20
C ARG G 144 22.89 59.03 -2.43
N ARG G 145 24.21 58.95 -2.28
CA ARG G 145 25.10 59.02 -3.43
C ARG G 145 24.85 57.91 -4.47
N LYS G 146 24.80 56.65 -4.00
CA LYS G 146 24.48 55.49 -4.83
C LYS G 146 23.23 55.74 -5.65
N TRP G 147 22.17 56.12 -4.96
CA TRP G 147 20.84 56.28 -5.54
C TRP G 147 20.70 57.48 -6.44
N GLU G 148 21.59 58.45 -6.28
CA GLU G 148 21.55 59.66 -7.09
C GLU G 148 22.22 59.37 -8.42
N GLN G 149 23.39 58.74 -8.34
CA GLN G 149 24.12 58.32 -9.51
C GLN G 149 23.38 57.34 -10.37
N SER G 150 22.66 56.40 -9.77
CA SER G 150 21.99 55.32 -10.52
C SER G 150 20.62 55.74 -11.11
N GLY G 151 20.14 56.92 -10.70
CA GLY G 151 18.87 57.43 -11.19
C GLY G 151 17.70 56.76 -10.51
N ALA G 152 17.87 56.43 -9.23
CA ALA G 152 16.86 55.70 -8.50
C ALA G 152 15.54 56.43 -8.48
N ALA G 153 15.59 57.76 -8.36
CA ALA G 153 14.35 58.54 -8.19
C ALA G 153 13.44 58.39 -9.40
N GLU G 154 14.03 58.29 -10.58
CA GLU G 154 13.23 58.23 -11.79
C GLU G 154 12.42 56.95 -11.78
N HIS G 155 13.02 55.89 -11.25
CA HIS G 155 12.34 54.61 -11.16
C HIS G 155 11.10 54.73 -10.28
N TYR G 156 11.31 55.24 -9.07
CA TYR G 156 10.22 55.38 -8.10
C TYR G 156 9.16 56.37 -8.54
N LYS G 157 9.60 57.47 -9.14
CA LYS G 157 8.71 58.50 -9.69
C LYS G 157 7.71 57.92 -10.70
N ALA G 158 8.21 57.06 -11.58
CA ALA G 158 7.39 56.36 -12.55
C ALA G 158 6.33 55.51 -11.84
N TYR G 159 6.75 54.72 -10.85
CA TYR G 159 5.79 53.88 -10.15
C TYR G 159 4.69 54.75 -9.56
N LEU G 160 5.11 55.75 -8.80
CA LEU G 160 4.19 56.63 -8.06
C LEU G 160 3.19 57.39 -8.94
N GLU G 161 3.69 57.96 -10.04
CA GLU G 161 2.86 58.70 -11.00
C GLU G 161 2.09 57.80 -11.94
N GLY G 162 2.45 56.54 -12.05
CA GLY G 162 1.76 55.60 -12.94
C GLY G 162 1.00 54.51 -12.21
N GLU G 163 1.62 53.34 -12.11
CA GLU G 163 0.96 52.15 -11.52
C GLU G 163 0.22 52.44 -10.25
N CYS G 164 0.88 53.18 -9.36
CA CYS G 164 0.28 53.54 -8.11
C CYS G 164 -1.07 54.12 -8.41
N VAL G 165 -1.09 55.12 -9.30
CA VAL G 165 -2.32 55.86 -9.58
C VAL G 165 -3.28 54.96 -10.31
N GLU G 166 -2.81 54.35 -11.41
CA GLU G 166 -3.65 53.52 -12.26
C GLU G 166 -4.32 52.44 -11.42
N TRP G 167 -3.53 51.68 -10.67
CA TRP G 167 -4.11 50.62 -9.88
C TRP G 167 -4.99 51.12 -8.77
N LEU G 168 -4.68 52.31 -8.22
CA LEU G 168 -5.58 52.90 -7.21
C LEU G 168 -6.94 53.24 -7.84
N HIS G 169 -6.94 53.81 -9.04
CA HIS G 169 -8.20 54.10 -9.72
C HIS G 169 -9.00 52.84 -9.92
N ARG G 170 -8.30 51.75 -10.17
CA ARG G 170 -8.94 50.47 -10.44
C ARG G 170 -9.57 49.92 -9.17
N TYR G 171 -8.84 50.02 -8.07
CA TYR G 171 -9.33 49.55 -6.77
C TYR G 171 -10.53 50.35 -6.27
N LEU G 172 -10.57 51.65 -6.58
CA LEU G 172 -11.66 52.52 -6.12
C LEU G 172 -12.98 52.21 -6.84
N LYS G 173 -12.89 51.70 -8.07
CA LYS G 173 -14.06 51.20 -8.79
C LYS G 173 -14.59 49.89 -8.19
N ASN G 174 -13.69 48.98 -7.87
CA ASN G 174 -14.06 47.65 -7.34
C ASN G 174 -14.60 47.67 -5.90
N GLY G 175 -14.21 48.68 -5.14
CA GLY G 175 -14.67 48.79 -3.77
C GLY G 175 -15.33 50.12 -3.53
N ASN G 176 -16.30 50.46 -4.40
CA ASN G 176 -17.03 51.72 -4.28
C ASN G 176 -18.16 51.60 -3.23
N ALA G 177 -18.58 50.36 -2.93
CA ALA G 177 -19.65 50.10 -1.93
C ALA G 177 -19.15 49.92 -0.46
N THR G 178 -17.85 49.75 -0.24
CA THR G 178 -17.25 49.55 1.15
C THR G 178 -16.24 50.67 1.61
N LEU G 179 -15.86 51.57 0.69
CA LEU G 179 -14.89 52.69 0.96
C LEU G 179 -15.46 54.10 0.68
N LEU G 180 -16.80 54.22 0.70
CA LEU G 180 -17.48 55.50 0.54
C LEU G 180 -18.17 55.90 1.86
N ARG G 181 -17.45 55.74 2.97
CA ARG G 181 -18.04 55.91 4.31
C ARG G 181 -17.15 56.75 5.22
N THR G 182 -17.78 57.59 6.02
CA THR G 182 -17.16 58.15 7.22
C THR G 182 -18.26 58.25 8.27
N ASP G 183 -18.04 57.60 9.42
CA ASP G 183 -19.04 57.54 10.49
C ASP G 183 -18.83 58.66 11.49
N SER G 184 -19.91 59.38 11.75
CA SER G 184 -19.88 60.50 12.69
C SER G 184 -19.73 60.00 14.11
N PRO G 185 -19.10 60.79 14.98
CA PRO G 185 -19.06 60.46 16.38
C PRO G 185 -20.39 60.72 17.10
N LYS G 186 -20.71 59.86 18.04
CA LYS G 186 -21.80 60.08 18.97
C LYS G 186 -21.11 60.48 20.27
N ALA G 187 -21.52 61.62 20.82
CA ALA G 187 -20.88 62.18 21.99
C ALA G 187 -21.86 62.34 23.14
N HIS G 188 -21.35 62.14 24.35
CA HIS G 188 -22.13 62.30 25.56
C HIS G 188 -21.14 62.65 26.67
N VAL G 189 -21.66 63.24 27.73
CA VAL G 189 -20.82 63.63 28.87
C VAL G 189 -21.26 62.92 30.14
N THR G 190 -20.33 62.16 30.74
CA THR G 190 -20.61 61.46 31.99
C THR G 190 -20.33 62.35 33.18
N HIS G 191 -20.96 61.97 34.29
CA HIS G 191 -20.81 62.64 35.56
C HIS G 191 -20.13 61.69 36.55
N HIS G 192 -18.86 62.00 36.83
CA HIS G 192 -18.12 61.33 37.88
C HIS G 192 -18.04 62.32 39.02
N PRO G 193 -18.53 61.85 40.22
CA PRO G 193 -18.69 62.56 41.48
C PRO G 193 -17.64 63.56 41.92
N ARG G 194 -17.96 64.18 43.05
CA ARG G 194 -17.04 65.02 43.80
C ARG G 194 -15.59 64.47 43.96
N SER G 195 -14.74 65.38 44.41
CA SER G 195 -13.43 65.09 44.98
C SER G 195 -13.43 65.73 46.40
N LYS G 196 -14.60 65.62 47.03
CA LYS G 196 -15.11 66.46 48.15
C LYS G 196 -15.24 67.97 47.83
N GLY G 197 -15.80 68.28 46.66
CA GLY G 197 -16.03 69.66 46.21
C GLY G 197 -16.06 69.83 44.70
N GLU G 198 -15.27 69.00 44.00
CA GLU G 198 -15.09 69.08 42.55
C GLU G 198 -15.43 67.75 41.82
N VAL G 199 -16.38 67.80 40.88
CA VAL G 199 -16.71 66.65 40.01
C VAL G 199 -15.80 66.67 38.79
N THR G 200 -15.59 65.49 38.18
CA THR G 200 -14.93 65.38 36.89
C THR G 200 -16.01 65.23 35.80
N LEU G 201 -15.96 66.11 34.81
CA LEU G 201 -16.80 66.03 33.61
C LEU G 201 -15.96 65.38 32.52
N ARG G 202 -16.47 64.28 31.97
CA ARG G 202 -15.72 63.50 30.99
C ARG G 202 -16.49 63.38 29.68
N CYS G 203 -15.93 63.98 28.63
CA CYS G 203 -16.53 63.95 27.30
C CYS G 203 -16.09 62.75 26.46
N TRP G 204 -17.06 61.90 26.13
CA TRP G 204 -16.81 60.75 25.31
C TRP G 204 -17.15 61.07 23.85
N ALA G 205 -16.34 60.51 22.96
CA ALA G 205 -16.69 60.41 21.56
C ALA G 205 -16.60 58.95 21.20
N LEU G 206 -17.70 58.36 20.72
CA LEU G 206 -17.71 56.95 20.37
C LEU G 206 -18.18 56.72 18.93
N GLY G 207 -17.79 55.58 18.37
CA GLY G 207 -18.31 55.14 17.08
C GLY G 207 -17.93 55.94 15.84
N PHE G 208 -16.81 56.66 15.91
CA PHE G 208 -16.40 57.50 14.78
C PHE G 208 -15.39 56.87 13.87
N TYR G 209 -15.41 57.32 12.61
CA TYR G 209 -14.46 56.85 11.60
C TYR G 209 -14.34 57.94 10.53
N PRO G 210 -13.11 58.29 10.14
CA PRO G 210 -11.84 57.74 10.61
C PRO G 210 -11.40 58.23 12.01
N ALA G 211 -10.22 57.80 12.44
CA ALA G 211 -9.74 58.03 13.80
C ALA G 211 -9.53 59.48 14.19
N ASP G 212 -9.22 60.34 13.22
CA ASP G 212 -8.85 61.72 13.53
C ASP G 212 -10.05 62.49 14.03
N ILE G 213 -9.87 63.09 15.20
CA ILE G 213 -10.94 63.78 15.92
C ILE G 213 -10.25 64.75 16.85
N THR G 214 -10.92 65.82 17.23
CA THR G 214 -10.38 66.74 18.22
C THR G 214 -11.45 67.03 19.24
N LEU G 215 -11.10 66.84 20.51
CA LEU G 215 -12.01 67.12 21.64
C LEU G 215 -11.49 68.33 22.42
N THR G 216 -12.32 69.36 22.57
CA THR G 216 -11.95 70.59 23.29
C THR G 216 -13.04 71.05 24.27
N TRP G 217 -12.65 71.22 25.53
CA TRP G 217 -13.55 71.72 26.57
C TRP G 217 -13.52 73.24 26.60
N GLN G 218 -14.68 73.85 26.78
CA GLN G 218 -14.80 75.31 26.91
C GLN G 218 -15.51 75.69 28.20
N LEU G 219 -15.17 76.88 28.69
CA LEU G 219 -15.89 77.51 29.80
C LEU G 219 -16.42 78.83 29.27
N ASN G 220 -17.73 78.90 29.13
CA ASN G 220 -18.42 80.10 28.63
C ASN G 220 -17.55 80.83 27.60
N GLY G 221 -17.20 80.15 26.50
CA GLY G 221 -16.48 80.79 25.40
C GLY G 221 -15.08 80.26 25.19
N GLU G 222 -14.23 80.41 26.20
CA GLU G 222 -12.79 80.06 26.08
C GLU G 222 -12.46 78.59 26.33
N GLU G 223 -11.59 78.02 25.47
CA GLU G 223 -11.18 76.61 25.59
C GLU G 223 -10.16 76.44 26.72
N LEU G 224 -10.36 75.41 27.55
CA LEU G 224 -9.40 75.08 28.62
C LEU G 224 -8.37 74.09 28.10
N THR G 225 -7.31 74.62 27.51
CA THR G 225 -6.35 73.83 26.75
C THR G 225 -5.35 73.06 27.63
N GLN G 226 -4.84 73.71 28.68
CA GLN G 226 -3.71 73.17 29.48
C GLN G 226 -4.19 72.33 30.68
N ASP G 227 -5.34 72.70 31.25
CA ASP G 227 -5.94 72.01 32.40
C ASP G 227 -7.00 71.00 31.90
N MET G 228 -6.55 69.83 31.45
CA MET G 228 -7.46 68.86 30.79
C MET G 228 -6.81 67.48 30.57
N GLU G 229 -7.59 66.42 30.88
CA GLU G 229 -7.15 65.03 30.70
C GLU G 229 -7.77 64.39 29.46
N LEU G 230 -6.98 63.60 28.73
CA LEU G 230 -7.47 62.89 27.53
C LEU G 230 -6.65 61.64 27.20
N VAL G 231 -7.30 60.61 26.67
CA VAL G 231 -6.62 59.39 26.27
C VAL G 231 -6.30 59.46 24.80
N GLU G 232 -5.29 58.69 24.39
CA GLU G 232 -4.93 58.58 22.99
C GLU G 232 -6.08 57.84 22.33
N THR G 233 -6.49 58.28 21.12
CA THR G 233 -7.55 57.63 20.33
C THR G 233 -7.25 56.14 20.17
N ARG G 234 -8.30 55.33 20.33
CA ARG G 234 -8.19 53.86 20.38
C ARG G 234 -9.32 53.19 19.59
N PRO G 235 -9.04 52.04 18.95
CA PRO G 235 -10.08 51.28 18.25
C PRO G 235 -11.01 50.56 19.20
N ALA G 236 -12.28 50.55 18.83
CA ALA G 236 -13.33 49.80 19.53
C ALA G 236 -13.14 48.31 19.26
N GLY G 237 -12.70 48.02 18.03
CA GLY G 237 -12.53 46.66 17.56
C GLY G 237 -13.53 46.34 16.47
N ASP G 238 -14.58 47.14 16.34
CA ASP G 238 -15.61 46.97 15.31
C ASP G 238 -15.35 47.86 14.09
N GLY G 239 -14.15 48.44 14.00
CA GLY G 239 -13.84 49.33 12.89
C GLY G 239 -14.00 50.84 13.15
N THR G 240 -14.59 51.22 14.28
CA THR G 240 -14.66 52.61 14.67
C THR G 240 -13.74 52.90 15.84
N PHE G 241 -13.69 54.17 16.23
CA PHE G 241 -12.76 54.63 17.23
C PHE G 241 -13.44 55.36 18.38
N GLN G 242 -12.70 55.38 19.49
CA GLN G 242 -13.12 55.98 20.74
C GLN G 242 -12.03 56.94 21.20
N LYS G 243 -12.48 58.05 21.76
CA LYS G 243 -11.61 58.99 22.49
C LYS G 243 -12.43 59.66 23.59
N TRP G 244 -11.76 60.10 24.65
CA TRP G 244 -12.43 60.94 25.65
C TRP G 244 -11.53 62.02 26.22
N ALA G 245 -12.17 63.07 26.70
CA ALA G 245 -11.47 64.18 27.31
C ALA G 245 -12.25 64.67 28.51
N SER G 246 -11.54 64.95 29.61
CA SER G 246 -12.19 65.34 30.87
C SER G 246 -11.53 66.54 31.55
N VAL G 247 -12.32 67.18 32.41
CA VAL G 247 -11.87 68.30 33.23
C VAL G 247 -12.51 68.21 34.61
N VAL G 248 -11.91 68.93 35.55
CA VAL G 248 -12.41 69.06 36.93
C VAL G 248 -13.15 70.41 37.07
N VAL G 249 -14.33 70.37 37.69
CA VAL G 249 -15.25 71.52 37.76
C VAL G 249 -16.00 71.58 39.09
N PRO G 250 -16.13 72.80 39.69
CA PRO G 250 -16.90 72.95 40.94
C PRO G 250 -18.37 72.55 40.82
N LEU G 251 -18.83 71.68 41.72
CA LEU G 251 -20.19 71.10 41.69
C LEU G 251 -21.28 72.20 41.70
N GLY G 252 -22.39 71.94 41.01
CA GLY G 252 -23.45 72.94 40.85
C GLY G 252 -23.19 73.85 39.65
N LYS G 253 -22.15 74.68 39.75
CA LYS G 253 -21.73 75.54 38.64
C LYS G 253 -20.88 74.73 37.65
N GLU G 254 -21.60 73.95 36.83
CA GLU G 254 -21.01 73.09 35.80
C GLU G 254 -21.65 73.28 34.41
N GLN G 255 -22.94 73.62 34.37
CA GLN G 255 -23.69 73.78 33.09
C GLN G 255 -23.10 74.83 32.13
N ASN G 256 -22.22 75.69 32.65
CA ASN G 256 -21.48 76.68 31.84
C ASN G 256 -20.14 76.16 31.26
N TYR G 257 -19.99 74.83 31.24
CA TYR G 257 -18.87 74.16 30.58
C TYR G 257 -19.39 73.37 29.38
N THR G 258 -18.78 73.57 28.21
CA THR G 258 -19.21 72.91 26.96
C THR G 258 -18.09 72.12 26.25
N CYS G 259 -18.48 70.95 25.77
CA CYS G 259 -17.56 70.07 25.04
C CYS G 259 -17.77 70.28 23.54
N ARG G 260 -16.69 70.47 22.79
CA ARG G 260 -16.79 70.56 21.34
C ARG G 260 -16.02 69.45 20.67
N VAL G 261 -16.69 68.71 19.79
CA VAL G 261 -16.12 67.57 19.10
C VAL G 261 -15.97 67.93 17.65
N TYR G 262 -14.74 67.84 17.15
CA TYR G 262 -14.41 68.19 15.75
C TYR G 262 -14.05 66.94 14.94
N HIS G 263 -14.77 66.70 13.85
CA HIS G 263 -14.59 65.50 13.03
C HIS G 263 -15.15 65.78 11.65
N GLU G 264 -14.55 65.17 10.64
CA GLU G 264 -15.11 65.20 9.27
C GLU G 264 -16.41 64.39 9.17
N GLY G 265 -17.18 64.66 8.12
CA GLY G 265 -18.52 64.04 7.98
C GLY G 265 -19.55 64.56 8.97
N LEU G 266 -19.08 64.95 10.16
CA LEU G 266 -19.86 65.75 11.11
C LEU G 266 -20.24 67.09 10.43
N PRO G 267 -21.56 67.41 10.33
CA PRO G 267 -21.95 68.55 9.48
C PRO G 267 -21.30 69.85 9.96
N GLU G 268 -21.42 70.08 11.26
CA GLU G 268 -20.68 71.12 11.97
C GLU G 268 -20.00 70.44 13.14
N PRO G 269 -19.14 71.16 13.84
CA PRO G 269 -18.70 70.65 15.14
C PRO G 269 -19.87 70.46 16.13
N LEU G 270 -19.73 69.49 17.03
CA LEU G 270 -20.74 69.23 18.07
C LEU G 270 -20.49 70.08 19.31
N THR G 271 -21.60 70.51 19.92
CA THR G 271 -21.59 71.30 21.16
C THR G 271 -22.39 70.56 22.22
N LEU G 272 -21.77 70.28 23.36
CA LEU G 272 -22.38 69.42 24.38
C LEU G 272 -22.12 69.85 25.84
N ARG G 273 -23.13 69.61 26.68
CA ARG G 273 -23.07 69.79 28.13
C ARG G 273 -23.76 68.61 28.80
N TRP G 274 -23.93 68.68 30.12
CA TRP G 274 -24.72 67.71 30.88
C TRP G 274 -26.18 67.76 30.41
N ILE H 1 18.01 51.63 21.51
CA ILE H 1 17.23 52.00 20.26
C ILE H 1 15.74 51.53 20.27
N GLN H 2 15.11 51.59 21.42
CA GLN H 2 13.82 50.91 21.60
C GLN H 2 12.76 51.85 22.19
N LYS H 3 11.54 51.76 21.66
CA LYS H 3 10.43 52.58 22.14
C LYS H 3 9.56 51.67 22.97
N THR H 4 9.14 52.16 24.13
CA THR H 4 8.47 51.33 25.12
C THR H 4 6.95 51.39 24.96
N PRO H 5 6.26 50.23 25.01
CA PRO H 5 4.84 50.16 24.66
C PRO H 5 3.88 50.93 25.58
N GLN H 6 2.97 51.67 24.99
CA GLN H 6 1.89 52.35 25.69
C GLN H 6 0.66 51.47 25.63
N ILE H 7 -0.04 51.36 26.75
CA ILE H 7 -1.05 50.33 26.92
C ILE H 7 -2.37 50.89 27.37
N GLN H 8 -3.44 50.48 26.71
CA GLN H 8 -4.77 50.86 27.18
C GLN H 8 -5.60 49.61 27.28
N VAL H 9 -6.17 49.40 28.47
CA VAL H 9 -7.14 48.32 28.65
C VAL H 9 -8.54 48.95 28.82
N TYR H 10 -9.49 48.48 28.03
CA TYR H 10 -10.82 49.07 28.00
C TYR H 10 -11.80 48.19 27.25
N SER H 11 -13.05 48.27 27.66
CA SER H 11 -14.13 47.54 27.02
C SER H 11 -14.59 48.28 25.77
N ARG H 12 -15.26 47.56 24.88
CA ARG H 12 -15.78 48.12 23.61
C ARG H 12 -17.04 48.94 23.90
N HIS H 13 -18.00 48.34 24.57
CA HIS H 13 -19.24 49.02 24.94
C HIS H 13 -19.16 49.42 26.41
N PRO H 14 -19.99 50.40 26.81
CA PRO H 14 -20.06 50.76 28.22
C PRO H 14 -20.24 49.52 29.15
N PRO H 15 -19.31 49.30 30.09
CA PRO H 15 -19.35 48.07 30.89
C PRO H 15 -20.58 48.03 31.78
N GLU H 16 -21.17 46.84 31.95
CA GLU H 16 -22.39 46.64 32.73
C GLU H 16 -22.25 45.22 33.26
N ASN H 17 -22.46 45.03 34.56
CA ASN H 17 -22.19 43.71 35.13
C ASN H 17 -23.21 42.71 34.56
N GLY H 18 -22.71 41.55 34.11
CA GLY H 18 -23.57 40.48 33.58
C GLY H 18 -24.05 40.61 32.13
N LYS H 19 -23.62 41.66 31.45
CA LYS H 19 -23.95 41.82 30.06
C LYS H 19 -22.68 41.61 29.18
N PRO H 20 -22.77 40.74 28.13
CA PRO H 20 -21.67 40.51 27.18
C PRO H 20 -21.03 41.77 26.54
N ASN H 21 -19.71 41.72 26.42
CA ASN H 21 -18.93 42.83 25.98
C ASN H 21 -17.65 42.22 25.40
N ILE H 22 -16.78 43.09 24.90
CA ILE H 22 -15.42 42.70 24.52
C ILE H 22 -14.46 43.55 25.30
N LEU H 23 -13.34 42.98 25.68
CA LEU H 23 -12.27 43.72 26.35
C LEU H 23 -11.05 43.91 25.45
N ASN H 24 -10.61 45.15 25.29
CA ASN H 24 -9.47 45.44 24.41
C ASN H 24 -8.22 45.73 25.20
N CYS H 25 -7.10 45.20 24.71
CA CYS H 25 -5.80 45.68 25.13
C CYS H 25 -5.16 46.34 23.91
N TYR H 26 -4.99 47.65 23.99
CA TYR H 26 -4.44 48.40 22.88
C TYR H 26 -3.02 48.77 23.20
N VAL H 27 -2.09 48.09 22.54
CA VAL H 27 -0.66 48.34 22.73
C VAL H 27 -0.07 49.13 21.55
N THR H 28 0.52 50.28 21.84
CA THR H 28 1.03 51.16 20.79
C THR H 28 2.43 51.74 21.08
N GLN H 29 2.99 52.38 20.06
CA GLN H 29 4.15 53.23 20.21
C GLN H 29 5.41 52.47 20.54
N PHE H 30 5.47 51.17 20.21
CA PHE H 30 6.64 50.37 20.57
C PHE H 30 7.53 50.05 19.39
N HIS H 31 8.76 49.63 19.74
CA HIS H 31 9.79 49.21 18.78
C HIS H 31 10.90 48.53 19.59
N PRO H 32 11.39 47.36 19.15
CA PRO H 32 11.09 46.64 17.88
C PRO H 32 9.76 45.92 17.94
N PRO H 33 9.32 45.37 16.81
CA PRO H 33 7.96 44.85 16.73
C PRO H 33 7.71 43.52 17.49
N HIS H 34 8.72 42.71 17.71
CA HIS H 34 8.50 41.55 18.54
C HIS H 34 7.93 41.93 19.91
N ILE H 35 6.83 41.28 20.31
CA ILE H 35 6.16 41.60 21.56
C ILE H 35 5.23 40.46 21.99
N GLU H 36 5.21 40.17 23.28
CA GLU H 36 4.27 39.18 23.79
C GLU H 36 3.20 39.89 24.58
N ILE H 37 1.96 39.59 24.28
CA ILE H 37 0.81 40.18 24.97
C ILE H 37 -0.05 39.06 25.57
N GLN H 38 -0.46 39.25 26.81
CA GLN H 38 -1.40 38.35 27.50
C GLN H 38 -2.50 39.14 28.16
N MET H 39 -3.69 38.56 28.16
CA MET H 39 -4.82 39.12 28.86
C MET H 39 -5.14 38.17 30.01
N LEU H 40 -5.32 38.73 31.20
CA LEU H 40 -5.47 37.97 32.42
C LEU H 40 -6.82 38.26 33.10
N LYS H 41 -7.46 37.18 33.58
CA LYS H 41 -8.67 37.27 34.38
C LYS H 41 -8.36 36.74 35.77
N ASN H 42 -8.41 37.61 36.75
CA ASN H 42 -8.14 37.25 38.13
C ASN H 42 -6.81 36.53 38.28
N GLY H 43 -5.80 37.05 37.62
CA GLY H 43 -4.44 36.52 37.71
C GLY H 43 -4.14 35.27 36.90
N LYS H 44 -5.12 34.78 36.14
CA LYS H 44 -4.94 33.60 35.30
C LYS H 44 -5.17 33.90 33.82
N LYS H 45 -4.39 33.24 32.97
CA LYS H 45 -4.34 33.56 31.53
C LYS H 45 -5.69 33.26 30.89
N ILE H 46 -6.18 34.20 30.08
CA ILE H 46 -7.41 34.00 29.29
C ILE H 46 -7.05 33.22 28.02
N PRO H 47 -7.73 32.04 27.81
CA PRO H 47 -7.31 31.12 26.77
C PRO H 47 -7.37 31.68 25.37
N LYS H 48 -8.54 32.17 24.96
CA LYS H 48 -8.76 32.42 23.53
C LYS H 48 -8.75 33.94 23.29
N VAL H 49 -7.56 34.48 23.04
CA VAL H 49 -7.40 35.92 22.91
C VAL H 49 -7.09 36.22 21.45
N GLU H 50 -7.86 37.14 20.87
CA GLU H 50 -7.70 37.53 19.45
C GLU H 50 -6.65 38.65 19.34
N MET H 51 -5.76 38.53 18.35
CA MET H 51 -4.63 39.45 18.18
C MET H 51 -4.59 39.99 16.78
N SER H 52 -4.49 41.31 16.64
CA SER H 52 -4.42 41.95 15.31
C SER H 52 -3.03 41.73 14.71
N ASP H 53 -2.91 41.83 13.40
CA ASP H 53 -1.63 41.49 12.76
C ASP H 53 -0.66 42.65 12.82
N MET H 54 0.62 42.36 12.66
CA MET H 54 1.65 43.39 12.83
C MET H 54 1.42 44.58 11.89
N SER H 55 1.33 45.78 12.45
CA SER H 55 1.17 47.01 11.68
C SER H 55 1.95 48.17 12.32
N PHE H 56 2.23 49.20 11.54
CA PHE H 56 2.95 50.36 12.03
C PHE H 56 2.38 51.68 11.53
N SER H 57 2.57 52.74 12.31
CA SER H 57 1.99 54.05 12.01
C SER H 57 2.96 54.84 11.15
N LYS H 58 2.53 56.02 10.70
CA LYS H 58 3.36 56.87 9.89
C LYS H 58 4.57 57.41 10.64
N ASP H 59 4.58 57.25 11.98
CA ASP H 59 5.80 57.55 12.75
C ASP H 59 6.69 56.34 12.94
N TRP H 60 6.39 55.26 12.22
CA TRP H 60 7.18 54.01 12.19
C TRP H 60 6.98 53.09 13.39
N SER H 61 6.29 53.55 14.42
CA SER H 61 6.08 52.74 15.62
C SER H 61 4.96 51.71 15.37
N PHE H 62 5.06 50.57 16.03
CA PHE H 62 4.13 49.45 15.84
C PHE H 62 2.98 49.47 16.81
N TYR H 63 1.89 48.79 16.48
CA TYR H 63 0.73 48.73 17.34
C TYR H 63 -0.04 47.45 17.09
N ILE H 64 -0.60 46.91 18.17
CA ILE H 64 -1.38 45.67 18.17
C ILE H 64 -2.63 45.91 19.01
N LEU H 65 -3.75 45.31 18.60
CA LEU H 65 -4.95 45.33 19.39
C LEU H 65 -5.23 43.91 19.77
N ALA H 66 -5.24 43.64 21.07
CA ALA H 66 -5.69 42.34 21.56
C ALA H 66 -7.11 42.50 22.09
N HIS H 67 -7.95 41.50 21.88
CA HIS H 67 -9.30 41.57 22.41
C HIS H 67 -9.88 40.19 22.67
N THR H 68 -10.83 40.16 23.61
CA THR H 68 -11.51 38.92 23.99
C THR H 68 -12.94 39.15 24.43
N GLU H 69 -13.78 38.17 24.15
CA GLU H 69 -15.16 38.15 24.62
C GLU H 69 -15.18 37.94 26.11
N PHE H 70 -15.96 38.74 26.81
CA PHE H 70 -16.04 38.60 28.24
C PHE H 70 -17.33 39.19 28.75
N THR H 71 -17.73 38.70 29.90
CA THR H 71 -18.95 39.14 30.54
C THR H 71 -18.63 39.66 31.95
N PRO H 72 -18.51 40.97 32.10
CA PRO H 72 -17.96 41.48 33.38
C PRO H 72 -18.88 41.23 34.57
N THR H 73 -18.34 40.63 35.63
CA THR H 73 -19.02 40.63 36.92
C THR H 73 -18.43 41.76 37.78
N GLU H 74 -19.07 42.03 38.92
CA GLU H 74 -18.61 43.09 39.82
C GLU H 74 -17.24 42.83 40.42
N THR H 75 -16.91 41.57 40.61
CA THR H 75 -15.75 41.18 41.40
C THR H 75 -14.51 40.80 40.54
N ASP H 76 -14.72 40.44 39.27
CA ASP H 76 -13.59 39.98 38.44
C ASP H 76 -12.70 41.13 38.08
N THR H 77 -11.39 40.96 38.23
CA THR H 77 -10.45 41.95 37.76
C THR H 77 -9.74 41.36 36.56
N TYR H 78 -9.45 42.22 35.57
CA TYR H 78 -8.83 41.84 34.32
C TYR H 78 -7.58 42.68 34.14
N ALA H 79 -6.63 42.17 33.37
CA ALA H 79 -5.40 42.91 33.04
C ALA H 79 -4.80 42.52 31.72
N CYS H 80 -3.85 43.36 31.27
CA CYS H 80 -3.05 43.02 30.10
C CYS H 80 -1.56 43.00 30.48
N ARG H 81 -0.89 41.90 30.16
CA ARG H 81 0.53 41.75 30.49
C ARG H 81 1.41 41.81 29.24
N VAL H 82 2.33 42.76 29.22
CA VAL H 82 3.10 42.98 28.02
C VAL H 82 4.55 42.73 28.29
N LYS H 83 5.16 41.91 27.45
CA LYS H 83 6.61 41.62 27.50
C LYS H 83 7.30 42.16 26.23
N HIS H 84 8.29 43.02 26.43
CA HIS H 84 8.94 43.69 25.36
C HIS H 84 10.39 44.04 25.72
N ASP H 85 11.28 44.05 24.74
CA ASP H 85 12.74 44.27 24.98
C ASP H 85 13.14 45.58 25.64
N SER H 86 12.26 46.57 25.50
CA SER H 86 12.43 47.87 26.11
C SER H 86 12.17 47.82 27.60
N MET H 87 11.69 46.69 28.10
CA MET H 87 11.43 46.55 29.52
C MET H 87 12.10 45.31 30.06
N ALA H 88 12.83 45.50 31.15
CA ALA H 88 13.42 44.40 31.92
C ALA H 88 12.32 43.44 32.37
N GLU H 89 11.18 43.99 32.76
CA GLU H 89 10.09 43.19 33.28
C GLU H 89 8.84 43.36 32.47
N PRO H 90 7.95 42.37 32.53
CA PRO H 90 6.63 42.53 31.90
C PRO H 90 5.76 43.52 32.67
N LYS H 91 5.12 44.43 31.94
CA LYS H 91 4.22 45.39 32.54
C LYS H 91 2.81 44.83 32.51
N THR H 92 2.16 44.91 33.65
CA THR H 92 0.75 44.56 33.76
C THR H 92 -0.01 45.86 34.00
N VAL H 93 -1.03 46.10 33.19
CA VAL H 93 -1.92 47.22 33.43
C VAL H 93 -3.33 46.67 33.58
N TYR H 94 -3.99 47.07 34.68
CA TYR H 94 -5.31 46.55 35.08
C TYR H 94 -6.39 47.37 34.42
N TRP H 95 -7.43 46.66 33.99
CA TRP H 95 -8.63 47.32 33.53
C TRP H 95 -9.19 48.13 34.68
N ASP H 96 -9.38 49.42 34.45
CA ASP H 96 -10.24 50.23 35.29
C ASP H 96 -11.44 50.62 34.39
N ARG H 97 -12.65 50.23 34.78
CA ARG H 97 -13.86 50.51 33.97
C ARG H 97 -14.11 52.04 33.79
N ASP H 98 -13.34 52.84 34.53
CA ASP H 98 -13.20 54.30 34.32
C ASP H 98 -11.72 54.71 33.94
N MET H 99 -10.73 54.25 34.78
CA MET H 99 -9.21 54.49 34.69
C MET H 99 -8.33 53.73 35.76
N LYS I 1 -1.31 47.74 -6.79
CA LYS I 1 -0.13 46.93 -7.09
C LYS I 1 1.10 47.44 -6.35
N ALA I 2 1.88 46.49 -5.86
CA ALA I 2 3.05 46.80 -5.06
C ALA I 2 4.18 47.35 -5.92
N LEU I 3 5.29 47.67 -5.27
CA LEU I 3 6.44 48.35 -5.88
C LEU I 3 7.67 47.45 -5.88
N TYR I 4 8.43 47.43 -6.98
CA TYR I 4 9.80 46.87 -6.98
C TYR I 4 10.78 47.94 -6.59
N ASN I 5 11.50 47.73 -5.50
CA ASN I 5 12.55 48.67 -5.18
C ASN I 5 13.68 48.58 -6.21
N TYR I 6 14.47 49.65 -6.28
CA TYR I 6 15.56 49.80 -7.26
C TYR I 6 16.91 49.25 -6.68
N ALA I 7 17.85 50.14 -6.38
CA ALA I 7 19.11 49.71 -5.77
C ALA I 7 18.85 49.47 -4.30
N PRO I 8 19.43 48.41 -3.73
CA PRO I 8 19.45 48.21 -2.28
C PRO I 8 20.07 49.40 -1.54
N ILE I 9 19.92 49.39 -0.22
CA ILE I 9 20.32 50.52 0.60
C ILE I 9 21.82 50.78 0.76
N PRO J 2 -17.17 -20.99 -26.93
CA PRO J 2 -15.75 -21.02 -26.56
C PRO J 2 -15.33 -22.43 -26.21
N HIS J 3 -14.23 -22.89 -26.81
CA HIS J 3 -13.79 -24.26 -26.66
C HIS J 3 -12.27 -24.38 -26.64
N SER J 4 -11.79 -25.55 -26.23
CA SER J 4 -10.36 -25.81 -26.05
C SER J 4 -10.03 -27.29 -26.12
N MET J 5 -8.79 -27.60 -26.46
CA MET J 5 -8.26 -28.96 -26.31
C MET J 5 -6.90 -28.89 -25.65
N ARG J 6 -6.56 -29.89 -24.89
CA ARG J 6 -5.25 -29.94 -24.24
C ARG J 6 -4.72 -31.37 -24.16
N TYR J 7 -3.39 -31.50 -24.26
CA TYR J 7 -2.72 -32.73 -23.93
C TYR J 7 -1.67 -32.39 -22.88
N PHE J 8 -1.77 -33.10 -21.76
CA PHE J 8 -0.96 -32.87 -20.58
C PHE J 8 -0.12 -34.14 -20.47
N GLU J 9 1.17 -34.04 -20.76
CA GLU J 9 2.03 -35.20 -20.75
C GLU J 9 3.03 -35.07 -19.61
N THR J 10 3.27 -36.20 -18.95
CA THR J 10 4.25 -36.27 -17.88
C THR J 10 5.16 -37.46 -18.05
N ALA J 11 6.44 -37.28 -17.77
CA ALA J 11 7.34 -38.40 -17.59
C ALA J 11 8.03 -38.29 -16.23
N VAL J 12 7.92 -39.31 -15.39
CA VAL J 12 8.61 -39.31 -14.07
C VAL J 12 9.66 -40.39 -13.99
N SER J 13 10.84 -40.01 -13.54
CA SER J 13 11.88 -40.98 -13.27
C SER J 13 12.03 -41.05 -11.77
N ARG J 14 12.35 -42.24 -11.26
CA ARG J 14 12.46 -42.47 -9.80
C ARG J 14 13.70 -43.29 -9.46
N PRO J 15 14.33 -43.03 -8.30
CA PRO J 15 15.58 -43.70 -7.99
C PRO J 15 15.47 -45.20 -8.15
N GLY J 16 16.29 -45.75 -9.06
CA GLY J 16 16.35 -47.18 -9.29
C GLY J 16 15.18 -47.84 -10.02
N LEU J 17 14.18 -47.07 -10.44
CA LEU J 17 13.24 -47.49 -11.47
C LEU J 17 14.06 -47.44 -12.76
N GLU J 18 14.08 -48.54 -13.50
CA GLU J 18 14.97 -48.67 -14.68
C GLU J 18 14.66 -47.52 -15.65
N GLU J 19 13.39 -47.44 -16.04
CA GLU J 19 12.87 -46.44 -16.99
C GLU J 19 11.82 -45.52 -16.37
N PRO J 20 11.60 -44.34 -17.00
CA PRO J 20 10.59 -43.44 -16.49
C PRO J 20 9.21 -43.86 -16.94
N ARG J 21 8.21 -43.41 -16.19
CA ARG J 21 6.83 -43.63 -16.51
C ARG J 21 6.29 -42.48 -17.33
N TYR J 22 5.65 -42.80 -18.45
CA TYR J 22 5.05 -41.77 -19.29
C TYR J 22 3.51 -41.84 -19.26
N ILE J 23 2.91 -40.68 -18.99
CA ILE J 23 1.46 -40.53 -18.97
C ILE J 23 1.11 -39.34 -19.82
N SER J 24 0.17 -39.56 -20.73
CA SER J 24 -0.49 -38.50 -21.48
C SER J 24 -1.97 -38.50 -21.20
N VAL J 25 -2.48 -37.31 -21.02
CA VAL J 25 -3.91 -37.10 -20.78
C VAL J 25 -4.40 -35.99 -21.70
N GLY J 26 -5.48 -36.26 -22.42
CA GLY J 26 -6.10 -35.27 -23.28
C GLY J 26 -7.40 -34.77 -22.71
N TYR J 27 -7.68 -33.49 -22.96
CA TYR J 27 -8.92 -32.86 -22.55
C TYR J 27 -9.54 -32.05 -23.69
N VAL J 28 -10.86 -32.12 -23.77
CA VAL J 28 -11.65 -31.28 -24.66
C VAL J 28 -12.51 -30.49 -23.71
N ASP J 29 -12.60 -29.17 -23.94
CA ASP J 29 -13.25 -28.25 -22.99
C ASP J 29 -13.03 -28.70 -21.55
N ASN J 30 -11.79 -29.02 -21.21
CA ASN J 30 -11.40 -29.33 -19.82
C ASN J 30 -11.94 -30.58 -19.18
N LYS J 31 -12.64 -31.41 -19.96
CA LYS J 31 -13.00 -32.77 -19.55
C LYS J 31 -12.02 -33.71 -20.14
N GLU J 32 -11.53 -34.62 -19.32
CA GLU J 32 -10.60 -35.64 -19.81
C GLU J 32 -11.30 -36.52 -20.86
N PHE J 33 -10.66 -36.84 -21.98
CA PHE J 33 -11.31 -37.71 -23.00
C PHE J 33 -10.47 -38.87 -23.56
N VAL J 34 -9.14 -38.79 -23.47
CA VAL J 34 -8.27 -39.94 -23.80
C VAL J 34 -7.13 -40.08 -22.81
N ARG J 35 -6.50 -41.26 -22.79
CA ARG J 35 -5.40 -41.49 -21.85
C ARG J 35 -4.40 -42.57 -22.24
N PHE J 36 -3.12 -42.30 -22.02
CA PHE J 36 -2.06 -43.29 -22.24
C PHE J 36 -1.27 -43.36 -20.97
N ASP J 37 -0.83 -44.56 -20.63
CA ASP J 37 -0.04 -44.80 -19.42
C ASP J 37 0.88 -46.03 -19.61
N SER J 38 2.18 -45.78 -19.50
CA SER J 38 3.21 -46.76 -19.82
C SER J 38 3.24 -47.90 -18.84
N ASP J 39 2.72 -47.66 -17.66
CA ASP J 39 2.63 -48.71 -16.64
C ASP J 39 1.45 -49.71 -16.79
N ALA J 40 0.59 -49.52 -17.78
CA ALA J 40 -0.42 -50.52 -18.13
C ALA J 40 0.24 -51.71 -18.79
N GLU J 41 -0.41 -52.86 -18.67
CA GLU J 41 0.14 -54.13 -19.13
C GLU J 41 0.20 -54.16 -20.66
N ASN J 42 -0.82 -53.58 -21.26
CA ASN J 42 -0.84 -53.32 -22.70
C ASN J 42 -0.90 -51.81 -22.89
N PRO J 43 0.27 -51.17 -22.94
CA PRO J 43 0.28 -49.71 -23.01
C PRO J 43 -0.43 -49.21 -24.26
N ARG J 44 -1.37 -48.31 -24.08
CA ARG J 44 -2.27 -47.94 -25.16
C ARG J 44 -3.06 -46.68 -24.80
N TYR J 45 -3.37 -45.85 -25.79
CA TYR J 45 -4.32 -44.75 -25.57
C TYR J 45 -5.70 -45.37 -25.39
N GLU J 46 -6.37 -45.03 -24.30
CA GLU J 46 -7.72 -45.52 -24.04
C GLU J 46 -8.76 -44.41 -24.13
N PRO J 47 -9.98 -44.75 -24.62
CA PRO J 47 -11.09 -43.79 -24.52
C PRO J 47 -11.47 -43.54 -23.07
N ARG J 48 -11.78 -42.29 -22.76
CA ARG J 48 -12.08 -41.89 -21.38
C ARG J 48 -13.45 -41.22 -21.22
N ALA J 49 -14.14 -41.01 -22.33
CA ALA J 49 -15.53 -40.58 -22.33
C ALA J 49 -16.23 -41.41 -23.39
N PRO J 50 -17.51 -41.77 -23.14
CA PRO J 50 -18.19 -42.72 -24.02
C PRO J 50 -18.17 -42.27 -25.49
N TRP J 51 -18.36 -40.97 -25.74
CA TRP J 51 -18.43 -40.41 -27.12
C TRP J 51 -17.17 -40.64 -27.98
N MET J 52 -16.04 -40.91 -27.32
CA MET J 52 -14.79 -41.21 -28.01
C MET J 52 -14.67 -42.63 -28.61
N GLU J 53 -15.46 -43.58 -28.10
CA GLU J 53 -15.50 -44.94 -28.69
C GLU J 53 -16.00 -44.95 -30.14
N GLN J 54 -16.51 -43.80 -30.59
CA GLN J 54 -16.86 -43.56 -32.01
C GLN J 54 -15.71 -43.79 -33.02
N GLU J 55 -14.47 -43.63 -32.57
CA GLU J 55 -13.33 -43.79 -33.45
C GLU J 55 -13.00 -45.27 -33.64
N GLY J 56 -12.53 -45.59 -34.84
CA GLY J 56 -12.18 -46.96 -35.21
C GLY J 56 -10.77 -47.33 -34.76
N PRO J 57 -10.39 -48.61 -34.97
CA PRO J 57 -9.09 -49.16 -34.55
C PRO J 57 -7.86 -48.45 -35.15
N GLU J 58 -7.99 -47.90 -36.35
CA GLU J 58 -6.90 -47.20 -37.02
C GLU J 58 -6.52 -45.89 -36.30
N TYR J 59 -7.50 -45.30 -35.63
CA TYR J 59 -7.30 -44.09 -34.87
C TYR J 59 -6.48 -44.41 -33.63
N TRP J 60 -6.95 -45.39 -32.85
CA TRP J 60 -6.29 -45.76 -31.60
C TRP J 60 -4.88 -46.29 -31.85
N GLU J 61 -4.74 -47.19 -32.82
CA GLU J 61 -3.43 -47.66 -33.26
C GLU J 61 -2.45 -46.53 -33.61
N ARG J 62 -2.87 -45.57 -34.44
CA ARG J 62 -1.98 -44.44 -34.85
C ARG J 62 -1.47 -43.54 -33.70
N GLU J 63 -2.41 -43.13 -32.85
CA GLU J 63 -2.12 -42.32 -31.66
C GLU J 63 -1.22 -43.07 -30.65
N THR J 64 -1.56 -44.32 -30.39
CA THR J 64 -0.71 -45.14 -29.54
C THR J 64 0.74 -45.05 -30.01
N GLN J 65 0.98 -45.08 -31.32
CA GLN J 65 2.33 -45.08 -31.84
C GLN J 65 2.93 -43.74 -31.54
N LYS J 66 2.13 -42.72 -31.78
CA LYS J 66 2.47 -41.37 -31.37
C LYS J 66 2.94 -41.38 -29.90
N ALA J 67 2.11 -41.89 -29.00
CA ALA J 67 2.45 -41.99 -27.57
C ALA J 67 3.79 -42.70 -27.26
N LYS J 68 4.03 -43.82 -27.93
CA LYS J 68 5.29 -44.53 -27.77
C LYS J 68 6.49 -43.69 -28.24
N GLY J 69 6.34 -43.04 -29.39
CA GLY J 69 7.29 -42.02 -29.86
C GLY J 69 7.54 -40.95 -28.81
N GLN J 70 6.45 -40.38 -28.27
CA GLN J 70 6.54 -39.39 -27.19
C GLN J 70 7.14 -39.99 -25.89
N GLU J 71 6.89 -41.25 -25.63
CA GLU J 71 7.51 -41.91 -24.49
C GLU J 71 9.02 -41.85 -24.62
N GLN J 72 9.49 -42.10 -25.83
CA GLN J 72 10.91 -42.08 -26.14
C GLN J 72 11.52 -40.68 -26.11
N TRP J 73 10.76 -39.72 -26.65
CA TRP J 73 11.19 -38.35 -26.70
C TRP J 73 11.44 -37.84 -25.28
N PHE J 74 10.54 -38.22 -24.38
CA PHE J 74 10.62 -37.75 -23.00
C PHE J 74 11.83 -38.41 -22.33
N ARG J 75 12.03 -39.68 -22.62
CA ARG J 75 13.12 -40.46 -22.07
C ARG J 75 14.48 -39.85 -22.40
N VAL J 76 14.64 -39.43 -23.65
CA VAL J 76 15.90 -38.83 -24.06
C VAL J 76 16.05 -37.47 -23.43
N SER J 77 14.97 -36.70 -23.43
CA SER J 77 15.00 -35.34 -22.90
C SER J 77 15.32 -35.36 -21.40
N LEU J 78 14.71 -36.31 -20.69
CA LEU J 78 14.93 -36.48 -19.27
C LEU J 78 16.40 -36.78 -19.04
N ARG J 79 16.96 -37.66 -19.86
CA ARG J 79 18.39 -37.95 -19.82
C ARG J 79 19.24 -36.72 -20.02
N ASN J 80 18.87 -35.85 -20.93
CA ASN J 80 19.67 -34.66 -21.14
C ASN J 80 19.66 -33.70 -19.97
N LEU J 81 18.46 -33.43 -19.46
CA LEU J 81 18.26 -32.44 -18.42
C LEU J 81 19.14 -32.72 -17.22
N LEU J 82 19.27 -34.00 -16.84
CA LEU J 82 20.24 -34.43 -15.83
C LEU J 82 21.62 -33.82 -16.08
N GLY J 83 22.09 -33.91 -17.31
CA GLY J 83 23.35 -33.32 -17.71
C GLY J 83 23.28 -31.80 -17.65
N TYR J 84 22.36 -31.19 -18.38
CA TYR J 84 22.13 -29.76 -18.25
C TYR J 84 22.26 -29.22 -16.80
N TYR J 85 21.63 -29.87 -15.85
CA TYR J 85 21.58 -29.33 -14.52
C TYR J 85 22.56 -29.99 -13.58
N ASN J 86 23.46 -30.80 -14.11
CA ASN J 86 24.51 -31.41 -13.27
C ASN J 86 23.87 -32.14 -12.08
N GLN J 87 22.82 -32.87 -12.35
CA GLN J 87 22.13 -33.59 -11.32
C GLN J 87 22.73 -35.00 -11.32
N SER J 88 23.00 -35.53 -10.15
CA SER J 88 23.56 -36.86 -10.15
C SER J 88 22.44 -37.92 -10.09
N ALA J 89 22.81 -39.18 -10.30
CA ALA J 89 21.82 -40.26 -10.26
C ALA J 89 21.38 -40.49 -8.80
N GLY J 90 20.19 -41.05 -8.63
CA GLY J 90 19.61 -41.29 -7.29
C GLY J 90 18.54 -40.28 -6.86
N GLY J 91 17.87 -39.66 -7.82
CA GLY J 91 16.86 -38.65 -7.51
C GLY J 91 15.61 -38.96 -8.29
N SER J 92 14.51 -38.32 -7.92
CA SER J 92 13.30 -38.34 -8.76
C SER J 92 13.30 -37.08 -9.59
N HIS J 93 12.84 -37.20 -10.83
CA HIS J 93 12.76 -36.05 -11.75
C HIS J 93 11.46 -36.07 -12.52
N THR J 94 10.99 -34.90 -12.92
CA THR J 94 9.72 -34.79 -13.63
C THR J 94 9.86 -33.85 -14.77
N LEU J 95 9.32 -34.26 -15.92
CA LEU J 95 9.24 -33.41 -17.08
C LEU J 95 7.82 -33.38 -17.56
N GLN J 96 7.25 -32.17 -17.65
CA GLN J 96 5.87 -32.01 -18.08
C GLN J 96 5.73 -31.06 -19.28
N GLN J 97 4.67 -31.33 -20.05
CA GLN J 97 4.29 -30.57 -21.21
C GLN J 97 2.78 -30.33 -21.20
N MET J 98 2.41 -29.12 -21.58
CA MET J 98 1.04 -28.80 -21.90
C MET J 98 0.99 -28.21 -23.29
N SER J 99 0.08 -28.73 -24.10
CA SER J 99 -0.10 -28.16 -25.40
C SER J 99 -1.53 -28.32 -25.84
N GLY J 100 -1.93 -27.43 -26.75
CA GLY J 100 -3.23 -27.50 -27.37
C GLY J 100 -3.66 -26.14 -27.82
N CYS J 101 -4.94 -25.99 -28.07
CA CYS J 101 -5.47 -24.77 -28.67
C CYS J 101 -6.75 -24.25 -28.01
N ASP J 102 -6.99 -22.96 -28.22
CA ASP J 102 -8.16 -22.28 -27.69
C ASP J 102 -8.96 -21.72 -28.84
N LEU J 103 -10.25 -22.03 -28.86
CA LEU J 103 -11.14 -21.53 -29.89
C LEU J 103 -12.14 -20.53 -29.33
N GLY J 104 -12.34 -19.43 -30.03
CA GLY J 104 -13.47 -18.56 -29.70
C GLY J 104 -14.79 -19.25 -30.07
N SER J 105 -15.89 -18.62 -29.67
CA SER J 105 -17.23 -19.16 -29.93
C SER J 105 -17.57 -19.22 -31.45
N ASP J 106 -16.79 -18.53 -32.27
CA ASP J 106 -16.80 -18.74 -33.71
C ASP J 106 -16.01 -20.00 -34.18
N TRP J 107 -15.45 -20.78 -33.25
CA TRP J 107 -14.67 -22.00 -33.57
C TRP J 107 -13.33 -21.71 -34.28
N ARG J 108 -13.04 -20.43 -34.42
CA ARG J 108 -11.82 -19.94 -35.02
C ARG J 108 -10.72 -19.97 -33.96
N LEU J 109 -9.51 -20.35 -34.38
CA LEU J 109 -8.37 -20.44 -33.45
C LEU J 109 -8.10 -19.09 -32.76
N LEU J 110 -8.05 -19.12 -31.45
CA LEU J 110 -7.87 -17.91 -30.66
C LEU J 110 -6.42 -17.82 -30.16
N ARG J 111 -5.90 -18.91 -29.62
CA ARG J 111 -4.53 -18.97 -29.08
C ARG J 111 -3.96 -20.42 -29.03
N GLY J 112 -2.67 -20.54 -29.35
CA GLY J 112 -1.95 -21.80 -29.22
C GLY J 112 -1.16 -21.91 -27.91
N TYR J 113 -1.00 -23.14 -27.41
CA TYR J 113 -0.16 -23.39 -26.23
C TYR J 113 0.84 -24.51 -26.43
N LEU J 114 2.08 -24.26 -26.01
CA LEU J 114 3.11 -25.27 -26.01
C LEU J 114 4.12 -24.87 -24.93
N GLN J 115 4.07 -25.56 -23.78
CA GLN J 115 4.98 -25.22 -22.66
C GLN J 115 5.49 -26.46 -21.98
N PHE J 116 6.69 -26.33 -21.44
CA PHE J 116 7.37 -27.43 -20.83
C PHE J 116 7.89 -27.00 -19.51
N ALA J 117 7.84 -27.94 -18.56
CA ALA J 117 8.37 -27.72 -17.24
C ALA J 117 9.23 -28.86 -16.79
N TYR J 118 10.28 -28.51 -16.04
CA TYR J 118 11.17 -29.49 -15.46
C TYR J 118 11.20 -29.28 -13.94
N GLU J 119 11.03 -30.38 -13.23
CA GLU J 119 10.92 -30.38 -11.77
C GLU J 119 9.74 -29.51 -11.30
N GLY J 120 8.71 -29.48 -12.13
CA GLY J 120 7.50 -28.66 -11.87
C GLY J 120 7.74 -27.17 -12.00
N ARG J 121 8.74 -26.81 -12.78
CA ARG J 121 9.21 -25.44 -12.90
C ARG J 121 9.34 -25.10 -14.39
N ASP J 122 8.86 -23.93 -14.78
CA ASP J 122 8.93 -23.51 -16.21
C ASP J 122 10.31 -23.68 -16.79
N TYR J 123 10.38 -24.44 -17.88
CA TYR J 123 11.65 -24.69 -18.58
C TYR J 123 11.74 -23.94 -19.91
N ILE J 124 10.82 -24.27 -20.81
CA ILE J 124 10.71 -23.61 -22.11
C ILE J 124 9.26 -23.60 -22.60
N ALA J 125 8.87 -22.50 -23.25
CA ALA J 125 7.52 -22.32 -23.75
C ALA J 125 7.55 -21.56 -25.04
N LEU J 126 6.67 -21.97 -25.95
CA LEU J 126 6.48 -21.27 -27.21
C LEU J 126 5.60 -20.09 -26.89
N ASN J 127 6.03 -18.92 -27.36
CA ASN J 127 5.30 -17.67 -27.14
C ASN J 127 4.00 -17.66 -27.93
N GLU J 128 3.10 -16.77 -27.56
CA GLU J 128 1.82 -16.62 -28.24
C GLU J 128 1.97 -16.37 -29.75
N ASP J 129 3.10 -15.82 -30.17
CA ASP J 129 3.37 -15.63 -31.59
C ASP J 129 3.64 -16.92 -32.35
N LEU J 130 3.65 -18.02 -31.62
CA LEU J 130 4.01 -19.30 -32.21
C LEU J 130 5.30 -19.31 -33.08
N LYS J 131 6.23 -18.40 -32.78
CA LYS J 131 7.41 -18.15 -33.61
C LYS J 131 8.69 -18.06 -32.80
N THR J 132 8.57 -17.70 -31.53
CA THR J 132 9.72 -17.51 -30.64
C THR J 132 9.54 -18.23 -29.29
N TRP J 133 10.64 -18.30 -28.56
CA TRP J 133 10.70 -19.12 -27.37
C TRP J 133 11.05 -18.34 -26.15
N THR J 134 10.35 -18.62 -25.07
CA THR J 134 10.74 -18.13 -23.76
C THR J 134 11.35 -19.25 -22.93
N ALA J 135 12.48 -18.93 -22.29
CA ALA J 135 13.25 -19.88 -21.51
C ALA J 135 14.11 -19.13 -20.54
N ALA J 136 13.76 -19.21 -19.28
CA ALA J 136 14.35 -18.40 -18.23
C ALA J 136 15.72 -18.88 -17.81
N ASP J 137 15.82 -20.19 -17.54
CA ASP J 137 17.01 -20.75 -16.89
C ASP J 137 18.22 -20.67 -17.80
N MET J 138 19.39 -20.51 -17.20
CA MET J 138 20.64 -20.64 -17.95
C MET J 138 20.76 -22.03 -18.59
N ALA J 139 20.40 -23.08 -17.87
CA ALA J 139 20.46 -24.44 -18.42
C ALA J 139 19.58 -24.63 -19.63
N ALA J 140 18.53 -23.83 -19.75
CA ALA J 140 17.51 -24.02 -20.80
C ALA J 140 17.86 -23.32 -22.10
N GLN J 141 18.93 -22.54 -22.11
CA GLN J 141 19.32 -21.81 -23.33
C GLN J 141 19.82 -22.79 -24.40
N ILE J 142 20.33 -23.93 -23.95
CA ILE J 142 20.84 -24.94 -24.91
C ILE J 142 19.65 -25.38 -25.75
N THR J 143 18.56 -25.73 -25.07
CA THR J 143 17.29 -26.12 -25.71
C THR J 143 16.76 -25.01 -26.63
N ARG J 144 16.83 -23.76 -26.18
CA ARG J 144 16.32 -22.63 -26.97
C ARG J 144 17.07 -22.56 -28.28
N ARG J 145 18.40 -22.50 -28.20
CA ARG J 145 19.23 -22.48 -29.41
C ARG J 145 19.01 -23.67 -30.34
N LYS J 146 19.06 -24.88 -29.78
CA LYS J 146 18.77 -26.08 -30.54
C LYS J 146 17.47 -25.93 -31.33
N TRP J 147 16.43 -25.45 -30.67
CA TRP J 147 15.09 -25.38 -31.24
C TRP J 147 14.94 -24.24 -32.21
N GLU J 148 15.65 -23.15 -31.93
CA GLU J 148 15.69 -22.01 -32.85
C GLU J 148 16.36 -22.41 -34.13
N GLN J 149 17.49 -23.07 -34.02
CA GLN J 149 18.26 -23.48 -35.18
C GLN J 149 17.65 -24.61 -35.98
N SER J 150 16.72 -25.35 -35.40
CA SER J 150 16.11 -26.52 -36.07
C SER J 150 14.72 -26.22 -36.58
N GLY J 151 14.26 -24.99 -36.45
CA GLY J 151 12.92 -24.66 -36.90
C GLY J 151 11.82 -25.37 -36.15
N ALA J 152 12.07 -25.66 -34.88
CA ALA J 152 11.10 -26.33 -34.04
C ALA J 152 9.75 -25.64 -34.09
N ALA J 153 9.76 -24.33 -33.83
CA ALA J 153 8.52 -23.59 -33.66
C ALA J 153 7.58 -23.73 -34.85
N GLU J 154 8.16 -23.79 -36.04
CA GLU J 154 7.38 -23.78 -37.28
C GLU J 154 6.53 -25.06 -37.31
N HIS J 155 7.11 -26.15 -36.82
CA HIS J 155 6.43 -27.43 -36.76
C HIS J 155 5.31 -27.45 -35.73
N TYR J 156 5.58 -26.91 -34.55
CA TYR J 156 4.54 -26.86 -33.50
C TYR J 156 3.37 -25.95 -33.91
N LYS J 157 3.74 -24.82 -34.49
CA LYS J 157 2.79 -23.87 -35.04
C LYS J 157 1.89 -24.54 -36.09
N ALA J 158 2.48 -25.43 -36.88
CA ALA J 158 1.72 -26.10 -37.90
C ALA J 158 0.67 -26.99 -37.23
N TYR J 159 1.05 -27.70 -36.18
CA TYR J 159 0.11 -28.61 -35.50
C TYR J 159 -1.03 -27.86 -34.83
N LEU J 160 -0.67 -26.78 -34.17
CA LEU J 160 -1.59 -26.00 -33.34
C LEU J 160 -2.67 -25.34 -34.19
N GLU J 161 -2.24 -24.84 -35.34
CA GLU J 161 -3.13 -24.15 -36.27
C GLU J 161 -3.99 -25.10 -37.10
N GLY J 162 -3.46 -26.29 -37.36
CA GLY J 162 -4.17 -27.27 -38.16
C GLY J 162 -4.78 -28.34 -37.29
N GLU J 163 -4.05 -29.45 -37.12
CA GLU J 163 -4.59 -30.68 -36.53
C GLU J 163 -5.36 -30.42 -35.26
N CYS J 164 -4.70 -29.73 -34.35
CA CYS J 164 -5.32 -29.36 -33.09
C CYS J 164 -6.75 -28.86 -33.32
N VAL J 165 -6.89 -27.86 -34.19
CA VAL J 165 -8.18 -27.27 -34.53
C VAL J 165 -9.06 -28.23 -35.34
N GLU J 166 -8.53 -28.79 -36.43
CA GLU J 166 -9.29 -29.72 -37.28
C GLU J 166 -9.95 -30.80 -36.41
N TRP J 167 -9.14 -31.46 -35.57
CA TRP J 167 -9.64 -32.58 -34.76
C TRP J 167 -10.52 -32.17 -33.58
N LEU J 168 -10.27 -31.00 -33.02
CA LEU J 168 -11.15 -30.46 -31.99
C LEU J 168 -12.52 -30.12 -32.60
N HIS J 169 -12.56 -29.57 -33.82
CA HIS J 169 -13.83 -29.41 -34.52
C HIS J 169 -14.53 -30.78 -34.59
N ARG J 170 -13.75 -31.78 -35.02
CA ARG J 170 -14.25 -33.14 -35.21
C ARG J 170 -14.70 -33.75 -33.89
N TYR J 171 -14.08 -33.35 -32.80
CA TYR J 171 -14.47 -33.88 -31.49
C TYR J 171 -15.74 -33.23 -30.96
N LEU J 172 -15.92 -31.96 -31.29
CA LEU J 172 -17.07 -31.18 -30.83
C LEU J 172 -18.36 -31.60 -31.53
N LYS J 173 -18.26 -32.06 -32.76
CA LYS J 173 -19.39 -32.73 -33.41
C LYS J 173 -19.68 -34.07 -32.70
N ASN J 174 -18.70 -34.98 -32.69
CA ASN J 174 -18.84 -36.36 -32.12
C ASN J 174 -19.37 -36.42 -30.68
N GLY J 175 -19.26 -35.34 -29.93
CA GLY J 175 -19.81 -35.29 -28.58
C GLY J 175 -20.45 -33.95 -28.31
N ASN J 176 -21.42 -33.58 -29.18
CA ASN J 176 -22.21 -32.34 -29.02
C ASN J 176 -23.39 -32.59 -28.06
N ALA J 177 -23.74 -33.86 -27.84
CA ALA J 177 -24.78 -34.27 -26.87
C ALA J 177 -24.32 -34.26 -25.38
N THR J 178 -23.02 -34.46 -25.12
CA THR J 178 -22.47 -34.53 -23.75
C THR J 178 -21.71 -33.26 -23.32
N LEU J 179 -21.09 -32.55 -24.27
CA LEU J 179 -20.30 -31.31 -24.01
C LEU J 179 -21.06 -30.01 -24.39
N LEU J 180 -22.38 -29.99 -24.17
CA LEU J 180 -23.21 -28.79 -24.38
C LEU J 180 -23.85 -28.32 -23.05
N ARG J 181 -23.39 -28.89 -21.93
CA ARG J 181 -23.99 -28.68 -20.62
C ARG J 181 -23.12 -27.88 -19.66
N THR J 182 -23.76 -26.93 -18.97
CA THR J 182 -23.18 -26.29 -17.81
C THR J 182 -24.24 -26.36 -16.71
N ASP J 183 -23.85 -26.93 -15.56
CA ASP J 183 -24.73 -27.09 -14.42
C ASP J 183 -24.65 -25.90 -13.48
N SER J 184 -25.80 -25.37 -13.13
CA SER J 184 -25.88 -24.22 -12.25
C SER J 184 -25.82 -24.60 -10.79
N PRO J 185 -25.10 -23.81 -9.99
CA PRO J 185 -25.01 -24.11 -8.58
C PRO J 185 -26.35 -23.99 -7.88
N LYS J 186 -26.54 -24.80 -6.84
CA LYS J 186 -27.66 -24.67 -5.91
C LYS J 186 -27.09 -24.28 -4.57
N ALA J 187 -27.45 -23.08 -4.13
CA ALA J 187 -26.81 -22.44 -2.99
C ALA J 187 -27.72 -22.44 -1.79
N HIS J 188 -27.14 -22.50 -0.60
CA HIS J 188 -27.86 -22.30 0.65
C HIS J 188 -26.89 -21.86 1.72
N VAL J 189 -27.42 -21.22 2.76
CA VAL J 189 -26.61 -20.76 3.89
C VAL J 189 -26.99 -21.53 5.15
N THR J 190 -25.99 -22.02 5.88
CA THR J 190 -26.19 -22.77 7.12
C THR J 190 -25.79 -21.90 8.31
N HIS J 191 -26.36 -22.26 9.46
CA HIS J 191 -26.16 -21.52 10.70
C HIS J 191 -25.41 -22.39 11.68
N HIS J 192 -24.32 -21.86 12.22
CA HIS J 192 -23.50 -22.60 13.16
C HIS J 192 -23.34 -21.85 14.48
N PRO J 193 -23.38 -22.61 15.61
CA PRO J 193 -23.18 -22.11 16.97
C PRO J 193 -22.09 -21.04 17.14
N ARG J 194 -22.23 -20.29 18.22
CA ARG J 194 -21.45 -19.06 18.45
C ARG J 194 -20.30 -19.27 19.43
N SER J 195 -19.46 -18.23 19.56
CA SER J 195 -18.54 -18.08 20.71
C SER J 195 -19.25 -17.25 21.78
N LYS J 196 -20.42 -17.73 22.19
CA LYS J 196 -21.28 -17.09 23.21
C LYS J 196 -21.68 -15.65 22.83
N GLY J 197 -21.76 -15.40 21.52
CA GLY J 197 -22.09 -14.08 20.97
C GLY J 197 -22.05 -13.97 19.45
N GLU J 198 -21.09 -14.68 18.83
CA GLU J 198 -20.82 -14.55 17.40
C GLU J 198 -21.04 -15.84 16.58
N VAL J 199 -22.07 -15.84 15.73
CA VAL J 199 -22.36 -16.96 14.82
C VAL J 199 -21.49 -16.92 13.55
N THR J 200 -21.22 -18.10 13.00
CA THR J 200 -20.51 -18.20 11.71
C THR J 200 -21.49 -18.61 10.63
N LEU J 201 -21.78 -17.66 9.74
CA LEU J 201 -22.64 -17.86 8.58
C LEU J 201 -21.81 -18.46 7.45
N ARG J 202 -22.31 -19.54 6.85
CA ARG J 202 -21.55 -20.30 5.86
C ARG J 202 -22.38 -20.61 4.61
N CYS J 203 -21.91 -20.03 3.50
CA CYS J 203 -22.59 -20.07 2.20
C CYS J 203 -22.05 -21.21 1.30
N TRP J 204 -22.91 -22.17 0.99
CA TRP J 204 -22.51 -23.31 0.19
C TRP J 204 -22.95 -23.11 -1.24
N ALA J 205 -22.08 -23.49 -2.17
CA ALA J 205 -22.47 -23.67 -3.54
C ALA J 205 -22.23 -25.12 -3.90
N LEU J 206 -23.26 -25.79 -4.41
CA LEU J 206 -23.22 -27.21 -4.66
C LEU J 206 -23.72 -27.65 -6.05
N GLY J 207 -23.07 -28.67 -6.60
CA GLY J 207 -23.49 -29.33 -7.84
C GLY J 207 -23.35 -28.48 -9.10
N PHE J 208 -22.27 -27.71 -9.20
CA PHE J 208 -22.05 -26.85 -10.37
C PHE J 208 -20.97 -27.39 -11.30
N TYR J 209 -21.13 -27.07 -12.58
CA TYR J 209 -20.11 -27.33 -13.59
C TYR J 209 -20.16 -26.29 -14.70
N PRO J 210 -18.99 -25.79 -15.14
CA PRO J 210 -17.65 -26.10 -14.70
C PRO J 210 -17.31 -25.46 -13.36
N ALA J 211 -16.09 -25.72 -12.92
CA ALA J 211 -15.63 -25.50 -11.56
C ALA J 211 -15.46 -24.04 -11.18
N ASP J 212 -15.22 -23.18 -12.15
CA ASP J 212 -14.98 -21.77 -11.86
C ASP J 212 -16.22 -21.16 -11.26
N ILE J 213 -16.06 -20.49 -10.13
CA ILE J 213 -17.19 -19.93 -9.39
C ILE J 213 -16.70 -18.88 -8.39
N THR J 214 -17.53 -17.94 -8.02
CA THR J 214 -17.11 -16.91 -7.07
C THR J 214 -18.18 -16.66 -6.04
N LEU J 215 -17.81 -16.84 -4.76
CA LEU J 215 -18.71 -16.56 -3.65
C LEU J 215 -18.21 -15.32 -2.94
N THR J 216 -19.13 -14.39 -2.67
CA THR J 216 -18.83 -13.16 -1.95
C THR J 216 -19.88 -12.85 -0.87
N TRP J 217 -19.43 -12.27 0.24
CA TRP J 217 -20.27 -11.85 1.33
C TRP J 217 -20.25 -10.34 1.44
N GLN J 218 -21.42 -9.76 1.68
CA GLN J 218 -21.56 -8.31 1.77
C GLN J 218 -22.31 -7.96 3.04
N LEU J 219 -21.93 -6.82 3.60
CA LEU J 219 -22.68 -6.26 4.71
C LEU J 219 -23.62 -5.23 4.11
N ASN J 220 -24.80 -5.70 3.72
CA ASN J 220 -25.83 -4.87 3.09
C ASN J 220 -25.30 -3.67 2.27
N GLY J 221 -24.33 -3.94 1.40
CA GLY J 221 -23.73 -2.88 0.62
C GLY J 221 -22.50 -3.38 -0.07
N GLU J 222 -21.36 -3.22 0.57
CA GLU J 222 -20.10 -3.61 -0.05
C GLU J 222 -19.51 -4.85 0.61
N GLU J 223 -18.50 -5.38 -0.08
CA GLU J 223 -17.97 -6.70 0.21
C GLU J 223 -17.17 -6.70 1.49
N LEU J 224 -17.15 -7.85 2.17
CA LEU J 224 -16.21 -8.12 3.27
C LEU J 224 -15.14 -9.09 2.79
N THR J 225 -14.06 -8.51 2.27
CA THR J 225 -13.02 -9.28 1.58
C THR J 225 -12.02 -9.89 2.57
N GLN J 226 -11.36 -9.03 3.33
CA GLN J 226 -10.17 -9.43 4.12
C GLN J 226 -10.50 -10.10 5.47
N ASP J 227 -11.78 -10.32 5.77
CA ASP J 227 -12.19 -10.96 7.02
C ASP J 227 -13.18 -12.07 6.69
N MET J 228 -12.70 -13.13 6.06
CA MET J 228 -13.58 -14.13 5.48
C MET J 228 -12.87 -15.46 5.27
N GLU J 229 -13.53 -16.56 5.67
CA GLU J 229 -13.02 -17.90 5.41
C GLU J 229 -13.68 -18.54 4.20
N LEU J 230 -12.88 -19.32 3.46
CA LEU J 230 -13.38 -20.10 2.32
C LEU J 230 -12.53 -21.36 2.10
N VAL J 231 -12.95 -22.21 1.18
CA VAL J 231 -12.20 -23.40 0.77
C VAL J 231 -11.94 -23.43 -0.72
N GLU J 232 -10.96 -24.20 -1.12
CA GLU J 232 -10.62 -24.34 -2.53
C GLU J 232 -11.76 -25.13 -3.17
N THR J 233 -12.17 -24.74 -4.37
CA THR J 233 -13.24 -25.45 -5.07
C THR J 233 -12.85 -26.90 -5.24
N ARG J 234 -13.79 -27.80 -4.98
CA ARG J 234 -13.54 -29.26 -4.90
C ARG J 234 -14.51 -30.13 -5.70
N PRO J 235 -13.97 -31.21 -6.28
CA PRO J 235 -14.83 -32.12 -6.99
C PRO J 235 -15.70 -32.99 -6.06
N ALA J 236 -16.99 -33.03 -6.37
CA ALA J 236 -17.93 -33.86 -5.64
C ALA J 236 -17.66 -35.32 -5.92
N GLY J 237 -17.16 -35.62 -7.11
CA GLY J 237 -16.88 -37.00 -7.53
C GLY J 237 -17.85 -37.48 -8.59
N ASP J 238 -18.95 -36.76 -8.72
CA ASP J 238 -20.00 -37.07 -9.70
C ASP J 238 -19.77 -36.25 -10.98
N GLY J 239 -18.68 -35.49 -11.04
CA GLY J 239 -18.42 -34.58 -12.16
C GLY J 239 -18.86 -33.14 -11.93
N THR J 240 -19.63 -32.90 -10.86
CA THR J 240 -19.89 -31.52 -10.40
C THR J 240 -18.91 -31.10 -9.29
N PHE J 241 -19.04 -29.86 -8.83
CA PHE J 241 -18.09 -29.25 -7.90
C PHE J 241 -18.80 -28.58 -6.74
N GLN J 242 -18.00 -28.30 -5.70
CA GLN J 242 -18.49 -27.71 -4.46
C GLN J 242 -17.57 -26.59 -4.01
N LYS J 243 -18.17 -25.63 -3.32
CA LYS J 243 -17.44 -24.56 -2.70
C LYS J 243 -18.28 -23.93 -1.57
N TRP J 244 -17.59 -23.46 -0.53
CA TRP J 244 -18.26 -22.66 0.48
C TRP J 244 -17.44 -21.47 0.92
N ALA J 245 -18.14 -20.45 1.42
CA ALA J 245 -17.51 -19.27 1.97
C ALA J 245 -18.24 -18.88 3.24
N SER J 246 -17.50 -18.45 4.27
CA SER J 246 -18.12 -18.08 5.56
C SER J 246 -17.56 -16.80 6.21
N VAL J 247 -18.36 -16.24 7.12
CA VAL J 247 -17.98 -15.06 7.92
C VAL J 247 -18.57 -15.13 9.35
N VAL J 248 -17.88 -14.49 10.30
CA VAL J 248 -18.38 -14.37 11.68
C VAL J 248 -19.21 -13.11 11.82
N VAL J 249 -20.33 -13.21 12.54
CA VAL J 249 -21.34 -12.14 12.62
C VAL J 249 -22.04 -12.16 13.98
N PRO J 250 -22.31 -10.98 14.57
CA PRO J 250 -23.08 -10.95 15.82
C PRO J 250 -24.52 -11.48 15.66
N LEU J 251 -24.97 -12.27 16.65
CA LEU J 251 -26.28 -12.93 16.59
C LEU J 251 -27.42 -11.92 16.56
N GLY J 252 -28.50 -12.25 15.84
CA GLY J 252 -29.66 -11.37 15.73
C GLY J 252 -29.54 -10.42 14.53
N LYS J 253 -28.56 -9.51 14.58
CA LYS J 253 -28.24 -8.65 13.45
C LYS J 253 -27.36 -9.46 12.48
N GLU J 254 -28.02 -10.28 11.67
CA GLU J 254 -27.37 -11.13 10.65
C GLU J 254 -28.13 -11.21 9.32
N GLN J 255 -29.40 -10.78 9.32
CA GLN J 255 -30.22 -10.74 8.11
C GLN J 255 -29.84 -9.58 7.18
N ASN J 256 -28.96 -8.68 7.64
CA ASN J 256 -28.34 -7.66 6.78
C ASN J 256 -26.96 -8.09 6.23
N TYR J 257 -26.73 -9.40 6.24
CA TYR J 257 -25.57 -10.01 5.61
C TYR J 257 -26.06 -10.87 4.44
N THR J 258 -25.41 -10.71 3.29
CA THR J 258 -25.89 -11.32 2.05
C THR J 258 -24.75 -12.01 1.31
N CYS J 259 -25.06 -13.20 0.80
CA CYS J 259 -24.13 -13.99 0.03
C CYS J 259 -24.49 -13.92 -1.45
N ARG J 260 -23.47 -13.74 -2.29
CA ARG J 260 -23.65 -13.69 -3.73
C ARG J 260 -22.83 -14.78 -4.40
N VAL J 261 -23.46 -15.47 -5.35
CA VAL J 261 -22.83 -16.56 -6.09
C VAL J 261 -22.76 -16.21 -7.56
N TYR J 262 -21.56 -16.26 -8.13
CA TYR J 262 -21.37 -15.92 -9.53
C TYR J 262 -20.89 -17.15 -10.25
N HIS J 263 -21.59 -17.53 -11.32
CA HIS J 263 -21.26 -18.74 -12.10
C HIS J 263 -21.87 -18.58 -13.50
N GLU J 264 -21.14 -19.00 -14.53
CA GLU J 264 -21.68 -19.05 -15.90
C GLU J 264 -22.77 -20.12 -15.95
N GLY J 265 -23.63 -20.09 -16.97
CA GLY J 265 -24.81 -20.98 -16.97
C GLY J 265 -25.94 -20.43 -16.09
N LEU J 266 -25.58 -19.84 -14.96
CA LEU J 266 -26.52 -19.13 -14.09
C LEU J 266 -27.18 -17.96 -14.85
N PRO J 267 -28.52 -17.82 -14.73
CA PRO J 267 -29.17 -16.74 -15.47
C PRO J 267 -28.63 -15.38 -15.03
N GLU J 268 -28.32 -15.27 -13.76
CA GLU J 268 -27.66 -14.11 -13.20
C GLU J 268 -27.20 -14.51 -11.81
N PRO J 269 -26.28 -13.74 -11.22
CA PRO J 269 -25.85 -14.02 -9.86
C PRO J 269 -26.99 -14.36 -8.87
N LEU J 270 -26.78 -15.35 -8.01
CA LEU J 270 -27.72 -15.69 -6.94
C LEU J 270 -27.49 -14.82 -5.72
N THR J 271 -28.57 -14.40 -5.07
CA THR J 271 -28.46 -13.64 -3.82
C THR J 271 -29.16 -14.42 -2.74
N LEU J 272 -28.45 -14.68 -1.64
CA LEU J 272 -28.99 -15.43 -0.52
C LEU J 272 -28.67 -14.83 0.85
N ARG J 273 -29.48 -15.21 1.83
CA ARG J 273 -29.30 -14.88 3.24
C ARG J 273 -29.89 -16.05 4.03
N TRP J 274 -29.91 -15.95 5.35
CA TRP J 274 -30.39 -17.03 6.23
C TRP J 274 -31.71 -16.65 6.89
N ILE K 1 12.33 -27.49 -4.11
CA ILE K 1 11.77 -28.25 -5.30
C ILE K 1 10.43 -28.96 -5.07
N GLN K 2 10.09 -29.22 -3.82
CA GLN K 2 8.88 -29.97 -3.56
C GLN K 2 7.76 -29.06 -3.06
N LYS K 3 6.54 -29.36 -3.47
CA LYS K 3 5.37 -28.59 -3.09
C LYS K 3 4.54 -29.51 -2.23
N THR K 4 4.01 -28.98 -1.13
CA THR K 4 3.41 -29.79 -0.09
C THR K 4 1.89 -29.87 -0.28
N PRO K 5 1.32 -31.08 -0.20
CA PRO K 5 -0.11 -31.27 -0.51
C PRO K 5 -1.09 -30.51 0.35
N GLN K 6 -2.16 -30.04 -0.28
CA GLN K 6 -3.29 -29.45 0.38
C GLN K 6 -4.44 -30.44 0.32
N ILE K 7 -4.99 -30.73 1.50
CA ILE K 7 -5.99 -31.79 1.68
C ILE K 7 -7.35 -31.24 2.14
N GLN K 8 -8.42 -31.77 1.57
CA GLN K 8 -9.79 -31.46 1.99
C GLN K 8 -10.49 -32.80 2.16
N VAL K 9 -11.27 -32.95 3.24
CA VAL K 9 -12.08 -34.15 3.44
C VAL K 9 -13.54 -33.78 3.60
N TYR K 10 -14.37 -34.36 2.76
CA TYR K 10 -15.77 -33.95 2.66
C TYR K 10 -16.63 -35.00 1.98
N SER K 11 -17.92 -34.97 2.28
CA SER K 11 -18.87 -35.88 1.66
C SER K 11 -19.33 -35.25 0.37
N ARG K 12 -19.65 -36.14 -0.58
CA ARG K 12 -20.27 -35.75 -1.83
C ARG K 12 -21.66 -35.13 -1.60
N HIS K 13 -22.51 -35.80 -0.83
CA HIS K 13 -23.87 -35.31 -0.59
C HIS K 13 -23.99 -34.80 0.82
N PRO K 14 -24.96 -33.89 1.08
CA PRO K 14 -25.11 -33.38 2.43
C PRO K 14 -25.23 -34.53 3.43
N PRO K 15 -24.37 -34.51 4.48
CA PRO K 15 -24.35 -35.65 5.37
C PRO K 15 -25.64 -35.76 6.16
N GLU K 16 -26.06 -37.00 6.39
CA GLU K 16 -27.24 -37.34 7.13
C GLU K 16 -26.91 -38.68 7.75
N ASN K 17 -26.89 -38.73 9.08
CA ASN K 17 -26.56 -39.96 9.82
C ASN K 17 -27.47 -41.09 9.39
N GLY K 18 -26.85 -42.23 9.05
CA GLY K 18 -27.60 -43.43 8.65
C GLY K 18 -28.03 -43.48 7.19
N LYS K 19 -27.59 -42.50 6.39
CA LYS K 19 -27.92 -42.42 4.96
C LYS K 19 -26.62 -42.60 4.16
N PRO K 20 -26.56 -43.63 3.29
CA PRO K 20 -25.36 -43.86 2.44
C PRO K 20 -24.84 -42.61 1.72
N ASN K 21 -23.53 -42.46 1.70
CA ASN K 21 -22.90 -41.28 1.11
C ASN K 21 -21.54 -41.68 0.55
N ILE K 22 -20.80 -40.71 0.01
CA ILE K 22 -19.42 -40.92 -0.38
C ILE K 22 -18.49 -39.92 0.31
N LEU K 23 -17.44 -40.44 0.97
CA LEU K 23 -16.38 -39.57 1.53
C LEU K 23 -15.24 -39.34 0.51
N ASN K 24 -14.85 -38.07 0.38
CA ASN K 24 -13.81 -37.62 -0.53
C ASN K 24 -12.58 -37.14 0.23
N CYS K 25 -11.41 -37.50 -0.30
CA CYS K 25 -10.17 -36.87 0.12
C CYS K 25 -9.50 -36.22 -1.09
N TYR K 26 -9.54 -34.90 -1.12
CA TYR K 26 -9.05 -34.18 -2.26
C TYR K 26 -7.66 -33.69 -1.90
N VAL K 27 -6.65 -34.19 -2.59
CA VAL K 27 -5.29 -33.81 -2.31
C VAL K 27 -4.73 -33.12 -3.52
N THR K 28 -4.30 -31.87 -3.36
CA THR K 28 -3.89 -31.03 -4.48
C THR K 28 -2.58 -30.33 -4.18
N GLN K 29 -2.05 -29.63 -5.19
CA GLN K 29 -0.95 -28.69 -5.02
C GLN K 29 0.36 -29.32 -4.63
N PHE K 30 0.55 -30.58 -4.98
CA PHE K 30 1.78 -31.28 -4.57
C PHE K 30 2.78 -31.55 -5.72
N HIS K 31 4.03 -31.76 -5.32
CA HIS K 31 5.12 -32.12 -6.22
C HIS K 31 6.30 -32.60 -5.39
N PRO K 32 6.96 -33.70 -5.79
CA PRO K 32 6.76 -34.56 -6.97
C PRO K 32 5.50 -35.40 -6.87
N PRO K 33 5.10 -36.06 -7.98
CA PRO K 33 3.79 -36.73 -8.05
C PRO K 33 3.65 -38.03 -7.24
N HIS K 34 4.73 -38.55 -6.67
CA HIS K 34 4.62 -39.76 -5.84
C HIS K 34 3.99 -39.36 -4.51
N ILE K 35 2.98 -40.12 -4.10
CA ILE K 35 2.20 -39.81 -2.91
C ILE K 35 1.48 -41.06 -2.40
N GLU K 36 1.26 -41.15 -1.09
CA GLU K 36 0.49 -42.27 -0.53
C GLU K 36 -0.69 -41.70 0.23
N ILE K 37 -1.89 -42.10 -0.17
CA ILE K 37 -3.12 -41.59 0.42
C ILE K 37 -3.91 -42.74 1.10
N GLN K 38 -4.18 -42.56 2.41
CA GLN K 38 -5.01 -43.48 3.21
C GLN K 38 -6.25 -42.77 3.73
N MET K 39 -7.32 -43.55 3.86
CA MET K 39 -8.55 -43.10 4.48
C MET K 39 -8.83 -44.04 5.63
N LEU K 40 -9.12 -43.42 6.78
CA LEU K 40 -9.27 -44.10 8.03
C LEU K 40 -10.70 -43.97 8.60
N LYS K 41 -11.22 -45.06 9.18
CA LYS K 41 -12.46 -45.02 9.94
C LYS K 41 -12.10 -45.34 11.36
N ASN K 42 -12.28 -44.35 12.26
CA ASN K 42 -11.91 -44.52 13.66
C ASN K 42 -10.48 -45.00 13.82
N GLY K 43 -9.59 -44.44 13.00
CA GLY K 43 -8.15 -44.75 13.09
C GLY K 43 -7.71 -45.99 12.31
N LYS K 44 -8.65 -46.80 11.86
CA LYS K 44 -8.33 -48.01 11.09
C LYS K 44 -8.37 -47.73 9.58
N LYS K 45 -7.49 -48.38 8.81
CA LYS K 45 -7.46 -48.18 7.37
C LYS K 45 -8.71 -48.72 6.66
N ILE K 46 -9.29 -47.92 5.78
CA ILE K 46 -10.45 -48.34 5.00
C ILE K 46 -10.03 -49.22 3.80
N PRO K 47 -10.55 -50.45 3.72
CA PRO K 47 -10.00 -51.46 2.78
C PRO K 47 -10.12 -51.19 1.28
N LYS K 48 -11.28 -50.72 0.83
CA LYS K 48 -11.50 -50.55 -0.61
C LYS K 48 -11.69 -49.07 -0.90
N VAL K 49 -10.58 -48.40 -1.24
CA VAL K 49 -10.59 -46.98 -1.49
C VAL K 49 -10.26 -46.77 -2.95
N GLU K 50 -11.13 -46.01 -3.62
CA GLU K 50 -10.97 -45.67 -5.03
C GLU K 50 -10.10 -44.42 -5.17
N MET K 51 -9.17 -44.46 -6.12
CA MET K 51 -8.22 -43.37 -6.39
C MET K 51 -8.42 -42.87 -7.82
N SER K 52 -8.37 -41.55 -8.05
CA SER K 52 -8.39 -41.03 -9.44
C SER K 52 -7.03 -41.26 -10.04
N ASP K 53 -6.88 -41.17 -11.34
CA ASP K 53 -5.55 -41.29 -11.91
C ASP K 53 -4.81 -39.97 -11.92
N MET K 54 -3.48 -40.07 -11.86
CA MET K 54 -2.55 -38.96 -11.88
C MET K 54 -2.96 -37.84 -12.83
N SER K 55 -3.14 -36.64 -12.30
CA SER K 55 -3.39 -35.46 -13.14
C SER K 55 -2.66 -34.24 -12.61
N PHE K 56 -2.41 -33.25 -13.49
CA PHE K 56 -1.80 -31.99 -13.06
C PHE K 56 -2.46 -30.71 -13.57
N SER K 57 -2.42 -29.68 -12.72
CA SER K 57 -3.04 -28.40 -13.01
C SER K 57 -2.17 -27.53 -13.87
N LYS K 58 -2.73 -26.46 -14.40
CA LYS K 58 -2.01 -25.60 -15.34
C LYS K 58 -0.86 -24.85 -14.68
N ASP K 59 -0.70 -24.96 -13.35
CA ASP K 59 0.47 -24.42 -12.65
C ASP K 59 1.45 -25.51 -12.40
N TRP K 60 1.26 -26.66 -13.05
CA TRP K 60 2.15 -27.83 -12.99
C TRP K 60 2.04 -28.72 -11.76
N SER K 61 1.30 -28.28 -10.75
CA SER K 61 1.14 -29.10 -9.54
C SER K 61 0.19 -30.28 -9.76
N PHE K 62 0.37 -31.35 -9.00
CA PHE K 62 -0.42 -32.57 -9.16
C PHE K 62 -1.58 -32.58 -8.24
N TYR K 63 -2.58 -33.39 -8.57
CA TYR K 63 -3.76 -33.55 -7.72
C TYR K 63 -4.42 -34.90 -7.89
N ILE K 64 -4.97 -35.43 -6.79
CA ILE K 64 -5.66 -36.73 -6.78
C ILE K 64 -6.92 -36.63 -5.93
N LEU K 65 -7.98 -37.29 -6.39
CA LEU K 65 -9.17 -37.50 -5.57
C LEU K 65 -9.22 -38.95 -5.11
N ALA K 66 -9.22 -39.15 -3.80
CA ALA K 66 -9.55 -40.44 -3.21
C ALA K 66 -10.97 -40.36 -2.71
N HIS K 67 -11.74 -41.42 -2.91
CA HIS K 67 -13.07 -41.53 -2.33
C HIS K 67 -13.45 -42.97 -1.96
N THR K 68 -14.43 -43.08 -1.07
CA THR K 68 -14.92 -44.36 -0.59
C THR K 68 -16.36 -44.22 -0.17
N GLU K 69 -17.05 -45.36 -0.14
CA GLU K 69 -18.43 -45.44 0.31
C GLU K 69 -18.45 -45.30 1.80
N PHE K 70 -19.45 -44.62 2.36
CA PHE K 70 -19.61 -44.60 3.83
C PHE K 70 -21.02 -44.22 4.30
N THR K 71 -21.37 -44.73 5.48
CA THR K 71 -22.61 -44.35 6.12
C THR K 71 -22.31 -43.65 7.45
N PRO K 72 -22.42 -42.31 7.46
CA PRO K 72 -22.05 -41.59 8.68
C PRO K 72 -23.00 -41.88 9.83
N THR K 73 -22.42 -41.98 11.01
CA THR K 73 -23.16 -42.00 12.23
C THR K 73 -22.74 -40.74 13.00
N GLU K 74 -23.29 -40.55 14.18
CA GLU K 74 -22.97 -39.36 14.98
C GLU K 74 -21.55 -39.38 15.56
N THR K 75 -21.00 -40.58 15.67
CA THR K 75 -19.86 -40.88 16.52
C THR K 75 -18.57 -41.37 15.75
N ASP K 76 -18.75 -41.98 14.57
CA ASP K 76 -17.62 -42.44 13.74
C ASP K 76 -16.78 -41.27 13.19
N THR K 77 -15.52 -41.23 13.54
CA THR K 77 -14.64 -40.21 13.01
C THR K 77 -13.87 -40.78 11.81
N TYR K 78 -13.79 -39.97 10.76
CA TYR K 78 -13.16 -40.29 9.50
C TYR K 78 -12.05 -39.26 9.24
N ALA K 79 -10.99 -39.73 8.61
CA ALA K 79 -9.82 -38.92 8.35
C ALA K 79 -9.14 -39.39 7.10
N CYS K 80 -8.33 -38.50 6.53
CA CYS K 80 -7.50 -38.86 5.40
C CYS K 80 -6.04 -38.66 5.79
N ARG K 81 -5.22 -39.68 5.59
CA ARG K 81 -3.83 -39.62 5.99
C ARG K 81 -2.94 -39.69 4.78
N VAL K 82 -2.10 -38.67 4.62
CA VAL K 82 -1.30 -38.45 3.40
C VAL K 82 0.20 -38.45 3.67
N LYS K 83 0.95 -39.22 2.88
CA LYS K 83 2.40 -39.31 3.02
C LYS K 83 3.03 -38.73 1.77
N HIS K 84 4.03 -37.88 1.97
CA HIS K 84 4.66 -37.16 0.87
C HIS K 84 6.05 -36.70 1.26
N ASP K 85 6.97 -36.70 0.30
CA ASP K 85 8.37 -36.32 0.52
C ASP K 85 8.59 -34.86 0.92
N SER K 86 7.60 -34.00 0.70
CA SER K 86 7.63 -32.62 1.23
C SER K 86 7.41 -32.58 2.73
N MET K 87 7.04 -33.72 3.31
CA MET K 87 6.67 -33.79 4.70
C MET K 87 7.52 -34.79 5.45
N ALA K 88 8.02 -34.36 6.60
CA ALA K 88 8.81 -35.23 7.45
C ALA K 88 7.89 -36.29 8.03
N GLU K 89 6.63 -35.92 8.24
CA GLU K 89 5.63 -36.85 8.79
C GLU K 89 4.37 -36.90 7.93
N PRO K 90 3.58 -37.98 8.05
CA PRO K 90 2.32 -37.97 7.34
C PRO K 90 1.39 -36.91 7.91
N LYS K 91 0.54 -36.29 7.09
CA LYS K 91 -0.49 -35.40 7.61
C LYS K 91 -1.82 -36.13 7.64
N THR K 92 -2.50 -36.06 8.78
CA THR K 92 -3.86 -36.57 8.91
C THR K 92 -4.82 -35.40 9.00
N VAL K 93 -5.88 -35.39 8.21
CA VAL K 93 -6.94 -34.41 8.41
C VAL K 93 -8.31 -35.13 8.56
N TYR K 94 -9.09 -34.63 9.52
CA TYR K 94 -10.34 -35.26 9.95
C TYR K 94 -11.52 -34.67 9.25
N TRP K 95 -12.47 -35.52 8.90
CA TRP K 95 -13.73 -35.05 8.37
C TRP K 95 -14.55 -34.23 9.40
N ASP K 96 -14.93 -33.03 9.00
CA ASP K 96 -15.79 -32.18 9.76
C ASP K 96 -17.04 -31.99 8.88
N ARG K 97 -18.16 -32.53 9.34
CA ARG K 97 -19.42 -32.51 8.55
C ARG K 97 -19.97 -31.11 8.23
N ASP K 98 -19.73 -30.15 9.13
CA ASP K 98 -20.09 -28.74 8.89
C ASP K 98 -19.16 -28.04 7.90
N MET K 99 -18.15 -28.76 7.45
CA MET K 99 -17.28 -28.35 6.36
C MET K 99 -17.26 -29.52 5.38
N LYS L 1 -6.41 -35.27 -31.23
CA LYS L 1 -5.22 -35.98 -31.73
C LYS L 1 -3.99 -35.36 -31.12
N ALA L 2 -3.15 -36.22 -30.56
CA ALA L 2 -2.00 -35.81 -29.80
C ALA L 2 -0.95 -35.25 -30.73
N LEU L 3 0.12 -34.78 -30.11
CA LEU L 3 1.18 -34.05 -30.76
C LEU L 3 2.43 -34.93 -30.85
N TYR L 4 3.10 -34.90 -31.98
CA TYR L 4 4.50 -35.35 -32.10
C TYR L 4 5.47 -34.25 -31.74
N ASN L 5 6.30 -34.46 -30.73
CA ASN L 5 7.31 -33.49 -30.43
C ASN L 5 8.40 -33.56 -31.51
N TYR L 6 9.07 -32.42 -31.70
CA TYR L 6 10.08 -32.24 -32.71
C TYR L 6 11.44 -32.63 -32.12
N ALA L 7 12.40 -31.71 -32.06
CA ALA L 7 13.71 -31.97 -31.46
C ALA L 7 13.62 -32.16 -29.96
N PRO L 8 14.45 -33.05 -29.38
CA PRO L 8 14.45 -33.25 -27.95
C PRO L 8 15.01 -32.07 -27.22
N ILE L 9 14.93 -32.10 -25.90
CA ILE L 9 15.23 -30.91 -25.10
C ILE L 9 16.69 -30.50 -24.94
#